data_4AAJ
# 
_entry.id   4AAJ 
# 
_audit_conform.dict_name       mmcif_pdbx.dic 
_audit_conform.dict_version    5.383 
_audit_conform.dict_location   http://mmcif.pdb.org/dictionaries/ascii/mmcif_pdbx.dic 
# 
loop_
_database_2.database_id 
_database_2.database_code 
_database_2.pdbx_database_accession 
_database_2.pdbx_DOI 
PDB   4AAJ         pdb_00004aaj 10.2210/pdb4aaj/pdb 
PDBE  EBI-50562    ?            ?                   
WWPDB D_1290050562 ?            ?                   
# 
_pdbx_database_status.status_code                     REL 
_pdbx_database_status.entry_id                        4AAJ 
_pdbx_database_status.deposit_site                    PDBE 
_pdbx_database_status.process_site                    PDBE 
_pdbx_database_status.SG_entry                        . 
_pdbx_database_status.recvd_initial_deposition_date   2011-12-04 
_pdbx_database_status.pdb_format_compatible           Y 
_pdbx_database_status.status_code_sf                  REL 
_pdbx_database_status.status_code_mr                  ? 
_pdbx_database_status.status_code_cs                  ? 
_pdbx_database_status.methods_development_category    ? 
_pdbx_database_status.status_code_nmr_data            ? 
# 
loop_
_audit_author.name 
_audit_author.pdbx_ordinal 
'Repo, H.'           1 
'Oeemig, J.S.'       2 
'Djupsjobacka, J.B.' 3 
'Iwai, H.'           4 
'Heikinheimo, P.'    5 
# 
_citation.id                        primary 
_citation.title                     
'A Monomeric Tim-Barrel Structure from Pyrococcus Furiosus is Optimized for Extreme Temperatures' 
_citation.journal_abbrev            'Acta Crystallogr.,Sect.D' 
_citation.journal_volume            68 
_citation.page_first                1479 
_citation.page_last                 ? 
_citation.year                      2012 
_citation.journal_id_ASTM           ABCRE6 
_citation.country                   DK 
_citation.journal_id_ISSN           0907-4449 
_citation.journal_id_CSD            0766 
_citation.book_publisher            ? 
_citation.pdbx_database_id_PubMed   23090397 
_citation.pdbx_database_id_DOI      10.1107/S0907444912037171 
# 
loop_
_citation_author.citation_id 
_citation_author.name 
_citation_author.ordinal 
_citation_author.identifier_ORCID 
primary 'Repo, H.'           1 ? 
primary 'Oeemig, J.S.'       2 ? 
primary 'Djupsjobacka, J.B.' 3 ? 
primary 'Iwai, H.'           4 ? 
primary 'Heikinheimo, P.'    5 ? 
# 
_cell.entry_id           4AAJ 
_cell.length_a           105.510 
_cell.length_b           105.510 
_cell.length_c           34.460 
_cell.angle_alpha        90.00 
_cell.angle_beta         90.00 
_cell.angle_gamma        120.00 
_cell.Z_PDB              6 
_cell.pdbx_unique_axis   ? 
# 
_symmetry.entry_id                         4AAJ 
_symmetry.space_group_name_H-M             'P 61' 
_symmetry.pdbx_full_space_group_name_H-M   ? 
_symmetry.cell_setting                     ? 
_symmetry.Int_Tables_number                169 
# 
loop_
_entity.id 
_entity.type 
_entity.src_method 
_entity.pdbx_description 
_entity.formula_weight 
_entity.pdbx_number_of_molecules 
_entity.pdbx_ec 
_entity.pdbx_mutation 
_entity.pdbx_fragment 
_entity.details 
1 polymer     man 
;N-(5'-PHOSPHORIBOSYL)ANTHRANILATE ISOMERASE
;
25196.057 1  5.3.1.24 ? ? ? 
2 non-polymer syn 'SULFATE ION'                                 96.063    3  ?        ? ? ? 
3 water       nat water                                         18.015    41 ?        ? ? ? 
# 
_entity_name_com.entity_id   1 
_entity_name_com.name        'PHOSPHORIBOSYLANTHRANILATE ISOMERASE, PRAI' 
# 
_entity_poly.entity_id                      1 
_entity_poly.type                           'polypeptide(L)' 
_entity_poly.nstd_linkage                   no 
_entity_poly.nstd_monomer                   no 
_entity_poly.pdbx_seq_one_letter_code       
;MGSSHHHHHHSSGLVPRGSHMFVKICGIKSLEELEIVEKHADATGVVVNSNSKRRIPLEKAREIIENSAIPVFLVSTMVG
FSEWAMAIERTGAQYIQVHSNALPQTIDTLKKEFGVFVMKAFRVPTISKNPEEDANRLLSEISRYNADMVLLDTGAGSGK
LHDLRVSSLVARKIPVIVAGGLNAENVEEVIKVVKPYGVDVSSGVEKYGIKDPKLVEEFVRRAKNVVW
;
_entity_poly.pdbx_seq_one_letter_code_can   
;MGSSHHHHHHSSGLVPRGSHMFVKICGIKSLEELEIVEKHADATGVVVNSNSKRRIPLEKAREIIENSAIPVFLVSTMVG
FSEWAMAIERTGAQYIQVHSNALPQTIDTLKKEFGVFVMKAFRVPTISKNPEEDANRLLSEISRYNADMVLLDTGAGSGK
LHDLRVSSLVARKIPVIVAGGLNAENVEEVIKVVKPYGVDVSSGVEKYGIKDPKLVEEFVRRAKNVVW
;
_entity_poly.pdbx_strand_id                 A 
_entity_poly.pdbx_target_identifier         ? 
# 
loop_
_entity_poly_seq.entity_id 
_entity_poly_seq.num 
_entity_poly_seq.mon_id 
_entity_poly_seq.hetero 
1 1   MET n 
1 2   GLY n 
1 3   SER n 
1 4   SER n 
1 5   HIS n 
1 6   HIS n 
1 7   HIS n 
1 8   HIS n 
1 9   HIS n 
1 10  HIS n 
1 11  SER n 
1 12  SER n 
1 13  GLY n 
1 14  LEU n 
1 15  VAL n 
1 16  PRO n 
1 17  ARG n 
1 18  GLY n 
1 19  SER n 
1 20  HIS n 
1 21  MET n 
1 22  PHE n 
1 23  VAL n 
1 24  LYS n 
1 25  ILE n 
1 26  CYS n 
1 27  GLY n 
1 28  ILE n 
1 29  LYS n 
1 30  SER n 
1 31  LEU n 
1 32  GLU n 
1 33  GLU n 
1 34  LEU n 
1 35  GLU n 
1 36  ILE n 
1 37  VAL n 
1 38  GLU n 
1 39  LYS n 
1 40  HIS n 
1 41  ALA n 
1 42  ASP n 
1 43  ALA n 
1 44  THR n 
1 45  GLY n 
1 46  VAL n 
1 47  VAL n 
1 48  VAL n 
1 49  ASN n 
1 50  SER n 
1 51  ASN n 
1 52  SER n 
1 53  LYS n 
1 54  ARG n 
1 55  ARG n 
1 56  ILE n 
1 57  PRO n 
1 58  LEU n 
1 59  GLU n 
1 60  LYS n 
1 61  ALA n 
1 62  ARG n 
1 63  GLU n 
1 64  ILE n 
1 65  ILE n 
1 66  GLU n 
1 67  ASN n 
1 68  SER n 
1 69  ALA n 
1 70  ILE n 
1 71  PRO n 
1 72  VAL n 
1 73  PHE n 
1 74  LEU n 
1 75  VAL n 
1 76  SER n 
1 77  THR n 
1 78  MET n 
1 79  VAL n 
1 80  GLY n 
1 81  PHE n 
1 82  SER n 
1 83  GLU n 
1 84  TRP n 
1 85  ALA n 
1 86  MET n 
1 87  ALA n 
1 88  ILE n 
1 89  GLU n 
1 90  ARG n 
1 91  THR n 
1 92  GLY n 
1 93  ALA n 
1 94  GLN n 
1 95  TYR n 
1 96  ILE n 
1 97  GLN n 
1 98  VAL n 
1 99  HIS n 
1 100 SER n 
1 101 ASN n 
1 102 ALA n 
1 103 LEU n 
1 104 PRO n 
1 105 GLN n 
1 106 THR n 
1 107 ILE n 
1 108 ASP n 
1 109 THR n 
1 110 LEU n 
1 111 LYS n 
1 112 LYS n 
1 113 GLU n 
1 114 PHE n 
1 115 GLY n 
1 116 VAL n 
1 117 PHE n 
1 118 VAL n 
1 119 MET n 
1 120 LYS n 
1 121 ALA n 
1 122 PHE n 
1 123 ARG n 
1 124 VAL n 
1 125 PRO n 
1 126 THR n 
1 127 ILE n 
1 128 SER n 
1 129 LYS n 
1 130 ASN n 
1 131 PRO n 
1 132 GLU n 
1 133 GLU n 
1 134 ASP n 
1 135 ALA n 
1 136 ASN n 
1 137 ARG n 
1 138 LEU n 
1 139 LEU n 
1 140 SER n 
1 141 GLU n 
1 142 ILE n 
1 143 SER n 
1 144 ARG n 
1 145 TYR n 
1 146 ASN n 
1 147 ALA n 
1 148 ASP n 
1 149 MET n 
1 150 VAL n 
1 151 LEU n 
1 152 LEU n 
1 153 ASP n 
1 154 THR n 
1 155 GLY n 
1 156 ALA n 
1 157 GLY n 
1 158 SER n 
1 159 GLY n 
1 160 LYS n 
1 161 LEU n 
1 162 HIS n 
1 163 ASP n 
1 164 LEU n 
1 165 ARG n 
1 166 VAL n 
1 167 SER n 
1 168 SER n 
1 169 LEU n 
1 170 VAL n 
1 171 ALA n 
1 172 ARG n 
1 173 LYS n 
1 174 ILE n 
1 175 PRO n 
1 176 VAL n 
1 177 ILE n 
1 178 VAL n 
1 179 ALA n 
1 180 GLY n 
1 181 GLY n 
1 182 LEU n 
1 183 ASN n 
1 184 ALA n 
1 185 GLU n 
1 186 ASN n 
1 187 VAL n 
1 188 GLU n 
1 189 GLU n 
1 190 VAL n 
1 191 ILE n 
1 192 LYS n 
1 193 VAL n 
1 194 VAL n 
1 195 LYS n 
1 196 PRO n 
1 197 TYR n 
1 198 GLY n 
1 199 VAL n 
1 200 ASP n 
1 201 VAL n 
1 202 SER n 
1 203 SER n 
1 204 GLY n 
1 205 VAL n 
1 206 GLU n 
1 207 LYS n 
1 208 TYR n 
1 209 GLY n 
1 210 ILE n 
1 211 LYS n 
1 212 ASP n 
1 213 PRO n 
1 214 LYS n 
1 215 LEU n 
1 216 VAL n 
1 217 GLU n 
1 218 GLU n 
1 219 PHE n 
1 220 VAL n 
1 221 ARG n 
1 222 ARG n 
1 223 ALA n 
1 224 LYS n 
1 225 ASN n 
1 226 VAL n 
1 227 VAL n 
1 228 TRP n 
# 
_entity_src_gen.entity_id                          1 
_entity_src_gen.pdbx_src_id                        1 
_entity_src_gen.pdbx_alt_source_flag               sample 
_entity_src_gen.pdbx_seq_type                      ? 
_entity_src_gen.pdbx_beg_seq_num                   ? 
_entity_src_gen.pdbx_end_seq_num                   ? 
_entity_src_gen.gene_src_common_name               ? 
_entity_src_gen.gene_src_genus                     ? 
_entity_src_gen.pdbx_gene_src_gene                 ? 
_entity_src_gen.gene_src_species                   ? 
_entity_src_gen.gene_src_strain                    ? 
_entity_src_gen.gene_src_tissue                    ? 
_entity_src_gen.gene_src_tissue_fraction           ? 
_entity_src_gen.gene_src_details                   ? 
_entity_src_gen.pdbx_gene_src_fragment             ? 
_entity_src_gen.pdbx_gene_src_scientific_name      'PYROCOCCUS FURIOSUS' 
_entity_src_gen.pdbx_gene_src_ncbi_taxonomy_id     2261 
_entity_src_gen.pdbx_gene_src_variant              ? 
_entity_src_gen.pdbx_gene_src_cell_line            ? 
_entity_src_gen.pdbx_gene_src_atcc                 ? 
_entity_src_gen.pdbx_gene_src_organ                ? 
_entity_src_gen.pdbx_gene_src_organelle            ? 
_entity_src_gen.pdbx_gene_src_cell                 ? 
_entity_src_gen.pdbx_gene_src_cellular_location    ? 
_entity_src_gen.host_org_common_name               ? 
_entity_src_gen.pdbx_host_org_scientific_name      'ESCHERICHIA COLI' 
_entity_src_gen.pdbx_host_org_ncbi_taxonomy_id     562 
_entity_src_gen.host_org_genus                     ? 
_entity_src_gen.pdbx_host_org_gene                 ? 
_entity_src_gen.pdbx_host_org_organ                ? 
_entity_src_gen.host_org_species                   ? 
_entity_src_gen.pdbx_host_org_tissue               ? 
_entity_src_gen.pdbx_host_org_tissue_fraction      ? 
_entity_src_gen.pdbx_host_org_strain               ER2566 
_entity_src_gen.pdbx_host_org_variant              ? 
_entity_src_gen.pdbx_host_org_cell_line            ? 
_entity_src_gen.pdbx_host_org_atcc                 ? 
_entity_src_gen.pdbx_host_org_culture_collection   ? 
_entity_src_gen.pdbx_host_org_cell                 ? 
_entity_src_gen.pdbx_host_org_organelle            ? 
_entity_src_gen.pdbx_host_org_cellular_location    ? 
_entity_src_gen.pdbx_host_org_vector_type          PLASMID 
_entity_src_gen.pdbx_host_org_vector               'PRSF1 PLUSB (INVITROGEN)' 
_entity_src_gen.host_org_details                   ? 
_entity_src_gen.expression_system_id               ? 
_entity_src_gen.plasmid_name                       PJDJRSF02 
_entity_src_gen.plasmid_details                    ? 
_entity_src_gen.pdbx_description                   ? 
# 
_struct_ref.id                         1 
_struct_ref.db_name                    UNP 
_struct_ref.db_code                    TRPF_PYRFU 
_struct_ref.entity_id                  1 
_struct_ref.pdbx_seq_one_letter_code   ? 
_struct_ref.pdbx_align_begin           ? 
_struct_ref.pdbx_db_accession          Q8U092 
_struct_ref.pdbx_db_isoform            ? 
# 
_struct_ref_seq.align_id                      1 
_struct_ref_seq.ref_id                        1 
_struct_ref_seq.pdbx_PDB_id_code              4AAJ 
_struct_ref_seq.pdbx_strand_id                A 
_struct_ref_seq.seq_align_beg                 21 
_struct_ref_seq.pdbx_seq_align_beg_ins_code   ? 
_struct_ref_seq.seq_align_end                 228 
_struct_ref_seq.pdbx_seq_align_end_ins_code   ? 
_struct_ref_seq.pdbx_db_accession             Q8U092 
_struct_ref_seq.db_align_beg                  1 
_struct_ref_seq.pdbx_db_align_beg_ins_code    ? 
_struct_ref_seq.db_align_end                  208 
_struct_ref_seq.pdbx_db_align_end_ins_code    ? 
_struct_ref_seq.pdbx_auth_seq_align_beg       1 
_struct_ref_seq.pdbx_auth_seq_align_end       208 
# 
loop_
_struct_ref_seq_dif.align_id 
_struct_ref_seq_dif.pdbx_pdb_id_code 
_struct_ref_seq_dif.mon_id 
_struct_ref_seq_dif.pdbx_pdb_strand_id 
_struct_ref_seq_dif.seq_num 
_struct_ref_seq_dif.pdbx_pdb_ins_code 
_struct_ref_seq_dif.pdbx_seq_db_name 
_struct_ref_seq_dif.pdbx_seq_db_accession_code 
_struct_ref_seq_dif.db_mon_id 
_struct_ref_seq_dif.pdbx_seq_db_seq_num 
_struct_ref_seq_dif.details 
_struct_ref_seq_dif.pdbx_auth_seq_num 
_struct_ref_seq_dif.pdbx_ordinal 
1 4AAJ MET A 1  ? UNP Q8U092 ? ? 'expression tag' -19 1  
1 4AAJ GLY A 2  ? UNP Q8U092 ? ? 'expression tag' -18 2  
1 4AAJ SER A 3  ? UNP Q8U092 ? ? 'expression tag' -17 3  
1 4AAJ SER A 4  ? UNP Q8U092 ? ? 'expression tag' -16 4  
1 4AAJ HIS A 5  ? UNP Q8U092 ? ? 'expression tag' -15 5  
1 4AAJ HIS A 6  ? UNP Q8U092 ? ? 'expression tag' -14 6  
1 4AAJ HIS A 7  ? UNP Q8U092 ? ? 'expression tag' -13 7  
1 4AAJ HIS A 8  ? UNP Q8U092 ? ? 'expression tag' -12 8  
1 4AAJ HIS A 9  ? UNP Q8U092 ? ? 'expression tag' -11 9  
1 4AAJ HIS A 10 ? UNP Q8U092 ? ? 'expression tag' -10 10 
1 4AAJ SER A 11 ? UNP Q8U092 ? ? 'expression tag' -9  11 
1 4AAJ SER A 12 ? UNP Q8U092 ? ? 'expression tag' -8  12 
1 4AAJ GLY A 13 ? UNP Q8U092 ? ? 'expression tag' -7  13 
1 4AAJ LEU A 14 ? UNP Q8U092 ? ? 'expression tag' -6  14 
1 4AAJ VAL A 15 ? UNP Q8U092 ? ? 'expression tag' -5  15 
1 4AAJ PRO A 16 ? UNP Q8U092 ? ? 'expression tag' -4  16 
1 4AAJ ARG A 17 ? UNP Q8U092 ? ? 'expression tag' -3  17 
1 4AAJ GLY A 18 ? UNP Q8U092 ? ? 'expression tag' -2  18 
1 4AAJ SER A 19 ? UNP Q8U092 ? ? 'expression tag' -1  19 
1 4AAJ HIS A 20 ? UNP Q8U092 ? ? 'expression tag' 0   20 
# 
loop_
_chem_comp.id 
_chem_comp.type 
_chem_comp.mon_nstd_flag 
_chem_comp.name 
_chem_comp.pdbx_synonyms 
_chem_comp.formula 
_chem_comp.formula_weight 
ALA 'L-peptide linking' y ALANINE         ? 'C3 H7 N O2'     89.093  
ARG 'L-peptide linking' y ARGININE        ? 'C6 H15 N4 O2 1' 175.209 
ASN 'L-peptide linking' y ASPARAGINE      ? 'C4 H8 N2 O3'    132.118 
ASP 'L-peptide linking' y 'ASPARTIC ACID' ? 'C4 H7 N O4'     133.103 
CYS 'L-peptide linking' y CYSTEINE        ? 'C3 H7 N O2 S'   121.158 
GLN 'L-peptide linking' y GLUTAMINE       ? 'C5 H10 N2 O3'   146.144 
GLU 'L-peptide linking' y 'GLUTAMIC ACID' ? 'C5 H9 N O4'     147.129 
GLY 'peptide linking'   y GLYCINE         ? 'C2 H5 N O2'     75.067  
HIS 'L-peptide linking' y HISTIDINE       ? 'C6 H10 N3 O2 1' 156.162 
HOH non-polymer         . WATER           ? 'H2 O'           18.015  
ILE 'L-peptide linking' y ISOLEUCINE      ? 'C6 H13 N O2'    131.173 
LEU 'L-peptide linking' y LEUCINE         ? 'C6 H13 N O2'    131.173 
LYS 'L-peptide linking' y LYSINE          ? 'C6 H15 N2 O2 1' 147.195 
MET 'L-peptide linking' y METHIONINE      ? 'C5 H11 N O2 S'  149.211 
PHE 'L-peptide linking' y PHENYLALANINE   ? 'C9 H11 N O2'    165.189 
PRO 'L-peptide linking' y PROLINE         ? 'C5 H9 N O2'     115.130 
SER 'L-peptide linking' y SERINE          ? 'C3 H7 N O3'     105.093 
SO4 non-polymer         . 'SULFATE ION'   ? 'O4 S -2'        96.063  
THR 'L-peptide linking' y THREONINE       ? 'C4 H9 N O3'     119.119 
TRP 'L-peptide linking' y TRYPTOPHAN      ? 'C11 H12 N2 O2'  204.225 
TYR 'L-peptide linking' y TYROSINE        ? 'C9 H11 N O3'    181.189 
VAL 'L-peptide linking' y VALINE          ? 'C5 H11 N O2'    117.146 
# 
_exptl.entry_id          4AAJ 
_exptl.method            'X-RAY DIFFRACTION' 
_exptl.crystals_number   1 
# 
_exptl_crystal.id                    1 
_exptl_crystal.density_meas          ? 
_exptl_crystal.density_Matthews      2.38 
_exptl_crystal.density_percent_sol   48.3 
_exptl_crystal.description           NONE 
# 
_exptl_crystal_grow.crystal_id      1 
_exptl_crystal_grow.method          'VAPOR DIFFUSION, SITTING DROP' 
_exptl_crystal_grow.temp            ? 
_exptl_crystal_grow.temp_details    ? 
_exptl_crystal_grow.pH              4.5 
_exptl_crystal_grow.pdbx_pH_range   ? 
_exptl_crystal_grow.pdbx_details    
;VAPOR DIFFUSION SITTING DROP, PROTEIN 10MG/ML IN 20 MM MES PH 6.0 MIXED 1:1 WITH 1.8 M AMMONIUM SULPHATE IN 0.1 M SODIUM ACETATE BUFFER, PH 4.5.
;
# 
_diffrn.id                     1 
_diffrn.ambient_temp           100 
_diffrn.ambient_temp_details   ? 
_diffrn.crystal_id             1 
# 
_diffrn_detector.diffrn_id              1 
_diffrn_detector.detector               CCD 
_diffrn_detector.type                   'ADSC QUANTUM 315r' 
_diffrn_detector.pdbx_collection_date   2009-09-25 
_diffrn_detector.details                ? 
# 
_diffrn_radiation.diffrn_id                        1 
_diffrn_radiation.wavelength_id                    1 
_diffrn_radiation.pdbx_monochromatic_or_laue_m_l   M 
_diffrn_radiation.monochromator                    '2 X CHANNEL-CUT DOUBLE- CRYSTAL SILICON' 
_diffrn_radiation.pdbx_diffrn_protocol             'SINGLE WAVELENGTH' 
_diffrn_radiation.pdbx_scattering_type             x-ray 
# 
_diffrn_radiation_wavelength.id           1 
_diffrn_radiation_wavelength.wavelength   0.93950 
_diffrn_radiation_wavelength.wt           1.0 
# 
_diffrn_source.diffrn_id                   1 
_diffrn_source.source                      SYNCHROTRON 
_diffrn_source.type                        'ESRF BEAMLINE ID14-4' 
_diffrn_source.pdbx_synchrotron_site       ESRF 
_diffrn_source.pdbx_synchrotron_beamline   ID14-4 
_diffrn_source.pdbx_wavelength             0.93950 
_diffrn_source.pdbx_wavelength_list        ? 
# 
_reflns.pdbx_diffrn_id               1 
_reflns.pdbx_ordinal                 1 
_reflns.entry_id                     4AAJ 
_reflns.observed_criterion_sigma_I   . 
_reflns.observed_criterion_sigma_F   ? 
_reflns.d_resolution_low             20.00 
_reflns.d_resolution_high            1.75 
_reflns.number_obs                   22537 
_reflns.number_all                   ? 
_reflns.percent_possible_obs         99.9 
_reflns.pdbx_Rmerge_I_obs            0.04 
_reflns.pdbx_Rsym_value              ? 
_reflns.pdbx_netI_over_sigmaI        22.68 
_reflns.B_iso_Wilson_estimate        ? 
_reflns.pdbx_redundancy              6.5 
# 
_reflns_shell.pdbx_diffrn_id         1 
_reflns_shell.pdbx_ordinal           1 
_reflns_shell.d_res_high             1.75 
_reflns_shell.d_res_low              1.79 
_reflns_shell.percent_possible_all   98.8 
_reflns_shell.Rmerge_I_obs           0.59 
_reflns_shell.pdbx_Rsym_value        ? 
_reflns_shell.meanI_over_sigI_obs    2.85 
_reflns_shell.pdbx_redundancy        5.3 
# 
_refine.pdbx_refine_id                           'X-RAY DIFFRACTION' 
_refine.entry_id                                 4AAJ 
_refine.pdbx_diffrn_id                           1 
_refine.pdbx_TLS_residual_ADP_flag               ? 
_refine.ls_number_reflns_obs                     21410 
_refine.ls_number_reflns_all                     ? 
_refine.pdbx_ls_sigma_I                          ? 
_refine.pdbx_ls_sigma_F                          ? 
_refine.pdbx_data_cutoff_high_absF               ? 
_refine.pdbx_data_cutoff_low_absF                ? 
_refine.pdbx_data_cutoff_high_rms_absF           ? 
_refine.ls_d_res_low                             20.00 
_refine.ls_d_res_high                            1.75 
_refine.ls_percent_reflns_obs                    99.89 
_refine.ls_R_factor_obs                          0.22077 
_refine.ls_R_factor_all                          ? 
_refine.ls_R_factor_R_work                       0.21888 
_refine.ls_R_factor_R_free                       0.25761 
_refine.ls_R_factor_R_free_error                 ? 
_refine.ls_R_factor_R_free_error_details         ? 
_refine.ls_percent_reflns_R_free                 5.0 
_refine.ls_number_reflns_R_free                  1127 
_refine.ls_number_parameters                     ? 
_refine.ls_number_restraints                     ? 
_refine.occupancy_min                            ? 
_refine.occupancy_max                            ? 
_refine.correlation_coeff_Fo_to_Fc               0.961 
_refine.correlation_coeff_Fo_to_Fc_free          0.944 
_refine.B_iso_mean                               42.496 
_refine.aniso_B[1][1]                            0.22 
_refine.aniso_B[2][2]                            0.22 
_refine.aniso_B[3][3]                            -0.33 
_refine.aniso_B[1][2]                            0.11 
_refine.aniso_B[1][3]                            0.00 
_refine.aniso_B[2][3]                            0.00 
_refine.solvent_model_details                    MASK 
_refine.solvent_model_param_ksol                 ? 
_refine.solvent_model_param_bsol                 ? 
_refine.pdbx_solvent_vdw_probe_radii             1.20 
_refine.pdbx_solvent_ion_probe_radii             0.80 
_refine.pdbx_solvent_shrinkage_radii             0.80 
_refine.pdbx_ls_cross_valid_method               THROUGHOUT 
_refine.details                                  'HYDROGENS HAVE BEEN USED IF PRESENT IN THE INPUT' 
_refine.pdbx_starting_model                      'PDB ENTRY 1LBM' 
_refine.pdbx_method_to_determine_struct          'MOLECULAR REPLACEMENT' 
_refine.pdbx_isotropic_thermal_model             ? 
_refine.pdbx_stereochemistry_target_values       'MAXIMUM LIKELIHOOD' 
_refine.pdbx_stereochem_target_val_spec_case     ? 
_refine.pdbx_R_Free_selection_details            RANDOM 
_refine.pdbx_overall_ESU_R                       0.128 
_refine.pdbx_overall_ESU_R_Free                  0.126 
_refine.overall_SU_ML                            0.094 
_refine.pdbx_overall_phase_error                 ? 
_refine.overall_SU_B                             2.916 
_refine.overall_SU_R_Cruickshank_DPI             ? 
_refine.pdbx_overall_SU_R_free_Cruickshank_DPI   ? 
_refine.pdbx_overall_SU_R_Blow_DPI               ? 
_refine.pdbx_overall_SU_R_free_Blow_DPI          ? 
# 
_refine_hist.pdbx_refine_id                   'X-RAY DIFFRACTION' 
_refine_hist.cycle_id                         LAST 
_refine_hist.pdbx_number_atoms_protein        1554 
_refine_hist.pdbx_number_atoms_nucleic_acid   0 
_refine_hist.pdbx_number_atoms_ligand         15 
_refine_hist.number_atoms_solvent             41 
_refine_hist.number_atoms_total               1610 
_refine_hist.d_res_high                       1.75 
_refine_hist.d_res_low                        20.00 
# 
loop_
_refine_ls_restr.type 
_refine_ls_restr.dev_ideal 
_refine_ls_restr.dev_ideal_target 
_refine_ls_restr.weight 
_refine_ls_restr.number 
_refine_ls_restr.pdbx_refine_id 
_refine_ls_restr.pdbx_restraint_function 
r_bond_refined_d             0.007  0.019  ? 1597 'X-RAY DIFFRACTION' ? 
r_bond_other_d               ?      ?      ? ?    'X-RAY DIFFRACTION' ? 
r_angle_refined_deg          1.103  1.978  ? 2160 'X-RAY DIFFRACTION' ? 
r_angle_other_deg            ?      ?      ? ?    'X-RAY DIFFRACTION' ? 
r_dihedral_angle_1_deg       5.032  5.000  ? 200  'X-RAY DIFFRACTION' ? 
r_dihedral_angle_2_deg       33.589 24.328 ? 67   'X-RAY DIFFRACTION' ? 
r_dihedral_angle_3_deg       13.298 15.000 ? 295  'X-RAY DIFFRACTION' ? 
r_dihedral_angle_4_deg       22.460 15.000 ? 11   'X-RAY DIFFRACTION' ? 
r_chiral_restr               0.073  0.200  ? 256  'X-RAY DIFFRACTION' ? 
r_gen_planes_refined         0.004  0.021  ? 1158 'X-RAY DIFFRACTION' ? 
r_gen_planes_other           ?      ?      ? ?    'X-RAY DIFFRACTION' ? 
r_nbd_refined                ?      ?      ? ?    'X-RAY DIFFRACTION' ? 
r_nbd_other                  ?      ?      ? ?    'X-RAY DIFFRACTION' ? 
r_nbtor_refined              ?      ?      ? ?    'X-RAY DIFFRACTION' ? 
r_nbtor_other                ?      ?      ? ?    'X-RAY DIFFRACTION' ? 
r_xyhbond_nbd_refined        ?      ?      ? ?    'X-RAY DIFFRACTION' ? 
r_xyhbond_nbd_other          ?      ?      ? ?    'X-RAY DIFFRACTION' ? 
r_metal_ion_refined          ?      ?      ? ?    'X-RAY DIFFRACTION' ? 
r_metal_ion_other            ?      ?      ? ?    'X-RAY DIFFRACTION' ? 
r_symmetry_vdw_refined       ?      ?      ? ?    'X-RAY DIFFRACTION' ? 
r_symmetry_vdw_other         ?      ?      ? ?    'X-RAY DIFFRACTION' ? 
r_symmetry_hbond_refined     ?      ?      ? ?    'X-RAY DIFFRACTION' ? 
r_symmetry_hbond_other       ?      ?      ? ?    'X-RAY DIFFRACTION' ? 
r_symmetry_metal_ion_refined ?      ?      ? ?    'X-RAY DIFFRACTION' ? 
r_symmetry_metal_ion_other   ?      ?      ? ?    'X-RAY DIFFRACTION' ? 
r_mcbond_it                  ?      ?      ? ?    'X-RAY DIFFRACTION' ? 
r_mcbond_other               ?      ?      ? ?    'X-RAY DIFFRACTION' ? 
r_mcangle_it                 ?      ?      ? ?    'X-RAY DIFFRACTION' ? 
r_mcangle_other              ?      ?      ? ?    'X-RAY DIFFRACTION' ? 
r_scbond_it                  ?      ?      ? ?    'X-RAY DIFFRACTION' ? 
r_scbond_other               ?      ?      ? ?    'X-RAY DIFFRACTION' ? 
r_scangle_it                 ?      ?      ? ?    'X-RAY DIFFRACTION' ? 
r_scangle_other              ?      ?      ? ?    'X-RAY DIFFRACTION' ? 
r_long_range_B_refined       ?      ?      ? ?    'X-RAY DIFFRACTION' ? 
r_long_range_B_other         ?      ?      ? ?    'X-RAY DIFFRACTION' ? 
r_rigid_bond_restr           ?      ?      ? ?    'X-RAY DIFFRACTION' ? 
r_sphericity_free            ?      ?      ? ?    'X-RAY DIFFRACTION' ? 
r_sphericity_bonded          ?      ?      ? ?    'X-RAY DIFFRACTION' ? 
# 
_refine_ls_shell.pdbx_refine_id                   'X-RAY DIFFRACTION' 
_refine_ls_shell.pdbx_total_number_of_bins_used   20 
_refine_ls_shell.d_res_high                       1.748 
_refine_ls_shell.d_res_low                        1.793 
_refine_ls_shell.number_reflns_R_work             1484 
_refine_ls_shell.R_factor_R_work                  0.296 
_refine_ls_shell.percent_reflns_obs               98.67 
_refine_ls_shell.R_factor_R_free                  0.294 
_refine_ls_shell.R_factor_R_free_error            ? 
_refine_ls_shell.percent_reflns_R_free            ? 
_refine_ls_shell.number_reflns_R_free             79 
_refine_ls_shell.number_reflns_all                ? 
_refine_ls_shell.R_factor_all                     ? 
# 
_struct.entry_id                  4AAJ 
_struct.title                     
;Structure of N-(5'-phosphoribosyl)anthranilate isomerase from Pyrococcus furiosus
;
_struct.pdbx_model_details        ? 
_struct.pdbx_CASP_flag            ? 
_struct.pdbx_model_type_details   ? 
# 
_struct_keywords.entry_id        4AAJ 
_struct_keywords.pdbx_keywords   ISOMERASE 
_struct_keywords.text            'ISOMERASE, ALPHA/BETA-BARREL, HYPERTHERMOPHILIC, PHOSPHORIBOSYL ISOMERASE' 
# 
loop_
_struct_asym.id 
_struct_asym.pdbx_blank_PDB_chainid_flag 
_struct_asym.pdbx_modified 
_struct_asym.entity_id 
_struct_asym.details 
A N N 1 ? 
B N N 2 ? 
C N N 2 ? 
D N N 2 ? 
E N N 3 ? 
# 
_struct_biol.id   1 
# 
loop_
_struct_conf.conf_type_id 
_struct_conf.id 
_struct_conf.pdbx_PDB_helix_id 
_struct_conf.beg_label_comp_id 
_struct_conf.beg_label_asym_id 
_struct_conf.beg_label_seq_id 
_struct_conf.pdbx_beg_PDB_ins_code 
_struct_conf.end_label_comp_id 
_struct_conf.end_label_asym_id 
_struct_conf.end_label_seq_id 
_struct_conf.pdbx_end_PDB_ins_code 
_struct_conf.beg_auth_comp_id 
_struct_conf.beg_auth_asym_id 
_struct_conf.beg_auth_seq_id 
_struct_conf.end_auth_comp_id 
_struct_conf.end_auth_asym_id 
_struct_conf.end_auth_seq_id 
_struct_conf.pdbx_PDB_helix_class 
_struct_conf.details 
_struct_conf.pdbx_PDB_helix_length 
HELX_P HELX_P1 1 SER A 30  ? LYS A 39  ? SER A 10  LYS A 19  1 ? 10 
HELX_P HELX_P2 2 PRO A 57  ? SER A 68  ? PRO A 37  SER A 48  1 ? 12 
HELX_P HELX_P3 3 GLY A 80  ? GLY A 92  ? GLY A 60  GLY A 72  1 ? 13 
HELX_P HELX_P4 4 LEU A 103 ? GLY A 115 ? LEU A 83  GLY A 95  1 ? 13 
HELX_P HELX_P5 5 ASN A 130 ? TYR A 145 ? ASN A 110 TYR A 125 1 ? 16 
HELX_P HELX_P6 6 LEU A 164 ? ILE A 174 ? LEU A 144 ILE A 154 1 ? 11 
HELX_P HELX_P7 7 ASN A 186 ? LYS A 195 ? ASN A 166 LYS A 175 1 ? 10 
HELX_P HELX_P8 8 SER A 202 ? GLY A 204 ? SER A 182 GLY A 184 5 ? 3  
HELX_P HELX_P9 9 ASP A 212 ? VAL A 226 ? ASP A 192 VAL A 206 1 ? 15 
# 
_struct_conf_type.id          HELX_P 
_struct_conf_type.criteria    ? 
_struct_conf_type.reference   ? 
# 
loop_
_struct_sheet.id 
_struct_sheet.type 
_struct_sheet.number_strands 
_struct_sheet.details 
AA ? 9 ? 
AB ? 2 ? 
# 
loop_
_struct_sheet_order.sheet_id 
_struct_sheet_order.range_id_1 
_struct_sheet_order.range_id_2 
_struct_sheet_order.offset 
_struct_sheet_order.sense 
AA 1 2 ? parallel      
AA 2 3 ? parallel      
AA 3 4 ? parallel      
AA 4 5 ? parallel      
AA 5 6 ? parallel      
AA 6 7 ? parallel      
AA 7 8 ? parallel      
AA 8 9 ? parallel      
AB 1 2 ? anti-parallel 
# 
loop_
_struct_sheet_range.sheet_id 
_struct_sheet_range.id 
_struct_sheet_range.beg_label_comp_id 
_struct_sheet_range.beg_label_asym_id 
_struct_sheet_range.beg_label_seq_id 
_struct_sheet_range.pdbx_beg_PDB_ins_code 
_struct_sheet_range.end_label_comp_id 
_struct_sheet_range.end_label_asym_id 
_struct_sheet_range.end_label_seq_id 
_struct_sheet_range.pdbx_end_PDB_ins_code 
_struct_sheet_range.beg_auth_comp_id 
_struct_sheet_range.beg_auth_asym_id 
_struct_sheet_range.beg_auth_seq_id 
_struct_sheet_range.end_auth_comp_id 
_struct_sheet_range.end_auth_asym_id 
_struct_sheet_range.end_auth_seq_id 
AA 1 PHE A 22  ? ILE A 25  ? PHE A 2   ILE A 5   
AA 2 GLY A 198 ? VAL A 201 ? GLY A 178 VAL A 181 
AA 3 VAL A 176 ? ALA A 179 ? VAL A 156 ALA A 159 
AA 4 MET A 149 ? ASP A 153 ? MET A 129 ASP A 133 
AA 5 PHE A 117 ? ARG A 123 ? PHE A 97  ARG A 103 
AA 6 TYR A 95  ? VAL A 98  ? TYR A 75  VAL A 78  
AA 7 VAL A 72  ? SER A 76  ? VAL A 52  SER A 56  
AA 8 ALA A 43  ? VAL A 47  ? ALA A 23  VAL A 27  
AA 9 PHE A 22  ? ILE A 25  ? PHE A 2   ILE A 5   
AB 1 GLU A 206 ? LYS A 207 ? GLU A 186 LYS A 187 
AB 2 ILE A 210 ? LYS A 211 ? ILE A 190 LYS A 191 
# 
loop_
_pdbx_struct_sheet_hbond.sheet_id 
_pdbx_struct_sheet_hbond.range_id_1 
_pdbx_struct_sheet_hbond.range_id_2 
_pdbx_struct_sheet_hbond.range_1_label_atom_id 
_pdbx_struct_sheet_hbond.range_1_label_comp_id 
_pdbx_struct_sheet_hbond.range_1_label_asym_id 
_pdbx_struct_sheet_hbond.range_1_label_seq_id 
_pdbx_struct_sheet_hbond.range_1_PDB_ins_code 
_pdbx_struct_sheet_hbond.range_1_auth_atom_id 
_pdbx_struct_sheet_hbond.range_1_auth_comp_id 
_pdbx_struct_sheet_hbond.range_1_auth_asym_id 
_pdbx_struct_sheet_hbond.range_1_auth_seq_id 
_pdbx_struct_sheet_hbond.range_2_label_atom_id 
_pdbx_struct_sheet_hbond.range_2_label_comp_id 
_pdbx_struct_sheet_hbond.range_2_label_asym_id 
_pdbx_struct_sheet_hbond.range_2_label_seq_id 
_pdbx_struct_sheet_hbond.range_2_PDB_ins_code 
_pdbx_struct_sheet_hbond.range_2_auth_atom_id 
_pdbx_struct_sheet_hbond.range_2_auth_comp_id 
_pdbx_struct_sheet_hbond.range_2_auth_asym_id 
_pdbx_struct_sheet_hbond.range_2_auth_seq_id 
AA 1 2 N LYS A 24  ? N LYS A 4   O VAL A 199 ? O VAL A 179 
AA 2 3 N ASP A 200 ? N ASP A 180 O VAL A 178 ? O VAL A 158 
AA 3 4 N ILE A 177 ? N ILE A 157 O VAL A 150 ? O VAL A 130 
AA 4 5 N MET A 149 ? N MET A 129 O VAL A 118 ? O VAL A 98  
AA 5 6 N MET A 119 ? N MET A 99  O ILE A 96  ? O ILE A 76  
AA 6 7 N TYR A 95  ? N TYR A 75  O VAL A 72  ? O VAL A 52  
AA 7 8 N PHE A 73  ? N PHE A 53  O THR A 44  ? O THR A 24  
AA 8 9 N GLY A 45  ? N GLY A 25  O ILE A 25  ? O ILE A 5   
AB 1 2 N LYS A 207 ? N LYS A 187 O ILE A 210 ? O ILE A 190 
# 
loop_
_struct_site.id 
_struct_site.pdbx_evidence_code 
_struct_site.pdbx_auth_asym_id 
_struct_site.pdbx_auth_comp_id 
_struct_site.pdbx_auth_seq_id 
_struct_site.pdbx_auth_ins_code 
_struct_site.pdbx_num_residues 
_struct_site.details 
AC1 Software A SO4 1207 ? 7 'BINDING SITE FOR RESIDUE SO4 A 1207' 
AC2 Software A SO4 1208 ? 3 'BINDING SITE FOR RESIDUE SO4 A 1208' 
AC3 Software A SO4 1209 ? 6 'BINDING SITE FOR RESIDUE SO4 A 1209' 
# 
loop_
_struct_site_gen.id 
_struct_site_gen.site_id 
_struct_site_gen.pdbx_num_res 
_struct_site_gen.label_comp_id 
_struct_site_gen.label_asym_id 
_struct_site_gen.label_seq_id 
_struct_site_gen.pdbx_auth_ins_code 
_struct_site_gen.auth_comp_id 
_struct_site_gen.auth_asym_id 
_struct_site_gen.auth_seq_id 
_struct_site_gen.label_atom_id 
_struct_site_gen.label_alt_id 
_struct_site_gen.symmetry 
_struct_site_gen.details 
1  AC1 7 GLY A 181 ? GLY A 161  . ? 1_555 ? 
2  AC1 7 VAL A 201 ? VAL A 181  . ? 1_555 ? 
3  AC1 7 SER A 202 ? SER A 182  . ? 1_555 ? 
4  AC1 7 SER A 203 ? SER A 183  . ? 1_555 ? 
5  AC1 7 HOH E .   ? HOH A 2037 . ? 1_555 ? 
6  AC1 7 HOH E .   ? HOH A 2038 . ? 1_555 ? 
7  AC1 7 HOH E .   ? HOH A 2040 . ? 1_555 ? 
8  AC2 3 SER A 52  ? SER A 32   . ? 1_555 ? 
9  AC2 3 LYS A 53  ? LYS A 33   . ? 1_555 ? 
10 AC2 3 ARG A 54  ? ARG A 34   . ? 1_555 ? 
11 AC3 6 SER A 30  ? SER A 10   . ? 1_555 ? 
12 AC3 6 LEU A 31  ? LEU A 11   . ? 1_555 ? 
13 AC3 6 GLU A 32  ? GLU A 12   . ? 1_555 ? 
14 AC3 6 LYS A 60  ? LYS A 40   . ? 1_555 ? 
15 AC3 6 ARG A 90  ? ARG A 70   . ? 4_664 ? 
16 AC3 6 ARG A 172 ? ARG A 152  . ? 5_554 ? 
# 
_atom_sites.entry_id                    4AAJ 
_atom_sites.fract_transf_matrix[1][1]   -0.00378232 
_atom_sites.fract_transf_matrix[1][2]   -0.00992333 
_atom_sites.fract_transf_matrix[1][3]   -0.00264516 
_atom_sites.fract_transf_matrix[2][1]   0.00685092 
_atom_sites.fract_transf_matrix[2][2]   -0.00852162 
_atom_sites.fract_transf_matrix[2][3]   -0.00046692 
_atom_sites.fract_transf_matrix[3][1]   -0.00500989 
_atom_sites.fract_transf_matrix[3][2]   -0.00556386 
_atom_sites.fract_transf_matrix[3][3]   0.02803653 
_atom_sites.fract_transf_vector[1]      0.306171 
_atom_sites.fract_transf_vector[2]      0.464634 
_atom_sites.fract_transf_vector[3]      0.195991 
# 
loop_
_atom_type.symbol 
C 
N 
O 
S 
# 
loop_
_atom_site.group_PDB 
_atom_site.id 
_atom_site.type_symbol 
_atom_site.label_atom_id 
_atom_site.label_alt_id 
_atom_site.label_comp_id 
_atom_site.label_asym_id 
_atom_site.label_entity_id 
_atom_site.label_seq_id 
_atom_site.pdbx_PDB_ins_code 
_atom_site.Cartn_x 
_atom_site.Cartn_y 
_atom_site.Cartn_z 
_atom_site.occupancy 
_atom_site.B_iso_or_equiv 
_atom_site.pdbx_formal_charge 
_atom_site.auth_seq_id 
_atom_site.auth_comp_id 
_atom_site.auth_asym_id 
_atom_site.auth_atom_id 
_atom_site.pdbx_PDB_model_num 
ATOM   1    N N   . HIS A 1 20  ? 9.985   9.822   -9.671  1.00 63.35 ? 0    HIS A N   1 
ATOM   2    C CA  . HIS A 1 20  ? 9.658   11.074  -8.927  1.00 61.59 ? 0    HIS A CA  1 
ATOM   3    C C   . HIS A 1 20  ? 8.786   10.817  -7.722  1.00 60.50 ? 0    HIS A C   1 
ATOM   4    O O   . HIS A 1 20  ? 9.219   11.021  -6.583  1.00 62.90 ? 0    HIS A O   1 
ATOM   5    C CB  . HIS A 1 20  ? 9.017   12.110  -9.856  1.00 66.57 ? 0    HIS A CB  1 
ATOM   6    C CG  . HIS A 1 20  ? 8.202   11.508  -10.985 1.00 69.84 ? 0    HIS A CG  1 
ATOM   7    N ND1 . HIS A 1 20  ? 6.915   11.138  -10.837 1.00 72.23 ? 0    HIS A ND1 1 
ATOM   8    C CD2 . HIS A 1 20  ? 8.539   11.229  -12.310 1.00 72.47 ? 0    HIS A CD2 1 
ATOM   9    C CE1 . HIS A 1 20  ? 6.452   10.643  -12.002 1.00 73.57 ? 0    HIS A CE1 1 
ATOM   10   N NE2 . HIS A 1 20  ? 7.446   10.701  -12.904 1.00 75.13 ? 0    HIS A NE2 1 
ATOM   11   N N   . MET A 1 21  ? 7.553   10.368  -7.963  1.00 52.50 ? 1    MET A N   1 
ATOM   12   C CA  . MET A 1 21  ? 6.572   10.152  -6.905  1.00 48.26 ? 1    MET A CA  1 
ATOM   13   C C   . MET A 1 21  ? 5.636   9.007   -7.267  1.00 45.11 ? 1    MET A C   1 
ATOM   14   O O   . MET A 1 21  ? 4.726   9.167   -8.083  1.00 46.93 ? 1    MET A O   1 
ATOM   15   C CB  . MET A 1 21  ? 5.772   11.436  -6.631  1.00 46.46 ? 1    MET A CB  1 
ATOM   16   C CG  . MET A 1 21  ? 4.668   11.314  -5.581  1.00 47.11 ? 1    MET A CG  1 
ATOM   17   S SD  . MET A 1 21  ? 5.222   10.793  -3.938  1.00 46.56 ? 1    MET A SD  1 
ATOM   18   C CE  . MET A 1 21  ? 6.459   12.035  -3.557  1.00 48.94 ? 1    MET A CE  1 
ATOM   19   N N   . PHE A 1 22  ? 5.862   7.851   -6.652  1.00 41.47 ? 2    PHE A N   1 
ATOM   20   C CA  . PHE A 1 22  ? 5.019   6.683   -6.883  1.00 38.19 ? 2    PHE A CA  1 
ATOM   21   C C   . PHE A 1 22  ? 3.647   6.909   -6.249  1.00 38.11 ? 2    PHE A C   1 
ATOM   22   O O   . PHE A 1 22  ? 3.559   7.274   -5.082  1.00 40.21 ? 2    PHE A O   1 
ATOM   23   C CB  . PHE A 1 22  ? 5.692   5.449   -6.296  1.00 38.06 ? 2    PHE A CB  1 
ATOM   24   C CG  . PHE A 1 22  ? 5.108   4.153   -6.764  1.00 40.23 ? 2    PHE A CG  1 
ATOM   25   C CD1 . PHE A 1 22  ? 5.563   3.558   -7.934  1.00 39.95 ? 2    PHE A CD1 1 
ATOM   26   C CD2 . PHE A 1 22  ? 4.113   3.513   -6.026  1.00 39.77 ? 2    PHE A CD2 1 
ATOM   27   C CE1 . PHE A 1 22  ? 5.038   2.357   -8.371  1.00 43.33 ? 2    PHE A CE1 1 
ATOM   28   C CE2 . PHE A 1 22  ? 3.589   2.307   -6.459  1.00 39.93 ? 2    PHE A CE2 1 
ATOM   29   C CZ  . PHE A 1 22  ? 4.045   1.730   -7.630  1.00 41.44 ? 2    PHE A CZ  1 
ATOM   30   N N   . VAL A 1 23  ? 2.579   6.723   -7.023  1.00 34.62 ? 3    VAL A N   1 
ATOM   31   C CA  . VAL A 1 23  ? 1.229   6.900   -6.514  1.00 34.65 ? 3    VAL A CA  1 
ATOM   32   C C   . VAL A 1 23  ? 0.475   5.578   -6.663  1.00 33.33 ? 3    VAL A C   1 
ATOM   33   O O   . VAL A 1 23  ? 0.348   5.049   -7.773  1.00 32.36 ? 3    VAL A O   1 
ATOM   34   C CB  . VAL A 1 23  ? 0.459   8.024   -7.250  1.00 35.63 ? 3    VAL A CB  1 
ATOM   35   C CG1 . VAL A 1 23  ? -0.940  8.199   -6.676  1.00 35.96 ? 3    VAL A CG1 1 
ATOM   36   C CG2 . VAL A 1 23  ? 1.217   9.335   -7.170  1.00 38.14 ? 3    VAL A CG2 1 
ATOM   37   N N   . LYS A 1 24  ? -0.013  5.052   -5.541  1.00 29.91 ? 4    LYS A N   1 
ATOM   38   C CA  . LYS A 1 24  ? -0.784  3.816   -5.556  1.00 29.02 ? 4    LYS A CA  1 
ATOM   39   C C   . LYS A 1 24  ? -2.222  4.140   -5.146  1.00 28.69 ? 4    LYS A C   1 
ATOM   40   O O   . LYS A 1 24  ? -2.450  4.790   -4.129  1.00 29.97 ? 4    LYS A O   1 
ATOM   41   C CB  . LYS A 1 24  ? -0.175  2.790   -4.603  1.00 28.67 ? 4    LYS A CB  1 
ATOM   42   C CG  . LYS A 1 24  ? -0.961  1.486   -4.494  1.00 30.59 ? 4    LYS A CG  1 
ATOM   43   C CD  . LYS A 1 24  ? -0.190  0.446   -3.701  1.00 30.36 ? 4    LYS A CD  1 
ATOM   44   C CE  . LYS A 1 24  ? -1.094  -0.698  -3.256  1.00 32.73 ? 4    LYS A CE  1 
ATOM   45   N NZ  . LYS A 1 24  ? -1.867  -0.328  -2.037  1.00 33.87 ? 4    LYS A NZ  1 
ATOM   46   N N   . ILE A 1 25  ? -3.189  3.696   -5.938  1.00 30.91 ? 5    ILE A N   1 
ATOM   47   C CA  . ILE A 1 25  ? -4.596  3.859   -5.566  1.00 30.25 ? 5    ILE A CA  1 
ATOM   48   C C   . ILE A 1 25  ? -5.102  2.504   -5.096  1.00 30.98 ? 5    ILE A C   1 
ATOM   49   O O   . ILE A 1 25  ? -5.200  1.576   -5.886  1.00 29.85 ? 5    ILE A O   1 
ATOM   50   C CB  . ILE A 1 25  ? -5.476  4.335   -6.745  1.00 31.95 ? 5    ILE A CB  1 
ATOM   51   C CG1 . ILE A 1 25  ? -4.869  5.554   -7.452  1.00 35.67 ? 5    ILE A CG1 1 
ATOM   52   C CG2 . ILE A 1 25  ? -6.910  4.567   -6.265  1.00 29.78 ? 5    ILE A CG2 1 
ATOM   53   C CD1 . ILE A 1 25  ? -4.634  6.768   -6.590  1.00 36.35 ? 5    ILE A CD1 1 
ATOM   54   N N   . CYS A 1 26  ? -5.419  2.398   -3.810  1.00 31.09 ? 6    CYS A N   1 
ATOM   55   C CA  . CYS A 1 26  ? -5.673  1.102   -3.182  1.00 32.08 ? 6    CYS A CA  1 
ATOM   56   C C   . CYS A 1 26  ? -7.162  0.785   -3.046  1.00 32.59 ? 6    CYS A C   1 
ATOM   57   O O   . CYS A 1 26  ? -7.998  1.686   -3.026  1.00 34.11 ? 6    CYS A O   1 
ATOM   58   C CB  . CYS A 1 26  ? -5.022  1.046   -1.791  1.00 35.55 ? 6    CYS A CB  1 
ATOM   59   S SG  . CYS A 1 26  ? -4.836  -0.657  -1.221  1.00 42.82 ? 6    CYS A SG  1 
ATOM   60   N N   . GLY A 1 27  ? -7.467  -0.503  -2.955  1.00 31.05 ? 7    GLY A N   1 
ATOM   61   C CA  . GLY A 1 27  ? -8.809  -0.972  -2.609  1.00 30.20 ? 7    GLY A CA  1 
ATOM   62   C C   . GLY A 1 27  ? -9.835  -0.825  -3.709  1.00 32.18 ? 7    GLY A C   1 
ATOM   63   O O   . GLY A 1 27  ? -10.937 -0.326  -3.466  1.00 33.91 ? 7    GLY A O   1 
ATOM   64   N N   . ILE A 1 28  ? -9.477  -1.231  -4.922  1.00 30.79 ? 8    ILE A N   1 
ATOM   65   C CA  . ILE A 1 28  ? -10.478 -1.282  -6.006  1.00 29.93 ? 8    ILE A CA  1 
ATOM   66   C C   . ILE A 1 28  ? -11.243 -2.606  -5.988  1.00 31.50 ? 8    ILE A C   1 
ATOM   67   O O   . ILE A 1 28  ? -10.720 -3.652  -5.556  1.00 30.67 ? 8    ILE A O   1 
ATOM   68   C CB  . ILE A 1 28  ? -9.866  -0.979  -7.405  1.00 29.47 ? 8    ILE A CB  1 
ATOM   69   C CG1 . ILE A 1 28  ? -8.839  -2.045  -7.798  1.00 29.64 ? 8    ILE A CG1 1 
ATOM   70   C CG2 . ILE A 1 28  ? -9.300  0.439   -7.449  1.00 29.36 ? 8    ILE A CG2 1 
ATOM   71   C CD1 . ILE A 1 28  ? -8.414  -1.971  -9.262  1.00 29.56 ? 8    ILE A CD1 1 
ATOM   72   N N   . LYS A 1 29  ? -12.496 -2.565  -6.451  1.00 31.34 ? 9    LYS A N   1 
ATOM   73   C CA  . LYS A 1 29  ? -13.382 -3.713  -6.351  1.00 33.40 ? 9    LYS A CA  1 
ATOM   74   C C   . LYS A 1 29  ? -13.934 -4.202  -7.691  1.00 33.82 ? 9    LYS A C   1 
ATOM   75   O O   . LYS A 1 29  ? -14.606 -5.232  -7.741  1.00 35.41 ? 9    LYS A O   1 
ATOM   76   C CB  . LYS A 1 29  ? -14.544 -3.412  -5.404  1.00 34.60 ? 9    LYS A CB  1 
ATOM   77   C CG  . LYS A 1 29  ? -14.115 -3.052  -3.988  1.00 37.59 ? 9    LYS A CG  1 
ATOM   78   C CD  . LYS A 1 29  ? -15.314 -2.850  -3.070  1.00 40.12 ? 9    LYS A CD  1 
ATOM   79   C CE  . LYS A 1 29  ? -15.910 -4.185  -2.655  1.00 41.43 ? 9    LYS A CE  1 
ATOM   80   N NZ  . LYS A 1 29  ? -16.841 -4.013  -1.507  1.00 47.33 ? 9    LYS A NZ  1 
ATOM   81   N N   . SER A 1 30  ? -13.633 -3.485  -8.768  1.00 35.37 ? 10   SER A N   1 
ATOM   82   C CA  . SER A 1 30  ? -14.184 -3.834  -10.079 1.00 36.45 ? 10   SER A CA  1 
ATOM   83   C C   . SER A 1 30  ? -13.199 -3.544  -11.195 1.00 37.20 ? 10   SER A C   1 
ATOM   84   O O   . SER A 1 30  ? -12.319 -2.685  -11.061 1.00 34.70 ? 10   SER A O   1 
ATOM   85   C CB  . SER A 1 30  ? -15.461 -3.028  -10.332 1.00 36.07 ? 10   SER A CB  1 
ATOM   86   O OG  . SER A 1 30  ? -15.185 -1.641  -10.277 1.00 36.79 ? 10   SER A OG  1 
ATOM   87   N N   . LEU A 1 31  ? -13.379 -4.245  -12.310 1.00 38.84 ? 11   LEU A N   1 
ATOM   88   C CA  . LEU A 1 31  ? -12.688 -3.904  -13.555 1.00 39.29 ? 11   LEU A CA  1 
ATOM   89   C C   . LEU A 1 31  ? -12.945 -2.456  -13.988 1.00 39.70 ? 11   LEU A C   1 
ATOM   90   O O   . LEU A 1 31  ? -12.069 -1.815  -14.568 1.00 40.11 ? 11   LEU A O   1 
ATOM   91   C CB  . LEU A 1 31  ? -13.049 -4.898  -14.671 1.00 39.54 ? 11   LEU A CB  1 
ATOM   92   C CG  . LEU A 1 31  ? -12.615 -6.354  -14.435 1.00 38.32 ? 11   LEU A CG  1 
ATOM   93   C CD1 . LEU A 1 31  ? -13.412 -7.329  -15.299 1.00 43.63 ? 11   LEU A CD1 1 
ATOM   94   C CD2 . LEU A 1 31  ? -11.124 -6.528  -14.670 1.00 38.20 ? 11   LEU A CD2 1 
ATOM   95   N N   . GLU A 1 32  ? -14.134 -1.934  -13.683 1.00 42.59 ? 12   GLU A N   1 
ATOM   96   C CA  . GLU A 1 32  ? -14.459 -0.534  -13.966 1.00 43.33 ? 12   GLU A CA  1 
ATOM   97   C C   . GLU A 1 32  ? -13.529 0.424   -13.211 1.00 41.62 ? 12   GLU A C   1 
ATOM   98   O O   . GLU A 1 32  ? -12.982 1.366   -13.788 1.00 39.44 ? 12   GLU A O   1 
ATOM   99   C CB  . GLU A 1 32  ? -15.936 -0.246  -13.639 1.00 48.43 ? 12   GLU A CB  1 
ATOM   100  C CG  . GLU A 1 32  ? -16.448 1.105   -14.120 1.00 55.61 ? 12   GLU A CG  1 
ATOM   101  C CD  . GLU A 1 32  ? -16.634 1.193   -15.633 1.00 60.12 ? 12   GLU A CD  1 
ATOM   102  O OE1 . GLU A 1 32  ? -16.293 0.229   -16.360 1.00 61.51 ? 12   GLU A OE1 1 
ATOM   103  O OE2 . GLU A 1 32  ? -17.127 2.244   -16.101 1.00 63.30 ? 12   GLU A OE2 1 
ATOM   104  N N   . GLU A 1 33  ? -13.334 0.156   -11.922 1.00 39.59 ? 13   GLU A N   1 
ATOM   105  C CA  . GLU A 1 33  ? -12.423 0.951   -11.101 1.00 38.98 ? 13   GLU A CA  1 
ATOM   106  C C   . GLU A 1 33  ? -10.969 0.778   -11.548 1.00 34.92 ? 13   GLU A C   1 
ATOM   107  O O   . GLU A 1 33  ? -10.189 1.711   -11.478 1.00 33.20 ? 13   GLU A O   1 
ATOM   108  C CB  . GLU A 1 33  ? -12.582 0.583   -9.627  1.00 40.66 ? 13   GLU A CB  1 
ATOM   109  C CG  . GLU A 1 33  ? -13.725 1.315   -8.937  1.00 41.89 ? 13   GLU A CG  1 
ATOM   110  C CD  . GLU A 1 33  ? -13.884 0.904   -7.486  1.00 42.48 ? 13   GLU A CD  1 
ATOM   111  O OE1 . GLU A 1 33  ? -13.926 -0.310  -7.215  1.00 43.29 ? 13   GLU A OE1 1 
ATOM   112  O OE2 . GLU A 1 33  ? -13.979 1.794   -6.614  1.00 46.17 ? 13   GLU A OE2 1 
ATOM   113  N N   . LEU A 1 34  ? -10.629 -0.417  -12.024 1.00 35.93 ? 14   LEU A N   1 
ATOM   114  C CA  . LEU A 1 34  ? -9.300  -0.663  -12.591 1.00 35.37 ? 14   LEU A CA  1 
ATOM   115  C C   . LEU A 1 34  ? -9.020  0.298   -13.750 1.00 38.08 ? 14   LEU A C   1 
ATOM   116  O O   . LEU A 1 34  ? -7.976  0.935   -13.794 1.00 36.85 ? 14   LEU A O   1 
ATOM   117  C CB  . LEU A 1 34  ? -9.147  -2.128  -13.023 1.00 32.71 ? 14   LEU A CB  1 
ATOM   118  C CG  . LEU A 1 34  ? -7.856  -2.513  -13.770 1.00 31.01 ? 14   LEU A CG  1 
ATOM   119  C CD1 . LEU A 1 34  ? -6.624  -2.325  -12.882 1.00 30.65 ? 14   LEU A CD1 1 
ATOM   120  C CD2 . LEU A 1 34  ? -7.927  -3.941  -14.272 1.00 30.39 ? 14   LEU A CD2 1 
ATOM   121  N N   . GLU A 1 35  ? -9.975  0.419   -14.669 1.00 42.10 ? 15   GLU A N   1 
ATOM   122  C CA  . GLU A 1 35  ? -9.813  1.302   -15.827 1.00 43.39 ? 15   GLU A CA  1 
ATOM   123  C C   . GLU A 1 35  ? -9.568  2.757   -15.435 1.00 42.65 ? 15   GLU A C   1 
ATOM   124  O O   . GLU A 1 35  ? -8.715  3.421   -16.008 1.00 46.75 ? 15   GLU A O   1 
ATOM   125  C CB  . GLU A 1 35  ? -11.013 1.167   -16.763 1.00 46.82 ? 15   GLU A CB  1 
ATOM   126  C CG  . GLU A 1 35  ? -10.975 -0.125  -17.566 1.00 49.25 ? 15   GLU A CG  1 
ATOM   127  C CD  . GLU A 1 35  ? -12.305 -0.494  -18.198 1.00 51.17 ? 15   GLU A CD  1 
ATOM   128  O OE1 . GLU A 1 35  ? -13.305 0.228   -17.979 1.00 53.79 ? 15   GLU A OE1 1 
ATOM   129  O OE2 . GLU A 1 35  ? -12.344 -1.519  -18.915 1.00 52.02 ? 15   GLU A OE2 1 
ATOM   130  N N   . ILE A 1 36  ? -10.316 3.230   -14.446 1.00 41.82 ? 16   ILE A N   1 
ATOM   131  C CA  . ILE A 1 36  ? -10.151 4.568   -13.887 1.00 43.61 ? 16   ILE A CA  1 
ATOM   132  C C   . ILE A 1 36  ? -8.734  4.795   -13.326 1.00 43.92 ? 16   ILE A C   1 
ATOM   133  O O   . ILE A 1 36  ? -8.076  5.778   -13.684 1.00 43.67 ? 16   ILE A O   1 
ATOM   134  C CB  . ILE A 1 36  ? -11.228 4.848   -12.806 1.00 44.83 ? 16   ILE A CB  1 
ATOM   135  C CG1 . ILE A 1 36  ? -12.640 4.685   -13.400 1.00 45.49 ? 16   ILE A CG1 1 
ATOM   136  C CG2 . ILE A 1 36  ? -11.055 6.237   -12.216 1.00 45.38 ? 16   ILE A CG2 1 
ATOM   137  C CD1 . ILE A 1 36  ? -13.748 4.531   -12.372 1.00 45.13 ? 16   ILE A CD1 1 
ATOM   138  N N   . VAL A 1 37  ? -8.264  3.884   -12.467 1.00 41.15 ? 17   VAL A N   1 
ATOM   139  C CA  . VAL A 1 37  ? -6.953  4.037   -11.820 1.00 39.90 ? 17   VAL A CA  1 
ATOM   140  C C   . VAL A 1 37  ? -5.786  3.802   -12.790 1.00 39.60 ? 17   VAL A C   1 
ATOM   141  O O   . VAL A 1 37  ? -4.757  4.473   -12.705 1.00 40.97 ? 17   VAL A O   1 
ATOM   142  C CB  . VAL A 1 37  ? -6.814  3.192   -10.512 1.00 39.02 ? 17   VAL A CB  1 
ATOM   143  C CG1 . VAL A 1 37  ? -7.957  3.499   -9.555  1.00 38.31 ? 17   VAL A CG1 1 
ATOM   144  C CG2 . VAL A 1 37  ? -6.755  1.701   -10.799 1.00 39.22 ? 17   VAL A CG2 1 
ATOM   145  N N   . GLU A 1 38  ? -5.971  2.868   -13.723 1.00 39.29 ? 18   GLU A N   1 
ATOM   146  C CA  . GLU A 1 38  ? -4.989  2.573   -14.772 1.00 44.41 ? 18   GLU A CA  1 
ATOM   147  C C   . GLU A 1 38  ? -4.596  3.779   -15.610 1.00 43.69 ? 18   GLU A C   1 
ATOM   148  O O   . GLU A 1 38  ? -3.516  3.793   -16.194 1.00 46.81 ? 18   GLU A O   1 
ATOM   149  C CB  . GLU A 1 38  ? -5.548  1.534   -15.727 1.00 45.59 ? 18   GLU A CB  1 
ATOM   150  C CG  . GLU A 1 38  ? -5.074  0.124   -15.482 1.00 47.91 ? 18   GLU A CG  1 
ATOM   151  C CD  . GLU A 1 38  ? -5.654  -0.827  -16.497 1.00 47.21 ? 18   GLU A CD  1 
ATOM   152  O OE1 . GLU A 1 38  ? -6.689  -0.490  -17.115 1.00 51.42 ? 18   GLU A OE1 1 
ATOM   153  O OE2 . GLU A 1 38  ? -5.078  -1.910  -16.679 1.00 49.90 ? 18   GLU A OE2 1 
ATOM   154  N N   . LYS A 1 39  ? -5.482  4.769   -15.688 1.00 45.60 ? 19   LYS A N   1 
ATOM   155  C CA  . LYS A 1 39  ? -5.236  5.969   -16.495 1.00 52.78 ? 19   LYS A CA  1 
ATOM   156  C C   . LYS A 1 39  ? -4.084  6.824   -15.969 1.00 54.00 ? 19   LYS A C   1 
ATOM   157  O O   . LYS A 1 39  ? -3.309  7.366   -16.761 1.00 56.20 ? 19   LYS A O   1 
ATOM   158  C CB  . LYS A 1 39  ? -6.505  6.817   -16.630 1.00 53.66 ? 19   LYS A CB  1 
ATOM   159  C CG  . LYS A 1 39  ? -7.543  6.225   -17.571 1.00 59.00 ? 19   LYS A CG  1 
ATOM   160  C CD  . LYS A 1 39  ? -8.466  7.298   -18.133 1.00 60.42 ? 19   LYS A CD  1 
ATOM   161  C CE  . LYS A 1 39  ? -9.470  6.712   -19.117 1.00 63.37 ? 19   LYS A CE  1 
ATOM   162  N NZ  . LYS A 1 39  ? -10.475 5.824   -18.464 1.00 63.72 ? 19   LYS A NZ  1 
ATOM   163  N N   . HIS A 1 40  ? -3.968  6.934   -14.642 1.00 54.76 ? 20   HIS A N   1 
ATOM   164  C CA  . HIS A 1 40  ? -3.010  7.860   -14.025 1.00 53.60 ? 20   HIS A CA  1 
ATOM   165  C C   . HIS A 1 40  ? -2.112  7.284   -12.947 1.00 49.84 ? 20   HIS A C   1 
ATOM   166  O O   . HIS A 1 40  ? -1.013  7.789   -12.732 1.00 51.29 ? 20   HIS A O   1 
ATOM   167  C CB  . HIS A 1 40  ? -3.732  9.102   -13.492 1.00 59.02 ? 20   HIS A CB  1 
ATOM   168  C CG  . HIS A 1 40  ? -4.452  9.901   -14.559 1.00 63.18 ? 20   HIS A CG  1 
ATOM   169  N ND1 . HIS A 1 40  ? -3.811  10.465  -15.603 1.00 67.27 ? 20   HIS A ND1 1 
ATOM   170  C CD2 . HIS A 1 40  ? -5.801  10.230  -14.704 1.00 64.19 ? 20   HIS A CD2 1 
ATOM   171  C CE1 . HIS A 1 40  ? -4.701  11.112  -16.382 1.00 65.82 ? 20   HIS A CE1 1 
ATOM   172  N NE2 . HIS A 1 40  ? -5.918  10.968  -15.830 1.00 66.12 ? 20   HIS A NE2 1 
ATOM   173  N N   . ALA A 1 41  ? -2.555  6.227   -12.270 1.00 47.12 ? 21   ALA A N   1 
ATOM   174  C CA  . ALA A 1 41  ? -1.786  5.652   -11.146 1.00 41.51 ? 21   ALA A CA  1 
ATOM   175  C C   . ALA A 1 41  ? -0.632  4.735   -11.552 1.00 37.27 ? 21   ALA A C   1 
ATOM   176  O O   . ALA A 1 41  ? -0.636  4.139   -12.632 1.00 38.61 ? 21   ALA A O   1 
ATOM   177  C CB  . ALA A 1 41  ? -2.717  4.924   -10.192 1.00 40.03 ? 21   ALA A CB  1 
ATOM   178  N N   . ASP A 1 42  ? 0.352   4.609   -10.664 1.00 33.47 ? 22   ASP A N   1 
ATOM   179  C CA  . ASP A 1 42  ? 1.485   3.716   -10.881 1.00 31.85 ? 22   ASP A CA  1 
ATOM   180  C C   . ASP A 1 42  ? 1.177   2.280   -10.443 1.00 29.96 ? 22   ASP A C   1 
ATOM   181  O O   . ASP A 1 42  ? 1.764   1.318   -10.936 1.00 31.14 ? 22   ASP A O   1 
ATOM   182  C CB  . ASP A 1 42  ? 2.716   4.237   -10.135 1.00 35.24 ? 22   ASP A CB  1 
ATOM   183  C CG  . ASP A 1 42  ? 3.152   5.623   -10.611 1.00 38.51 ? 22   ASP A CG  1 
ATOM   184  O OD1 . ASP A 1 42  ? 3.464   5.761   -11.812 1.00 42.45 ? 22   ASP A OD1 1 
ATOM   185  O OD2 . ASP A 1 42  ? 3.160   6.565   -9.790  1.00 35.96 ? 22   ASP A OD2 1 
ATOM   186  N N   . ALA A 1 43  ? 0.269   2.146   -9.487  1.00 29.30 ? 23   ALA A N   1 
ATOM   187  C CA  . ALA A 1 43  ? -0.102  0.827   -8.980  1.00 26.67 ? 23   ALA A CA  1 
ATOM   188  C C   . ALA A 1 43  ? -1.487  0.884   -8.362  1.00 25.67 ? 23   ALA A C   1 
ATOM   189  O O   . ALA A 1 43  ? -2.007  1.960   -8.064  1.00 27.08 ? 23   ALA A O   1 
ATOM   190  C CB  . ALA A 1 43  ? 0.925   0.317   -7.964  1.00 27.88 ? 23   ALA A CB  1 
ATOM   191  N N   . THR A 1 44  ? -2.078  -0.290  -8.157  1.00 25.37 ? 24   THR A N   1 
ATOM   192  C CA  . THR A 1 44  ? -3.365  -0.374  -7.470  1.00 25.54 ? 24   THR A CA  1 
ATOM   193  C C   . THR A 1 44  ? -3.311  -1.584  -6.529  1.00 24.79 ? 24   THR A C   1 
ATOM   194  O O   . THR A 1 44  ? -2.266  -2.237  -6.396  1.00 24.39 ? 24   THR A O   1 
ATOM   195  C CB  . THR A 1 44  ? -4.554  -0.430  -8.477  1.00 26.65 ? 24   THR A CB  1 
ATOM   196  O OG1 . THR A 1 44  ? -5.800  -0.284  -7.780  1.00 27.52 ? 24   THR A OG1 1 
ATOM   197  C CG2 . THR A 1 44  ? -4.569  -1.731  -9.277  1.00 27.14 ? 24   THR A CG2 1 
ATOM   198  N N   . GLY A 1 45  ? -4.431  -1.878  -5.865  1.00 24.27 ? 25   GLY A N   1 
ATOM   199  C CA  . GLY A 1 45  ? -4.461  -2.971  -4.913  1.00 25.65 ? 25   GLY A CA  1 
ATOM   200  C C   . GLY A 1 45  ? -5.870  -3.503  -4.772  1.00 25.03 ? 25   GLY A C   1 
ATOM   201  O O   . GLY A 1 45  ? -6.847  -2.752  -4.958  1.00 25.70 ? 25   GLY A O   1 
ATOM   202  N N   . VAL A 1 46  ? -5.955  -4.804  -4.523  1.00 26.02 ? 26   VAL A N   1 
ATOM   203  C CA  . VAL A 1 46  ? -7.237  -5.468  -4.248  1.00 26.28 ? 26   VAL A CA  1 
ATOM   204  C C   . VAL A 1 46  ? -7.145  -6.112  -2.873  1.00 24.40 ? 26   VAL A C   1 
ATOM   205  O O   . VAL A 1 46  ? -6.142  -6.752  -2.553  1.00 24.01 ? 26   VAL A O   1 
ATOM   206  C CB  . VAL A 1 46  ? -7.636  -6.500  -5.326  1.00 27.00 ? 26   VAL A CB  1 
ATOM   207  C CG1 . VAL A 1 46  ? -7.983  -5.804  -6.646  1.00 26.25 ? 26   VAL A CG1 1 
ATOM   208  C CG2 . VAL A 1 46  ? -6.582  -7.586  -5.534  1.00 27.49 ? 26   VAL A CG2 1 
ATOM   209  N N   . VAL A 1 47  ? -8.185  -5.926  -2.066  1.00 24.14 ? 27   VAL A N   1 
ATOM   210  C CA  . VAL A 1 47  ? -8.203  -6.447  -0.696  1.00 24.47 ? 27   VAL A CA  1 
ATOM   211  C C   . VAL A 1 47  ? -8.898  -7.814  -0.695  1.00 24.08 ? 27   VAL A C   1 
ATOM   212  O O   . VAL A 1 47  ? -10.014 -7.956  -1.205  1.00 26.18 ? 27   VAL A O   1 
ATOM   213  C CB  . VAL A 1 47  ? -8.928  -5.477  0.281   1.00 25.20 ? 27   VAL A CB  1 
ATOM   214  C CG1 . VAL A 1 47  ? -9.037  -6.074  1.693   1.00 24.54 ? 27   VAL A CG1 1 
ATOM   215  C CG2 . VAL A 1 47  ? -8.244  -4.111  0.307   1.00 25.96 ? 27   VAL A CG2 1 
ATOM   216  N N   . VAL A 1 48  ? -8.213  -8.817  -0.163  1.00 23.94 ? 28   VAL A N   1 
ATOM   217  C CA  . VAL A 1 48  ? -8.780  -10.167 -0.020  1.00 24.57 ? 28   VAL A CA  1 
ATOM   218  C C   . VAL A 1 48  ? -8.588  -10.678 1.396   1.00 26.09 ? 28   VAL A C   1 
ATOM   219  O O   . VAL A 1 48  ? -7.647  -10.278 2.076   1.00 25.39 ? 28   VAL A O   1 
ATOM   220  C CB  . VAL A 1 48  ? -8.197  -11.221 -1.004  1.00 24.32 ? 28   VAL A CB  1 
ATOM   221  C CG1 . VAL A 1 48  ? -8.412  -10.806 -2.437  1.00 23.63 ? 28   VAL A CG1 1 
ATOM   222  C CG2 . VAL A 1 48  ? -6.728  -11.577 -0.713  1.00 24.19 ? 28   VAL A CG2 1 
ATOM   223  N N   . ASN A 1 49  ? -9.487  -11.566 1.835   1.00 25.64 ? 29   ASN A N   1 
ATOM   224  C CA  . ASN A 1 49  ? -9.311  -12.291 3.102   1.00 27.27 ? 29   ASN A CA  1 
ATOM   225  C C   . ASN A 1 49  ? -8.951  -11.370 4.264   1.00 27.21 ? 29   ASN A C   1 
ATOM   226  O O   . ASN A 1 49  ? -8.063  -11.675 5.073   1.00 27.96 ? 29   ASN A O   1 
ATOM   227  C CB  . ASN A 1 49  ? -8.298  -13.429 2.944   1.00 26.88 ? 29   ASN A CB  1 
ATOM   228  C CG  . ASN A 1 49  ? -8.754  -14.449 1.928   1.00 31.10 ? 29   ASN A CG  1 
ATOM   229  O OD1 . ASN A 1 49  ? -9.930  -14.451 1.520   1.00 31.25 ? 29   ASN A OD1 1 
ATOM   230  N ND2 . ASN A 1 49  ? -7.839  -15.297 1.488   1.00 30.74 ? 29   ASN A ND2 1 
ATOM   231  N N   . SER A 1 50  ? -9.667  -10.251 4.327   1.00 26.72 ? 30   SER A N   1 
ATOM   232  C CA  . SER A 1 50  ? -9.497  -9.260  5.386   1.00 27.32 ? 30   SER A CA  1 
ATOM   233  C C   . SER A 1 50  ? -10.839 -8.726  5.818   1.00 30.47 ? 30   SER A C   1 
ATOM   234  O O   . SER A 1 50  ? -11.756 -8.613  5.007   1.00 28.56 ? 30   SER A O   1 
ATOM   235  C CB  . SER A 1 50  ? -8.667  -8.076  4.901   1.00 27.54 ? 30   SER A CB  1 
ATOM   236  O OG  . SER A 1 50  ? -7.472  -8.509  4.287   1.00 26.59 ? 30   SER A OG  1 
ATOM   237  N N   . ASN A 1 51  ? -10.932 -8.343  7.091   1.00 31.95 ? 31   ASN A N   1 
ATOM   238  C CA  . ASN A 1 51  ? -12.133 -7.682  7.597   1.00 34.19 ? 31   ASN A CA  1 
ATOM   239  C C   . ASN A 1 51  ? -12.207 -6.227  7.122   1.00 33.52 ? 31   ASN A C   1 
ATOM   240  O O   . ASN A 1 51  ? -11.875 -5.287  7.844   1.00 33.94 ? 31   ASN A O   1 
ATOM   241  C CB  . ASN A 1 51  ? -12.186 -7.780  9.123   1.00 34.89 ? 31   ASN A CB  1 
ATOM   242  C CG  . ASN A 1 51  ? -13.575 -7.522  9.676   1.00 40.00 ? 31   ASN A CG  1 
ATOM   243  O OD1 . ASN A 1 51  ? -14.570 -7.576  8.952   1.00 41.31 ? 31   ASN A OD1 1 
ATOM   244  N ND2 . ASN A 1 51  ? -13.647 -7.238  10.974  1.00 40.12 ? 31   ASN A ND2 1 
ATOM   245  N N   . SER A 1 52  ? -12.669 -6.054  5.890   1.00 34.05 ? 32   SER A N   1 
ATOM   246  C CA  . SER A 1 52  ? -12.598 -4.785  5.204   1.00 34.77 ? 32   SER A CA  1 
ATOM   247  C C   . SER A 1 52  ? -13.802 -4.654  4.291   1.00 33.99 ? 32   SER A C   1 
ATOM   248  O O   . SER A 1 52  ? -14.221 -5.633  3.669   1.00 33.50 ? 32   SER A O   1 
ATOM   249  C CB  . SER A 1 52  ? -11.321 -4.737  4.358   1.00 35.02 ? 32   SER A CB  1 
ATOM   250  O OG  . SER A 1 52  ? -11.355 -3.661  3.438   1.00 34.63 ? 32   SER A OG  1 
ATOM   251  N N   . LYS A 1 53  ? -14.336 -3.441  4.215   1.00 34.62 ? 33   LYS A N   1 
ATOM   252  C CA  . LYS A 1 53  ? -15.418 -3.091  3.296   1.00 37.95 ? 33   LYS A CA  1 
ATOM   253  C C   . LYS A 1 53  ? -14.981 -3.191  1.839   1.00 37.05 ? 33   LYS A C   1 
ATOM   254  O O   . LYS A 1 53  ? -15.823 -3.225  0.938   1.00 36.21 ? 33   LYS A O   1 
ATOM   255  C CB  . LYS A 1 53  ? -15.878 -1.654  3.557   1.00 41.27 ? 33   LYS A CB  1 
ATOM   256  C CG  . LYS A 1 53  ? -16.709 -1.482  4.820   1.00 47.27 ? 33   LYS A CG  1 
ATOM   257  C CD  . LYS A 1 53  ? -16.838 -0.012  5.185   1.00 50.05 ? 33   LYS A CD  1 
ATOM   258  C CE  . LYS A 1 53  ? -17.698 0.169   6.426   1.00 52.96 ? 33   LYS A CE  1 
ATOM   259  N NZ  . LYS A 1 53  ? -17.647 1.574   6.911   1.00 57.42 ? 33   LYS A NZ  1 
ATOM   260  N N   . ARG A 1 54  ? -13.664 -3.202  1.618   1.00 34.93 ? 34   ARG A N   1 
ATOM   261  C CA  . ARG A 1 54  ? -13.110 -3.301  0.267   1.00 34.46 ? 34   ARG A CA  1 
ATOM   262  C C   . ARG A 1 54  ? -12.842 -4.726  -0.181  1.00 32.27 ? 34   ARG A C   1 
ATOM   263  O O   . ARG A 1 54  ? -12.406 -4.928  -1.319  1.00 32.65 ? 34   ARG A O   1 
ATOM   264  C CB  . ARG A 1 54  ? -11.813 -2.488  0.140   1.00 36.51 ? 34   ARG A CB  1 
ATOM   265  C CG  . ARG A 1 54  ? -11.912 -1.004  0.473   1.00 41.21 ? 34   ARG A CG  1 
ATOM   266  C CD  . ARG A 1 54  ? -13.097 -0.313  -0.175  1.00 45.34 ? 34   ARG A CD  1 
ATOM   267  N NE  . ARG A 1 54  ? -12.960 -0.211  -1.628  1.00 49.52 ? 34   ARG A NE  1 
ATOM   268  C CZ  . ARG A 1 54  ? -13.874 0.329   -2.429  1.00 50.56 ? 34   ARG A CZ  1 
ATOM   269  N NH1 . ARG A 1 54  ? -14.999 0.819   -1.920  1.00 52.57 ? 34   ARG A NH1 1 
ATOM   270  N NH2 . ARG A 1 54  ? -13.659 0.382   -3.739  1.00 50.56 ? 34   ARG A NH2 1 
ATOM   271  N N   . ARG A 1 55  ? -13.076 -5.712  0.691   1.00 29.66 ? 35   ARG A N   1 
ATOM   272  C CA  . ARG A 1 55  ? -12.800 -7.118  0.369   1.00 29.94 ? 35   ARG A CA  1 
ATOM   273  C C   . ARG A 1 55  ? -13.552 -7.571  -0.879  1.00 29.04 ? 35   ARG A C   1 
ATOM   274  O O   . ARG A 1 55  ? -14.710 -7.178  -1.099  1.00 30.12 ? 35   ARG A O   1 
ATOM   275  C CB  . ARG A 1 55  ? -13.139 -8.069  1.520   1.00 29.66 ? 35   ARG A CB  1 
ATOM   276  C CG  . ARG A 1 55  ? -14.635 -8.223  1.779   1.00 33.39 ? 35   ARG A CG  1 
ATOM   277  C CD  . ARG A 1 55  ? -14.906 -9.146  2.955   1.00 32.55 ? 35   ARG A CD  1 
ATOM   278  N NE  . ARG A 1 55  ? -14.293 -10.460 2.784   1.00 35.21 ? 35   ARG A NE  1 
ATOM   279  C CZ  . ARG A 1 55  ? -13.797 -11.180 3.787   1.00 35.07 ? 35   ARG A CZ  1 
ATOM   280  N NH1 . ARG A 1 55  ? -13.842 -10.699 5.028   1.00 36.59 ? 35   ARG A NH1 1 
ATOM   281  N NH2 . ARG A 1 55  ? -13.258 -12.369 3.553   1.00 33.06 ? 35   ARG A NH2 1 
ATOM   282  N N   . ILE A 1 56  ? -12.857 -8.354  -1.691  1.00 27.61 ? 36   ILE A N   1 
ATOM   283  C CA  . ILE A 1 56  ? -13.442 -8.999  -2.881  1.00 28.12 ? 36   ILE A CA  1 
ATOM   284  C C   . ILE A 1 56  ? -13.133 -10.501 -2.925  1.00 27.40 ? 36   ILE A C   1 
ATOM   285  O O   . ILE A 1 56  ? -12.152 -10.978 -2.329  1.00 27.54 ? 36   ILE A O   1 
ATOM   286  C CB  . ILE A 1 56  ? -13.020 -8.288  -4.194  1.00 27.30 ? 36   ILE A CB  1 
ATOM   287  C CG1 . ILE A 1 56  ? -11.508 -8.476  -4.463  1.00 26.59 ? 36   ILE A CG1 1 
ATOM   288  C CG2 . ILE A 1 56  ? -13.418 -6.818  -4.180  1.00 26.96 ? 36   ILE A CG2 1 
ATOM   289  C CD1 . ILE A 1 56  ? -11.050 -7.905  -5.795  1.00 27.05 ? 36   ILE A CD1 1 
ATOM   290  N N   . PRO A 1 57  ? -13.987 -11.292 -3.618  1.00 26.99 ? 37   PRO A N   1 
ATOM   291  C CA  . PRO A 1 57  ? -13.745 -12.707 -3.795  1.00 28.39 ? 37   PRO A CA  1 
ATOM   292  C C   . PRO A 1 57  ? -12.504 -12.945 -4.670  1.00 26.65 ? 37   PRO A C   1 
ATOM   293  O O   . PRO A 1 57  ? -12.111 -12.041 -5.419  1.00 28.52 ? 37   PRO A O   1 
ATOM   294  C CB  . PRO A 1 57  ? -15.010 -13.206 -4.530  1.00 28.47 ? 37   PRO A CB  1 
ATOM   295  C CG  . PRO A 1 57  ? -16.011 -12.116 -4.419  1.00 29.45 ? 37   PRO A CG  1 
ATOM   296  C CD  . PRO A 1 57  ? -15.258 -10.841 -4.219  1.00 29.32 ? 37   PRO A CD  1 
ATOM   297  N N   . LEU A 1 58  ? -11.912 -14.129 -4.581  1.00 27.81 ? 38   LEU A N   1 
ATOM   298  C CA  . LEU A 1 58  ? -10.691 -14.451 -5.331  1.00 28.72 ? 38   LEU A CA  1 
ATOM   299  C C   . LEU A 1 58  ? -10.899 -14.375 -6.851  1.00 30.55 ? 38   LEU A C   1 
ATOM   300  O O   . LEU A 1 58  ? -9.987  -13.972 -7.588  1.00 28.35 ? 38   LEU A O   1 
ATOM   301  C CB  . LEU A 1 58  ? -10.121 -15.801 -4.920  1.00 31.43 ? 38   LEU A CB  1 
ATOM   302  C CG  . LEU A 1 58  ? -9.634  -15.897 -3.459  1.00 30.72 ? 38   LEU A CG  1 
ATOM   303  C CD1 . LEU A 1 58  ? -9.131  -17.292 -3.136  1.00 32.59 ? 38   LEU A CD1 1 
ATOM   304  C CD2 . LEU A 1 58  ? -8.589  -14.841 -3.119  1.00 30.79 ? 38   LEU A CD2 1 
ATOM   305  N N   . GLU A 1 59  ? -12.097 -14.727 -7.321  1.00 29.92 ? 39   GLU A N   1 
ATOM   306  C CA  . GLU A 1 59  ? -12.390 -14.606 -8.768  1.00 30.70 ? 39   GLU A CA  1 
ATOM   307  C C   . GLU A 1 59  ? -12.310 -13.153 -9.250  1.00 28.64 ? 39   GLU A C   1 
ATOM   308  O O   . GLU A 1 59  ? -11.757 -12.884 -10.322 1.00 29.81 ? 39   GLU A O   1 
ATOM   309  C CB  . GLU A 1 59  ? -13.770 -15.215 -9.107  1.00 32.05 ? 39   GLU A CB  1 
ATOM   310  C CG  . GLU A 1 59  ? -14.313 -14.828 -10.489 1.00 33.83 ? 39   GLU A CG  1 
ATOM   311  C CD  . GLU A 1 59  ? -13.414 -15.248 -11.645 1.00 34.03 ? 39   GLU A CD  1 
ATOM   312  O OE1 . GLU A 1 59  ? -12.771 -16.315 -11.562 1.00 34.93 ? 39   GLU A OE1 1 
ATOM   313  O OE2 . GLU A 1 59  ? -13.369 -14.504 -12.656 1.00 33.79 ? 39   GLU A OE2 1 
ATOM   314  N N   . LYS A 1 60  ? -12.832 -12.216 -8.465  1.00 27.64 ? 40   LYS A N   1 
ATOM   315  C CA  . LYS A 1 60  ? -12.791 -10.809 -8.833  1.00 29.37 ? 40   LYS A CA  1 
ATOM   316  C C   . LYS A 1 60  ? -11.345 -10.283 -8.792  1.00 29.13 ? 40   LYS A C   1 
ATOM   317  O O   . LYS A 1 60  ? -10.924 -9.539  -9.682  1.00 27.56 ? 40   LYS A O   1 
ATOM   318  C CB  . LYS A 1 60  ? -13.718 -9.981  -7.952  1.00 30.70 ? 40   LYS A CB  1 
ATOM   319  C CG  . LYS A 1 60  ? -13.870 -8.518  -8.359  1.00 32.52 ? 40   LYS A CG  1 
ATOM   320  C CD  . LYS A 1 60  ? -14.250 -8.320  -9.826  1.00 39.10 ? 40   LYS A CD  1 
ATOM   321  C CE  . LYS A 1 60  ? -15.729 -8.565  -10.081 1.00 41.71 ? 40   LYS A CE  1 
ATOM   322  N NZ  . LYS A 1 60  ? -16.089 -8.254  -11.497 1.00 43.68 ? 40   LYS A NZ  1 
ATOM   323  N N   . ALA A 1 61  ? -10.589 -10.704 -7.771  1.00 29.27 ? 41   ALA A N   1 
ATOM   324  C CA  . ALA A 1 61  ? -9.152  -10.377 -7.699  1.00 29.24 ? 41   ALA A CA  1 
ATOM   325  C C   . ALA A 1 61  ? -8.416  -10.889 -8.945  1.00 28.96 ? 41   ALA A C   1 
ATOM   326  O O   . ALA A 1 61  ? -7.659  -10.149 -9.567  1.00 28.91 ? 41   ALA A O   1 
ATOM   327  C CB  . ALA A 1 61  ? -8.529  -10.954 -6.426  1.00 26.83 ? 41   ALA A CB  1 
ATOM   328  N N   . ARG A 1 62  ? -8.654  -12.152 -9.304  1.00 29.51 ? 42   ARG A N   1 
ATOM   329  C CA  . ARG A 1 62  ? -8.080  -12.780 -10.501 1.00 32.93 ? 42   ARG A CA  1 
ATOM   330  C C   . ARG A 1 62  ? -8.358  -11.960 -11.757 1.00 31.64 ? 42   ARG A C   1 
ATOM   331  O O   . ARG A 1 62  ? -7.435  -11.713 -12.564 1.00 30.38 ? 42   ARG A O   1 
ATOM   332  C CB  . ARG A 1 62  ? -8.680  -14.171 -10.659 1.00 37.28 ? 42   ARG A CB  1 
ATOM   333  C CG  . ARG A 1 62  ? -7.781  -15.242 -11.241 1.00 42.05 ? 42   ARG A CG  1 
ATOM   334  C CD  . ARG A 1 62  ? -8.068  -16.585 -10.566 1.00 45.20 ? 42   ARG A CD  1 
ATOM   335  N NE  . ARG A 1 62  ? -9.496  -16.926 -10.471 1.00 47.31 ? 42   ARG A NE  1 
ATOM   336  C CZ  . ARG A 1 62  ? -10.048 -17.667 -9.505  1.00 48.87 ? 42   ARG A CZ  1 
ATOM   337  N NH1 . ARG A 1 62  ? -9.315  -18.155 -8.510  1.00 46.91 ? 42   ARG A NH1 1 
ATOM   338  N NH2 . ARG A 1 62  ? -11.354 -17.916 -9.525  1.00 47.60 ? 42   ARG A NH2 1 
ATOM   339  N N   . GLU A 1 63  ? -9.612  -11.540 -11.926 1.00 29.40 ? 43   GLU A N   1 
ATOM   340  C CA  . GLU A 1 63  ? -10.017 -10.703 -13.072 1.00 32.11 ? 43   GLU A CA  1 
ATOM   341  C C   . GLU A 1 63  ? -9.289  -9.368  -13.130 1.00 31.32 ? 43   GLU A C   1 
ATOM   342  O O   . GLU A 1 63  ? -8.891  -8.911  -14.205 1.00 30.80 ? 43   GLU A O   1 
ATOM   343  C CB  . GLU A 1 63  ? -11.503 -10.410 -13.023 1.00 33.63 ? 43   GLU A CB  1 
ATOM   344  C CG  . GLU A 1 63  ? -12.372 -11.621 -13.262 1.00 34.57 ? 43   GLU A CG  1 
ATOM   345  C CD  . GLU A 1 63  ? -13.847 -11.331 -13.072 1.00 35.35 ? 43   GLU A CD  1 
ATOM   346  O OE1 . GLU A 1 63  ? -14.243 -10.144 -13.005 1.00 36.88 ? 43   GLU A OE1 1 
ATOM   347  O OE2 . GLU A 1 63  ? -14.614 -12.307 -13.005 1.00 38.70 ? 43   GLU A OE2 1 
ATOM   348  N N   . ILE A 1 64  ? -9.136  -8.729  -11.976 1.00 28.82 ? 44   ILE A N   1 
ATOM   349  C CA  . ILE A 1 64  ? -8.492  -7.413  -11.930 1.00 27.48 ? 44   ILE A CA  1 
ATOM   350  C C   . ILE A 1 64  ? -7.009  -7.577  -12.256 1.00 28.11 ? 44   ILE A C   1 
ATOM   351  O O   . ILE A 1 64  ? -6.468  -6.806  -13.072 1.00 29.17 ? 44   ILE A O   1 
ATOM   352  C CB  . ILE A 1 64  ? -8.729  -6.708  -10.580 1.00 28.85 ? 44   ILE A CB  1 
ATOM   353  C CG1 . ILE A 1 64  ? -10.150 -6.125  -10.545 1.00 28.36 ? 44   ILE A CG1 1 
ATOM   354  C CG2 . ILE A 1 64  ? -7.748  -5.564  -10.363 1.00 28.50 ? 44   ILE A CG2 1 
ATOM   355  C CD1 . ILE A 1 64  ? -10.709 -5.941  -9.147  1.00 29.56 ? 44   ILE A CD1 1 
ATOM   356  N N   . ILE A 1 65  ? -6.379  -8.579  -11.646 1.00 26.15 ? 45   ILE A N   1 
ATOM   357  C CA  . ILE A 1 65  ? -4.947  -8.872  -11.859 1.00 27.12 ? 45   ILE A CA  1 
ATOM   358  C C   . ILE A 1 65  ? -4.647  -9.209  -13.328 1.00 28.83 ? 45   ILE A C   1 
ATOM   359  O O   . ILE A 1 65  ? -3.705  -8.665  -13.918 1.00 28.40 ? 45   ILE A O   1 
ATOM   360  C CB  . ILE A 1 65  ? -4.455  -9.993  -10.919 1.00 27.51 ? 45   ILE A CB  1 
ATOM   361  C CG1 . ILE A 1 65  ? -4.490  -9.484  -9.460  1.00 28.25 ? 45   ILE A CG1 1 
ATOM   362  C CG2 . ILE A 1 65  ? -3.072  -10.502 -11.326 1.00 28.27 ? 45   ILE A CG2 1 
ATOM   363  C CD1 . ILE A 1 65  ? -4.277  -10.561 -8.410  1.00 27.25 ? 45   ILE A CD1 1 
ATOM   364  N N   . GLU A 1 66  ? -5.443  -10.101 -13.912 1.00 28.67 ? 46   GLU A N   1 
ATOM   365  C CA  . GLU A 1 66  ? -5.175  -10.548 -15.278 1.00 30.39 ? 46   GLU A CA  1 
ATOM   366  C C   . GLU A 1 66  ? -5.387  -9.462  -16.337 1.00 30.18 ? 46   GLU A C   1 
ATOM   367  O O   . GLU A 1 66  ? -4.850  -9.582  -17.451 1.00 31.71 ? 46   GLU A O   1 
ATOM   368  C CB  . GLU A 1 66  ? -6.001  -11.793 -15.615 1.00 31.15 ? 46   GLU A CB  1 
ATOM   369  C CG  . GLU A 1 66  ? -7.466  -11.485 -15.888 1.00 31.72 ? 46   GLU A CG  1 
ATOM   370  C CD  . GLU A 1 66  ? -8.329  -12.719 -16.038 1.00 34.24 ? 46   GLU A CD  1 
ATOM   371  O OE1 . GLU A 1 66  ? -7.778  -13.836 -16.163 1.00 33.06 ? 46   GLU A OE1 1 
ATOM   372  O OE2 . GLU A 1 66  ? -9.576  -12.547 -16.040 1.00 34.54 ? 46   GLU A OE2 1 
ATOM   373  N N   . ASN A 1 67  ? -6.172  -8.434  -16.017 1.00 26.84 ? 47   ASN A N   1 
ATOM   374  C CA  . ASN A 1 67  ? -6.520  -7.393  -16.988 1.00 29.29 ? 47   ASN A CA  1 
ATOM   375  C C   . ASN A 1 67  ? -5.767  -6.075  -16.812 1.00 29.85 ? 47   ASN A C   1 
ATOM   376  O O   . ASN A 1 67  ? -5.944  -5.130  -17.589 1.00 30.19 ? 47   ASN A O   1 
ATOM   377  C CB  . ASN A 1 67  ? -8.024  -7.137  -16.945 1.00 30.52 ? 47   ASN A CB  1 
ATOM   378  C CG  . ASN A 1 67  ? -8.805  -8.264  -17.572 1.00 33.28 ? 47   ASN A CG  1 
ATOM   379  O OD1 . ASN A 1 67  ? -9.562  -8.982  -16.902 1.00 33.17 ? 47   ASN A OD1 1 
ATOM   380  N ND2 . ASN A 1 67  ? -8.601  -8.455  -18.863 1.00 29.17 ? 47   ASN A ND2 1 
ATOM   381  N N   . SER A 1 68  ? -4.935  -6.004  -15.778 1.00 27.85 ? 48   SER A N   1 
ATOM   382  C CA  . SER A 1 68  ? -4.324  -4.739  -15.425 1.00 28.52 ? 48   SER A CA  1 
ATOM   383  C C   . SER A 1 68  ? -3.014  -4.442  -16.167 1.00 28.23 ? 48   SER A C   1 
ATOM   384  O O   . SER A 1 68  ? -2.166  -5.310  -16.330 1.00 30.65 ? 48   SER A O   1 
ATOM   385  C CB  . SER A 1 68  ? -4.081  -4.681  -13.918 1.00 28.84 ? 48   SER A CB  1 
ATOM   386  O OG  . SER A 1 68  ? -3.566  -3.418  -13.550 1.00 29.41 ? 48   SER A OG  1 
ATOM   387  N N   . ALA A 1 69  ? -2.864  -3.189  -16.569 1.00 31.14 ? 49   ALA A N   1 
ATOM   388  C CA  . ALA A 1 69  ? -1.627  -2.719  -17.196 1.00 32.14 ? 49   ALA A CA  1 
ATOM   389  C C   . ALA A 1 69  ? -0.635  -2.195  -16.151 1.00 31.75 ? 49   ALA A C   1 
ATOM   390  O O   . ALA A 1 69  ? 0.502   -1.849  -16.484 1.00 34.19 ? 49   ALA A O   1 
ATOM   391  C CB  . ALA A 1 69  ? -1.946  -1.644  -18.228 1.00 32.98 ? 49   ALA A CB  1 
ATOM   392  N N   . ILE A 1 70  ? -1.060  -2.137  -14.888 1.00 29.57 ? 50   ILE A N   1 
ATOM   393  C CA  . ILE A 1 70  ? -0.193  -1.655  -13.793 1.00 27.82 ? 50   ILE A CA  1 
ATOM   394  C C   . ILE A 1 70  ? -0.110  -2.718  -12.684 1.00 28.03 ? 50   ILE A C   1 
ATOM   395  O O   . ILE A 1 70  ? -0.971  -3.581  -12.596 1.00 26.59 ? 50   ILE A O   1 
ATOM   396  C CB  . ILE A 1 70  ? -0.666  -0.281  -13.226 1.00 28.46 ? 50   ILE A CB  1 
ATOM   397  C CG1 . ILE A 1 70  ? -2.079  -0.370  -12.606 1.00 27.47 ? 50   ILE A CG1 1 
ATOM   398  C CG2 . ILE A 1 70  ? -0.554  0.820   -14.291 1.00 30.17 ? 50   ILE A CG2 1 
ATOM   399  C CD1 . ILE A 1 70  ? -2.547  0.917   -11.923 1.00 28.39 ? 50   ILE A CD1 1 
ATOM   400  N N   . PRO A 1 71  ? 0.949   -2.691  -11.856 1.00 28.77 ? 51   PRO A N   1 
ATOM   401  C CA  . PRO A 1 71  ? 1.018   -3.649  -10.751 1.00 27.39 ? 51   PRO A CA  1 
ATOM   402  C C   . PRO A 1 71  ? -0.239  -3.599  -9.884  1.00 25.94 ? 51   PRO A C   1 
ATOM   403  O O   . PRO A 1 71  ? -0.693  -2.518  -9.498  1.00 27.15 ? 51   PRO A O   1 
ATOM   404  C CB  . PRO A 1 71  ? 2.230   -3.162  -9.956  1.00 28.69 ? 51   PRO A CB  1 
ATOM   405  C CG  . PRO A 1 71  ? 3.124   -2.596  -11.025 1.00 27.59 ? 51   PRO A CG  1 
ATOM   406  C CD  . PRO A 1 71  ? 2.193   -1.895  -11.971 1.00 27.52 ? 51   PRO A CD  1 
ATOM   407  N N   . VAL A 1 72  ? -0.783  -4.778  -9.604  1.00 25.98 ? 52   VAL A N   1 
ATOM   408  C CA  . VAL A 1 72  ? -1.910  -4.902  -8.685  1.00 24.18 ? 52   VAL A CA  1 
ATOM   409  C C   . VAL A 1 72  ? -1.431  -5.651  -7.441  1.00 23.38 ? 52   VAL A C   1 
ATOM   410  O O   . VAL A 1 72  ? -1.041  -6.819  -7.500  1.00 25.21 ? 52   VAL A O   1 
ATOM   411  C CB  . VAL A 1 72  ? -3.082  -5.661  -9.344  1.00 26.18 ? 52   VAL A CB  1 
ATOM   412  C CG1 . VAL A 1 72  ? -4.246  -5.848  -8.355  1.00 25.49 ? 52   VAL A CG1 1 
ATOM   413  C CG2 . VAL A 1 72  ? -3.566  -4.905  -10.563 1.00 26.92 ? 52   VAL A CG2 1 
ATOM   414  N N   . PHE A 1 73  ? -1.446  -4.959  -6.311  1.00 24.12 ? 53   PHE A N   1 
ATOM   415  C CA  . PHE A 1 73  ? -1.056  -5.577  -5.057  1.00 22.87 ? 53   PHE A CA  1 
ATOM   416  C C   . PHE A 1 73  ? -2.222  -6.401  -4.499  1.00 22.53 ? 53   PHE A C   1 
ATOM   417  O O   . PHE A 1 73  ? -3.332  -5.907  -4.416  1.00 24.15 ? 53   PHE A O   1 
ATOM   418  C CB  . PHE A 1 73  ? -0.622  -4.501  -4.063  1.00 23.24 ? 53   PHE A CB  1 
ATOM   419  C CG  . PHE A 1 73  ? 0.787   -4.003  -4.309  1.00 25.07 ? 53   PHE A CG  1 
ATOM   420  C CD1 . PHE A 1 73  ? 1.040   -3.038  -5.287  1.00 25.72 ? 53   PHE A CD1 1 
ATOM   421  C CD2 . PHE A 1 73  ? 1.850   -4.534  -3.588  1.00 25.22 ? 53   PHE A CD2 1 
ATOM   422  C CE1 . PHE A 1 73  ? 2.353   -2.608  -5.539  1.00 26.66 ? 53   PHE A CE1 1 
ATOM   423  C CE2 . PHE A 1 73  ? 3.160   -4.105  -3.821  1.00 25.18 ? 53   PHE A CE2 1 
ATOM   424  C CZ  . PHE A 1 73  ? 3.404   -3.144  -4.804  1.00 26.24 ? 53   PHE A CZ  1 
ATOM   425  N N   . LEU A 1 74  ? -1.944  -7.647  -4.142  1.00 23.79 ? 54   LEU A N   1 
ATOM   426  C CA  . LEU A 1 74  ? -2.897  -8.452  -3.358  1.00 22.92 ? 54   LEU A CA  1 
ATOM   427  C C   . LEU A 1 74  ? -2.713  -8.047  -1.892  1.00 23.37 ? 54   LEU A C   1 
ATOM   428  O O   . LEU A 1 74  ? -1.674  -8.326  -1.294  1.00 24.78 ? 54   LEU A O   1 
ATOM   429  C CB  . LEU A 1 74  ? -2.598  -9.928  -3.567  1.00 24.26 ? 54   LEU A CB  1 
ATOM   430  C CG  . LEU A 1 74  ? -3.600  -10.955 -3.030  1.00 24.83 ? 54   LEU A CG  1 
ATOM   431  C CD1 . LEU A 1 74  ? -4.860  -10.874 -3.884  1.00 27.49 ? 54   LEU A CD1 1 
ATOM   432  C CD2 . LEU A 1 74  ? -2.975  -12.345 -3.069  1.00 26.36 ? 54   LEU A CD2 1 
ATOM   433  N N   . VAL A 1 75  ? -3.712  -7.358  -1.336  1.00 22.67 ? 55   VAL A N   1 
ATOM   434  C CA  . VAL A 1 75  ? -3.594  -6.699  -0.025  1.00 23.09 ? 55   VAL A CA  1 
ATOM   435  C C   . VAL A 1 75  ? -4.371  -7.537  0.971   1.00 24.15 ? 55   VAL A C   1 
ATOM   436  O O   . VAL A 1 75  ? -5.534  -7.836  0.730   1.00 25.01 ? 55   VAL A O   1 
ATOM   437  C CB  . VAL A 1 75  ? -4.218  -5.292  -0.054  1.00 22.40 ? 55   VAL A CB  1 
ATOM   438  C CG1 . VAL A 1 75  ? -4.071  -4.580  1.287   1.00 23.51 ? 55   VAL A CG1 1 
ATOM   439  C CG2 . VAL A 1 75  ? -3.611  -4.442  -1.179  1.00 22.97 ? 55   VAL A CG2 1 
ATOM   440  N N   . SER A 1 76  ? -3.747  -7.912  2.078   1.00 22.80 ? 56   SER A N   1 
ATOM   441  C CA  . SER A 1 76  ? -4.458  -8.726  3.058   1.00 22.56 ? 56   SER A CA  1 
ATOM   442  C C   . SER A 1 76  ? -3.868  -8.612  4.463   1.00 23.56 ? 56   SER A C   1 
ATOM   443  O O   . SER A 1 76  ? -2.687  -8.270  4.638   1.00 24.71 ? 56   SER A O   1 
ATOM   444  C CB  . SER A 1 76  ? -4.426  -10.179 2.620   1.00 22.40 ? 56   SER A CB  1 
ATOM   445  O OG  . SER A 1 76  ? -5.283  -10.991 3.427   1.00 26.09 ? 56   SER A OG  1 
ATOM   446  N N   . THR A 1 77  ? -4.706  -8.925  5.452   1.00 23.07 ? 57   THR A N   1 
ATOM   447  C CA  . THR A 1 77  ? -4.259  -9.024  6.835   1.00 25.72 ? 57   THR A CA  1 
ATOM   448  C C   . THR A 1 77  ? -3.916  -10.467 7.204   1.00 25.67 ? 57   THR A C   1 
ATOM   449  O O   . THR A 1 77  ? -3.620  -10.752 8.364   1.00 27.31 ? 57   THR A O   1 
ATOM   450  C CB  . THR A 1 77  ? -5.347  -8.490  7.786   1.00 24.48 ? 57   THR A CB  1 
ATOM   451  O OG1 . THR A 1 77  ? -6.567  -9.191  7.534   1.00 26.97 ? 57   THR A OG1 1 
ATOM   452  C CG2 . THR A 1 77  ? -5.576  -6.998  7.563   1.00 25.20 ? 57   THR A CG2 1 
ATOM   453  N N   . MET A 1 78  ? -3.942  -11.374 6.234   1.00 26.96 ? 58   MET A N   1 
ATOM   454  C CA  . MET A 1 78  ? -3.535  -12.762 6.494   1.00 29.01 ? 58   MET A CA  1 
ATOM   455  C C   . MET A 1 78  ? -2.156  -12.811 7.138   1.00 30.48 ? 58   MET A C   1 
ATOM   456  O O   . MET A 1 78  ? -1.273  -12.026 6.798   1.00 27.82 ? 58   MET A O   1 
ATOM   457  C CB  . MET A 1 78  ? -3.486  -13.568 5.205   1.00 30.49 ? 58   MET A CB  1 
ATOM   458  C CG  . MET A 1 78  ? -4.842  -13.905 4.628   1.00 30.08 ? 58   MET A CG  1 
ATOM   459  S SD  . MET A 1 78  ? -4.659  -14.847 3.113   1.00 32.90 ? 58   MET A SD  1 
ATOM   460  C CE  . MET A 1 78  ? -3.947  -13.630 2.003   1.00 31.28 ? 58   MET A CE  1 
ATOM   461  N N   . VAL A 1 79  ? -1.998  -13.750 8.069   1.00 34.91 ? 59   VAL A N   1 
ATOM   462  C CA  . VAL A 1 79  ? -0.762  -13.941 8.813   1.00 37.48 ? 59   VAL A CA  1 
ATOM   463  C C   . VAL A 1 79  ? 0.009   -15.156 8.280   1.00 37.57 ? 59   VAL A C   1 
ATOM   464  O O   . VAL A 1 79  ? 1.236   -15.133 8.187   1.00 39.30 ? 59   VAL A O   1 
ATOM   465  C CB  . VAL A 1 79  ? -1.055  -14.168 10.319  1.00 39.59 ? 59   VAL A CB  1 
ATOM   466  C CG1 . VAL A 1 79  ? 0.238   -14.434 11.085  1.00 42.51 ? 59   VAL A CG1 1 
ATOM   467  C CG2 . VAL A 1 79  ? -1.798  -12.981 10.922  1.00 39.35 ? 59   VAL A CG2 1 
ATOM   468  N N   . GLY A 1 80  ? -0.723  -16.198 7.915   1.00 37.96 ? 60   GLY A N   1 
ATOM   469  C CA  . GLY A 1 80  ? -0.133  -17.515 7.654   1.00 39.39 ? 60   GLY A CA  1 
ATOM   470  C C   . GLY A 1 80  ? 0.570   -17.665 6.318   1.00 40.35 ? 60   GLY A C   1 
ATOM   471  O O   . GLY A 1 80  ? 0.024   -17.311 5.266   1.00 36.06 ? 60   GLY A O   1 
ATOM   472  N N   . PHE A 1 81  ? 1.788   -18.206 6.375   1.00 39.99 ? 61   PHE A N   1 
ATOM   473  C CA  . PHE A 1 81  ? 2.558   -18.520 5.175   1.00 41.80 ? 61   PHE A CA  1 
ATOM   474  C C   . PHE A 1 81  ? 1.687   -19.228 4.139   1.00 39.89 ? 61   PHE A C   1 
ATOM   475  O O   . PHE A 1 81  ? 1.655   -18.838 2.975   1.00 42.95 ? 61   PHE A O   1 
ATOM   476  C CB  . PHE A 1 81  ? 3.788   -19.381 5.520   1.00 40.22 ? 61   PHE A CB  1 
ATOM   477  C CG  . PHE A 1 81  ? 4.421   -20.036 4.323   1.00 41.88 ? 61   PHE A CG  1 
ATOM   478  C CD1 . PHE A 1 81  ? 5.121   -19.277 3.384   1.00 40.39 ? 61   PHE A CD1 1 
ATOM   479  C CD2 . PHE A 1 81  ? 4.307   -21.415 4.124   1.00 39.88 ? 61   PHE A CD2 1 
ATOM   480  C CE1 . PHE A 1 81  ? 5.688   -19.883 2.269   1.00 41.16 ? 61   PHE A CE1 1 
ATOM   481  C CE2 . PHE A 1 81  ? 4.876   -22.023 3.016   1.00 40.02 ? 61   PHE A CE2 1 
ATOM   482  C CZ  . PHE A 1 81  ? 5.560   -21.258 2.086   1.00 39.37 ? 61   PHE A CZ  1 
ATOM   483  N N   . SER A 1 82  ? 0.979   -20.266 4.562   1.00 42.17 ? 62   SER A N   1 
ATOM   484  C CA  . SER A 1 82  ? 0.210   -21.078 3.617   1.00 41.36 ? 62   SER A CA  1 
ATOM   485  C C   . SER A 1 82  ? -1.105  -20.476 3.115   1.00 39.66 ? 62   SER A C   1 
ATOM   486  O O   . SER A 1 82  ? -1.529  -20.775 1.994   1.00 37.91 ? 62   SER A O   1 
ATOM   487  C CB  . SER A 1 82  ? 0.017   -22.500 4.143   1.00 44.97 ? 62   SER A CB  1 
ATOM   488  O OG  . SER A 1 82  ? 1.285   -23.110 4.303   1.00 46.60 ? 62   SER A OG  1 
ATOM   489  N N   . GLU A 1 83  ? -1.757  -19.618 3.901   1.00 38.00 ? 63   GLU A N   1 
ATOM   490  C CA  . GLU A 1 83  ? -2.902  -18.909 3.332   1.00 36.18 ? 63   GLU A CA  1 
ATOM   491  C C   . GLU A 1 83  ? -2.452  -17.875 2.295   1.00 32.09 ? 63   GLU A C   1 
ATOM   492  O O   . GLU A 1 83  ? -3.138  -17.690 1.313   1.00 30.02 ? 63   GLU A O   1 
ATOM   493  C CB  . GLU A 1 83  ? -3.862  -18.300 4.373   1.00 38.19 ? 63   GLU A CB  1 
ATOM   494  C CG  . GLU A 1 83  ? -3.230  -17.412 5.426   1.00 42.41 ? 63   GLU A CG  1 
ATOM   495  C CD  . GLU A 1 83  ? -4.230  -16.932 6.480   1.00 45.41 ? 63   GLU A CD  1 
ATOM   496  O OE1 . GLU A 1 83  ? -5.459  -17.065 6.264   1.00 47.81 ? 63   GLU A OE1 1 
ATOM   497  O OE2 . GLU A 1 83  ? -3.784  -16.418 7.528   1.00 48.43 ? 63   GLU A OE2 1 
ATOM   498  N N   . TRP A 1 84  ? -1.315  -17.228 2.526   1.00 33.16 ? 64   TRP A N   1 
ATOM   499  C CA  . TRP A 1 84  ? -0.693  -16.367 1.501   1.00 31.48 ? 64   TRP A CA  1 
ATOM   500  C C   . TRP A 1 84  ? -0.377  -17.110 0.228   1.00 32.82 ? 64   TRP A C   1 
ATOM   501  O O   . TRP A 1 84  ? -0.758  -16.670 -0.861  1.00 31.61 ? 64   TRP A O   1 
ATOM   502  C CB  . TRP A 1 84  ? 0.549   -15.681 2.050   1.00 30.23 ? 64   TRP A CB  1 
ATOM   503  C CG  . TRP A 1 84  ? 0.223   -14.365 2.691   1.00 29.74 ? 64   TRP A CG  1 
ATOM   504  C CD1 . TRP A 1 84  ? 0.267   -14.037 4.045   1.00 29.51 ? 64   TRP A CD1 1 
ATOM   505  C CD2 . TRP A 1 84  ? -0.234  -13.156 2.011   1.00 27.71 ? 64   TRP A CD2 1 
ATOM   506  N NE1 . TRP A 1 84  ? -0.113  -12.733 4.245   1.00 28.70 ? 64   TRP A NE1 1 
ATOM   507  C CE2 . TRP A 1 84  ? -0.428  -12.145 3.055   1.00 27.55 ? 64   TRP A CE2 1 
ATOM   508  C CE3 . TRP A 1 84  ? -0.473  -12.809 0.674   1.00 27.35 ? 64   TRP A CE3 1 
ATOM   509  C CZ2 . TRP A 1 84  ? -0.850  -10.855 2.761   1.00 26.42 ? 64   TRP A CZ2 1 
ATOM   510  C CZ3 . TRP A 1 84  ? -0.896  -11.503 0.397   1.00 26.52 ? 64   TRP A CZ3 1 
ATOM   511  C CH2 . TRP A 1 84  ? -1.084  -10.554 1.410   1.00 24.74 ? 64   TRP A CH2 1 
ATOM   512  N N   . ALA A 1 85  ? 0.299   -18.249 0.361   1.00 33.59 ? 65   ALA A N   1 
ATOM   513  C CA  . ALA A 1 85  ? 0.663   -19.091 -0.787  1.00 35.69 ? 65   ALA A CA  1 
ATOM   514  C C   . ALA A 1 85  ? -0.572  -19.428 -1.606  1.00 34.16 ? 65   ALA A C   1 
ATOM   515  O O   . ALA A 1 85  ? -0.609  -19.236 -2.816  1.00 33.11 ? 65   ALA A O   1 
ATOM   516  C CB  . ALA A 1 85  ? 1.359   -20.360 -0.318  1.00 36.80 ? 65   ALA A CB  1 
ATOM   517  N N   . MET A 1 86  ? -1.611  -19.905 -0.930  1.00 36.20 ? 66   MET A N   1 
ATOM   518  C CA  . MET A 1 86  ? -2.834  -20.270 -1.615  1.00 35.48 ? 66   MET A CA  1 
ATOM   519  C C   . MET A 1 86  ? -3.528  -19.085 -2.273  1.00 34.39 ? 66   MET A C   1 
ATOM   520  O O   . MET A 1 86  ? -4.060  -19.220 -3.362  1.00 31.60 ? 66   MET A O   1 
ATOM   521  C CB  . MET A 1 86  ? -3.774  -21.041 -0.677  1.00 39.84 ? 66   MET A CB  1 
ATOM   522  C CG  . MET A 1 86  ? -3.235  -22.410 -0.255  1.00 44.91 ? 66   MET A CG  1 
ATOM   523  S SD  . MET A 1 86  ? -2.390  -23.354 -1.549  1.00 52.77 ? 66   MET A SD  1 
ATOM   524  C CE  . MET A 1 86  ? -3.736  -23.764 -2.665  1.00 53.17 ? 66   MET A CE  1 
ATOM   525  N N   . ALA A 1 87  ? -3.509  -17.916 -1.627  1.00 32.46 ? 67   ALA A N   1 
ATOM   526  C CA  . ALA A 1 87  ? -4.107  -16.732 -2.223  1.00 29.82 ? 67   ALA A CA  1 
ATOM   527  C C   . ALA A 1 87  ? -3.371  -16.306 -3.499  1.00 27.81 ? 67   ALA A C   1 
ATOM   528  O O   . ALA A 1 87  ? -3.995  -15.908 -4.476  1.00 26.52 ? 67   ALA A O   1 
ATOM   529  C CB  . ALA A 1 87  ? -4.146  -15.576 -1.223  1.00 30.91 ? 67   ALA A CB  1 
ATOM   530  N N   . ILE A 1 88  ? -2.050  -16.384 -3.457  1.00 30.43 ? 68   ILE A N   1 
ATOM   531  C CA  . ILE A 1 88  ? -1.208  -16.021 -4.601  1.00 31.33 ? 68   ILE A CA  1 
ATOM   532  C C   . ILE A 1 88  ? -1.502  -16.967 -5.775  1.00 31.43 ? 68   ILE A C   1 
ATOM   533  O O   . ILE A 1 88  ? -1.756  -16.502 -6.894  1.00 32.32 ? 68   ILE A O   1 
ATOM   534  C CB  . ILE A 1 88  ? 0.291   -16.027 -4.212  1.00 31.13 ? 68   ILE A CB  1 
ATOM   535  C CG1 . ILE A 1 88  ? 0.588   -14.909 -3.206  1.00 30.25 ? 68   ILE A CG1 1 
ATOM   536  C CG2 . ILE A 1 88  ? 1.188   -15.857 -5.442  1.00 31.33 ? 68   ILE A CG2 1 
ATOM   537  C CD1 . ILE A 1 88  ? 1.922   -15.060 -2.501  1.00 31.65 ? 68   ILE A CD1 1 
ATOM   538  N N   . GLU A 1 89  ? -1.524  -18.270 -5.491  1.00 34.14 ? 69   GLU A N   1 
ATOM   539  C CA  . GLU A 1 89  ? -1.797  -19.300 -6.498  1.00 37.80 ? 69   GLU A CA  1 
ATOM   540  C C   . GLU A 1 89  ? -3.169  -19.122 -7.127  1.00 37.51 ? 69   GLU A C   1 
ATOM   541  O O   . GLU A 1 89  ? -3.333  -19.182 -8.356  1.00 38.49 ? 69   GLU A O   1 
ATOM   542  C CB  . GLU A 1 89  ? -1.683  -20.691 -5.878  1.00 40.24 ? 69   GLU A CB  1 
ATOM   543  C CG  . GLU A 1 89  ? -0.255  -21.143 -5.653  1.00 43.65 ? 69   GLU A CG  1 
ATOM   544  C CD  . GLU A 1 89  ? -0.151  -22.475 -4.936  1.00 46.52 ? 69   GLU A CD  1 
ATOM   545  O OE1 . GLU A 1 89  ? -1.161  -23.216 -4.861  1.00 49.46 ? 69   GLU A OE1 1 
ATOM   546  O OE2 . GLU A 1 89  ? 0.952   -22.789 -4.448  1.00 48.91 ? 69   GLU A OE2 1 
ATOM   547  N N   . ARG A 1 90  ? -4.158  -18.870 -6.273  1.00 36.12 ? 70   ARG A N   1 
ATOM   548  C CA  . ARG A 1 90  ? -5.527  -18.709 -6.715  1.00 36.88 ? 70   ARG A CA  1 
ATOM   549  C C   . ARG A 1 90  ? -5.752  -17.414 -7.502  1.00 35.28 ? 70   ARG A C   1 
ATOM   550  O O   . ARG A 1 90  ? -6.653  -17.361 -8.317  1.00 37.61 ? 70   ARG A O   1 
ATOM   551  C CB  . ARG A 1 90  ? -6.510  -18.836 -5.525  1.00 36.26 ? 70   ARG A CB  1 
ATOM   552  C CG  . ARG A 1 90  ? -6.583  -20.240 -4.938  1.00 39.96 ? 70   ARG A CG  1 
ATOM   553  C CD  . ARG A 1 90  ? -7.124  -20.253 -3.510  1.00 42.91 ? 70   ARG A CD  1 
ATOM   554  N NE  . ARG A 1 90  ? -6.982  -21.563 -2.858  1.00 45.16 ? 70   ARG A NE  1 
ATOM   555  C CZ  . ARG A 1 90  ? -7.004  -21.756 -1.539  1.00 46.18 ? 70   ARG A CZ  1 
ATOM   556  N NH1 . ARG A 1 90  ? -7.145  -20.729 -0.712  1.00 46.26 ? 70   ARG A NH1 1 
ATOM   557  N NH2 . ARG A 1 90  ? -6.863  -22.975 -1.039  1.00 48.32 ? 70   ARG A NH2 1 
ATOM   558  N N   . THR A 1 91  ? -4.920  -16.382 -7.301  1.00 32.90 ? 71   THR A N   1 
ATOM   559  C CA  . THR A 1 91  ? -5.136  -15.101 -7.983  1.00 29.35 ? 71   THR A CA  1 
ATOM   560  C C   . THR A 1 91  ? -4.152  -14.735 -9.106  1.00 28.90 ? 71   THR A C   1 
ATOM   561  O O   . THR A 1 91  ? -4.454  -13.850 -9.908  1.00 31.99 ? 71   THR A O   1 
ATOM   562  C CB  . THR A 1 91  ? -5.102  -13.902 -7.019  1.00 28.61 ? 71   THR A CB  1 
ATOM   563  O OG1 . THR A 1 91  ? -3.818  -13.869 -6.364  1.00 29.74 ? 71   THR A OG1 1 
ATOM   564  C CG2 . THR A 1 91  ? -6.243  -13.984 -5.984  1.00 29.29 ? 71   THR A CG2 1 
ATOM   565  N N   . GLY A 1 92  ? -2.989  -15.382 -9.124  1.00 30.22 ? 72   GLY A N   1 
ATOM   566  C CA  . GLY A 1 92  ? -1.907  -15.037 -10.057 1.00 30.68 ? 72   GLY A CA  1 
ATOM   567  C C   . GLY A 1 92  ? -1.178  -13.742 -9.700  1.00 31.01 ? 72   GLY A C   1 
ATOM   568  O O   . GLY A 1 92  ? -0.479  -13.156 -10.539 1.00 30.21 ? 72   GLY A O   1 
ATOM   569  N N   . ALA A 1 93  ? -1.307  -13.303 -8.450  1.00 28.70 ? 73   ALA A N   1 
ATOM   570  C CA  . ALA A 1 93  ? -0.699  -12.039 -8.014  1.00 26.87 ? 73   ALA A CA  1 
ATOM   571  C C   . ALA A 1 93  ? 0.820   -12.094 -8.140  1.00 26.32 ? 73   ALA A C   1 
ATOM   572  O O   . ALA A 1 93  ? 1.439   -13.124 -7.850  1.00 28.84 ? 73   ALA A O   1 
ATOM   573  C CB  . ALA A 1 93  ? -1.073  -11.739 -6.558  1.00 25.65 ? 73   ALA A CB  1 
ATOM   574  N N   . GLN A 1 94  ? 1.410   -10.972 -8.539  1.00 26.13 ? 74   GLN A N   1 
ATOM   575  C CA  . GLN A 1 94  ? 2.876   -10.857 -8.581  1.00 28.72 ? 74   GLN A CA  1 
ATOM   576  C C   . GLN A 1 94  ? 3.395   -9.853  -7.555  1.00 28.73 ? 74   GLN A C   1 
ATOM   577  O O   . GLN A 1 94  ? 4.625   -9.720  -7.346  1.00 27.58 ? 74   GLN A O   1 
ATOM   578  C CB  . GLN A 1 94  ? 3.327   -10.463 -9.982  1.00 32.08 ? 74   GLN A CB  1 
ATOM   579  C CG  . GLN A 1 94  ? 3.093   -11.554 -11.011 1.00 37.13 ? 74   GLN A CG  1 
ATOM   580  C CD  . GLN A 1 94  ? 3.466   -11.100 -12.403 1.00 41.40 ? 74   GLN A CD  1 
ATOM   581  O OE1 . GLN A 1 94  ? 2.785   -10.271 -12.993 1.00 48.57 ? 74   GLN A OE1 1 
ATOM   582  N NE2 . GLN A 1 94  ? 4.557   -11.638 -12.929 1.00 46.10 ? 74   GLN A NE2 1 
ATOM   583  N N   . TYR A 1 95  ? 2.448   -9.171  -6.913  1.00 25.30 ? 75   TYR A N   1 
ATOM   584  C CA  . TYR A 1 95  ? 2.710   -8.124  -5.927  1.00 25.12 ? 75   TYR A CA  1 
ATOM   585  C C   . TYR A 1 95  ? 1.803   -8.398  -4.759  1.00 25.41 ? 75   TYR A C   1 
ATOM   586  O O   . TYR A 1 95  ? 0.603   -8.609  -4.959  1.00 24.63 ? 75   TYR A O   1 
ATOM   587  C CB  . TYR A 1 95  ? 2.355   -6.739  -6.487  1.00 25.20 ? 75   TYR A CB  1 
ATOM   588  C CG  . TYR A 1 95  ? 3.212   -6.351  -7.678  1.00 26.16 ? 75   TYR A CG  1 
ATOM   589  C CD1 . TYR A 1 95  ? 2.871   -6.758  -8.971  1.00 27.34 ? 75   TYR A CD1 1 
ATOM   590  C CD2 . TYR A 1 95  ? 4.359   -5.577  -7.498  1.00 27.65 ? 75   TYR A CD2 1 
ATOM   591  C CE1 . TYR A 1 95  ? 3.667   -6.411  -10.066 1.00 30.28 ? 75   TYR A CE1 1 
ATOM   592  C CE2 . TYR A 1 95  ? 5.166   -5.229  -8.573  1.00 29.82 ? 75   TYR A CE2 1 
ATOM   593  C CZ  . TYR A 1 95  ? 4.812   -5.644  -9.850  1.00 31.65 ? 75   TYR A CZ  1 
ATOM   594  O OH  . TYR A 1 95  ? 5.610   -5.276  -10.911 1.00 34.04 ? 75   TYR A OH  1 
ATOM   595  N N   . ILE A 1 96  ? 2.362   -8.390  -3.555  1.00 24.21 ? 76   ILE A N   1 
ATOM   596  C CA  . ILE A 1 96  ? 1.538   -8.521  -2.339  1.00 24.44 ? 76   ILE A CA  1 
ATOM   597  C C   . ILE A 1 96  ? 1.808   -7.415  -1.340  1.00 24.92 ? 76   ILE A C   1 
ATOM   598  O O   . ILE A 1 96  ? 2.919   -6.867  -1.264  1.00 24.13 ? 76   ILE A O   1 
ATOM   599  C CB  . ILE A 1 96  ? 1.680   -9.905  -1.667  1.00 23.58 ? 76   ILE A CB  1 
ATOM   600  C CG1 . ILE A 1 96  ? 3.053   -10.084 -0.988  1.00 25.50 ? 76   ILE A CG1 1 
ATOM   601  C CG2 . ILE A 1 96  ? 1.389   -11.011 -2.677  1.00 24.10 ? 76   ILE A CG2 1 
ATOM   602  C CD1 . ILE A 1 96  ? 3.149   -11.361 -0.159  1.00 25.67 ? 76   ILE A CD1 1 
ATOM   603  N N   . GLN A 1 97  ? 0.774   -7.084  -0.576  1.00 23.74 ? 77   GLN A N   1 
ATOM   604  C CA  . GLN A 1 97  ? 0.885   -6.067  0.451   1.00 25.12 ? 77   GLN A CA  1 
ATOM   605  C C   . GLN A 1 97  ? 0.437   -6.713  1.741   1.00 25.88 ? 77   GLN A C   1 
ATOM   606  O O   . GLN A 1 97  ? -0.725  -7.097  1.897   1.00 25.38 ? 77   GLN A O   1 
ATOM   607  C CB  . GLN A 1 97  ? 0.062   -4.848  0.097   1.00 26.02 ? 77   GLN A CB  1 
ATOM   608  C CG  . GLN A 1 97  ? 0.054   -3.763  1.165   1.00 27.81 ? 77   GLN A CG  1 
ATOM   609  C CD  . GLN A 1 97  ? -0.653  -2.525  0.675   1.00 29.33 ? 77   GLN A CD  1 
ATOM   610  O OE1 . GLN A 1 97  ? -0.463  -2.106  -0.462  1.00 31.43 ? 77   GLN A OE1 1 
ATOM   611  N NE2 . GLN A 1 97  ? -1.487  -1.948  1.519   1.00 31.65 ? 77   GLN A NE2 1 
ATOM   612  N N   . VAL A 1 98  ? 1.395   -6.885  2.643   1.00 26.34 ? 78   VAL A N   1 
ATOM   613  C CA  . VAL A 1 98  ? 1.147   -7.612  3.878   1.00 27.68 ? 78   VAL A CA  1 
ATOM   614  C C   . VAL A 1 98  ? 0.850   -6.639  5.024   1.00 28.00 ? 78   VAL A C   1 
ATOM   615  O O   . VAL A 1 98  ? 1.713   -5.829  5.388   1.00 26.92 ? 78   VAL A O   1 
ATOM   616  C CB  . VAL A 1 98  ? 2.356   -8.503  4.235   1.00 27.50 ? 78   VAL A CB  1 
ATOM   617  C CG1 . VAL A 1 98  ? 2.073   -9.273  5.516   1.00 29.62 ? 78   VAL A CG1 1 
ATOM   618  C CG2 . VAL A 1 98  ? 2.682   -9.466  3.088   1.00 29.83 ? 78   VAL A CG2 1 
ATOM   619  N N   . HIS A 1 99  ? -0.369  -6.711  5.572   1.00 29.92 ? 79   HIS A N   1 
ATOM   620  C CA  A HIS A 1 99  ? -0.718  -5.921  6.758   0.50 30.48 ? 79   HIS A CA  1 
ATOM   621  C CA  B HIS A 1 99  ? -0.809  -5.925  6.729   0.50 30.32 ? 79   HIS A CA  1 
ATOM   622  C C   . HIS A 1 99  ? -1.015  -6.846  7.903   1.00 31.29 ? 79   HIS A C   1 
ATOM   623  O O   . HIS A 1 99  ? -2.164  -7.032  8.324   1.00 31.92 ? 79   HIS A O   1 
ATOM   624  C CB  A HIS A 1 99  ? -1.867  -4.941  6.469   0.50 32.72 ? 79   HIS A CB  1 
ATOM   625  C CB  B HIS A 1 99  ? -2.170  -5.278  6.440   0.50 31.97 ? 79   HIS A CB  1 
ATOM   626  C CG  A HIS A 1 99  ? -2.273  -4.087  7.657   0.50 33.11 ? 79   HIS A CG  1 
ATOM   627  C CG  B HIS A 1 99  ? -2.108  -3.928  5.759   0.50 31.94 ? 79   HIS A CG  1 
ATOM   628  N ND1 A HIS A 1 99  ? -1.411  -3.728  8.630   0.50 35.58 ? 79   HIS A ND1 1 
ATOM   629  N ND1 B HIS A 1 99  ? -2.132  -2.769  6.446   0.50 33.80 ? 79   HIS A ND1 1 
ATOM   630  C CD2 A HIS A 1 99  ? -3.496  -3.506  7.987   0.50 35.15 ? 79   HIS A CD2 1 
ATOM   631  C CD2 B HIS A 1 99  ? -2.087  -3.583  4.407   0.50 32.29 ? 79   HIS A CD2 1 
ATOM   632  C CE1 A HIS A 1 99  ? -2.052  -2.973  9.544   0.50 34.88 ? 79   HIS A CE1 1 
ATOM   633  C CE1 B HIS A 1 99  ? -2.097  -1.736  5.581   0.50 32.93 ? 79   HIS A CE1 1 
ATOM   634  N NE2 A HIS A 1 99  ? -3.326  -2.831  9.146   0.50 35.40 ? 79   HIS A NE2 1 
ATOM   635  N NE2 B HIS A 1 99  ? -2.077  -2.239  4.334   0.50 31.00 ? 79   HIS A NE2 1 
ATOM   636  N N   . SER A 1 100 ? 0.048   -7.454  8.437   1.00 31.09 ? 80   SER A N   1 
ATOM   637  C CA  . SER A 1 100 ? -0.102  -8.409  9.543   1.00 33.41 ? 80   SER A CA  1 
ATOM   638  C C   . SER A 1 100 ? 1.242   -8.697  10.173  1.00 34.23 ? 80   SER A C   1 
ATOM   639  O O   . SER A 1 100 ? 2.243   -8.190  9.700   1.00 34.30 ? 80   SER A O   1 
ATOM   640  C CB  . SER A 1 100 ? -0.671  -9.740  9.055   1.00 32.63 ? 80   SER A CB  1 
ATOM   641  O OG  . SER A 1 100 ? 0.286   -10.424 8.259   1.00 35.97 ? 80   SER A OG  1 
ATOM   642  N N   . ASN A 1 101 ? 1.226   -9.550  11.203  1.00 38.13 ? 81   ASN A N   1 
ATOM   643  C CA  . ASN A 1 101 ? 2.436   -10.013 11.900  1.00 41.63 ? 81   ASN A CA  1 
ATOM   644  C C   . ASN A 1 101 ? 3.030   -11.297 11.317  1.00 42.58 ? 81   ASN A C   1 
ATOM   645  O O   . ASN A 1 101 ? 3.711   -12.050 12.032  1.00 42.69 ? 81   ASN A O   1 
ATOM   646  C CB  . ASN A 1 101 ? 2.160   -10.202 13.402  1.00 43.35 ? 81   ASN A CB  1 
ATOM   647  C CG  . ASN A 1 101 ? 1.775   -8.906  14.095  1.00 48.25 ? 81   ASN A CG  1 
ATOM   648  O OD1 . ASN A 1 101 ? 2.183   -7.814  13.683  1.00 51.13 ? 81   ASN A OD1 1 
ATOM   649  N ND2 . ASN A 1 101 ? 0.979   -9.019  15.155  1.00 49.60 ? 81   ASN A ND2 1 
ATOM   650  N N   . ALA A 1 102 ? 2.767   -11.550 10.030  1.00 41.92 ? 82   ALA A N   1 
ATOM   651  C CA  . ALA A 1 102 ? 3.424   -12.637 9.298   1.00 42.65 ? 82   ALA A CA  1 
ATOM   652  C C   . ALA A 1 102 ? 4.931   -12.509 9.493   1.00 40.76 ? 82   ALA A C   1 
ATOM   653  O O   . ALA A 1 102 ? 5.500   -11.438 9.318   1.00 40.47 ? 82   ALA A O   1 
ATOM   654  C CB  . ALA A 1 102 ? 3.074   -12.582 7.814   1.00 42.25 ? 82   ALA A CB  1 
ATOM   655  N N   . LEU A 1 103 ? 5.565   -13.613 9.867   1.00 45.62 ? 83   LEU A N   1 
ATOM   656  C CA  . LEU A 1 103 ? 6.978   -13.599 10.249  1.00 46.05 ? 83   LEU A CA  1 
ATOM   657  C C   . LEU A 1 103 ? 7.908   -13.253 9.078   1.00 45.67 ? 83   LEU A C   1 
ATOM   658  O O   . LEU A 1 103 ? 7.566   -13.503 7.918   1.00 44.36 ? 83   LEU A O   1 
ATOM   659  C CB  . LEU A 1 103 ? 7.356   -14.955 10.858  1.00 49.61 ? 83   LEU A CB  1 
ATOM   660  C CG  . LEU A 1 103 ? 6.707   -15.337 12.198  1.00 51.29 ? 83   LEU A CG  1 
ATOM   661  C CD1 . LEU A 1 103 ? 6.973   -16.800 12.511  1.00 52.66 ? 83   LEU A CD1 1 
ATOM   662  C CD2 . LEU A 1 103 ? 7.199   -14.461 13.341  1.00 52.53 ? 83   LEU A CD2 1 
ATOM   663  N N   . PRO A 1 104 ? 9.085   -12.665 9.372   1.00 45.01 ? 84   PRO A N   1 
ATOM   664  C CA  . PRO A 1 104 ? 10.098  -12.480 8.334   1.00 44.36 ? 84   PRO A CA  1 
ATOM   665  C C   . PRO A 1 104 ? 10.305  -13.755 7.504   1.00 44.87 ? 84   PRO A C   1 
ATOM   666  O O   . PRO A 1 104 ? 10.436  -13.679 6.278   1.00 44.00 ? 84   PRO A O   1 
ATOM   667  C CB  . PRO A 1 104 ? 11.360  -12.169 9.139   1.00 45.21 ? 84   PRO A CB  1 
ATOM   668  C CG  . PRO A 1 104 ? 10.848  -11.493 10.365  1.00 44.88 ? 84   PRO A CG  1 
ATOM   669  C CD  . PRO A 1 104 ? 9.553   -12.174 10.685  1.00 46.63 ? 84   PRO A CD  1 
ATOM   670  N N   . GLN A 1 105 ? 10.300  -14.916 8.166   1.00 43.82 ? 85   GLN A N   1 
ATOM   671  C CA  . GLN A 1 105 ? 10.530  -16.200 7.487   1.00 44.56 ? 85   GLN A CA  1 
ATOM   672  C C   . GLN A 1 105 ? 9.463   -16.508 6.441   1.00 42.97 ? 85   GLN A C   1 
ATOM   673  O O   . GLN A 1 105 ? 9.757   -17.075 5.392   1.00 42.38 ? 85   GLN A O   1 
ATOM   674  C CB  . GLN A 1 105 ? 10.620  -17.353 8.496   1.00 46.28 ? 85   GLN A CB  1 
ATOM   675  C CG  . GLN A 1 105 ? 11.881  -17.350 9.344   1.00 47.16 ? 85   GLN A CG  1 
ATOM   676  C CD  . GLN A 1 105 ? 11.855  -16.362 10.502  1.00 49.96 ? 85   GLN A CD  1 
ATOM   677  O OE1 . GLN A 1 105 ? 10.885  -15.615 10.696  1.00 48.40 ? 85   GLN A OE1 1 
ATOM   678  N NE2 . GLN A 1 105 ? 12.927  -16.357 11.285  1.00 45.56 ? 85   GLN A NE2 1 
ATOM   679  N N   . THR A 1 106 ? 8.225   -16.133 6.744   1.00 40.68 ? 86   THR A N   1 
ATOM   680  C CA  . THR A 1 106 ? 7.108   -16.299 5.830   1.00 38.17 ? 86   THR A CA  1 
ATOM   681  C C   . THR A 1 106 ? 7.284   -15.389 4.617   1.00 37.15 ? 86   THR A C   1 
ATOM   682  O O   . THR A 1 106 ? 7.144   -15.820 3.471   1.00 37.11 ? 86   THR A O   1 
ATOM   683  C CB  . THR A 1 106 ? 5.783   -15.969 6.550   1.00 37.29 ? 86   THR A CB  1 
ATOM   684  O OG1 . THR A 1 106 ? 5.478   -17.016 7.484   1.00 40.42 ? 86   THR A OG1 1 
ATOM   685  C CG2 . THR A 1 106 ? 4.641   -15.824 5.560   1.00 37.10 ? 86   THR A CG2 1 
ATOM   686  N N   . ILE A 1 107 ? 7.604   -14.126 4.878   1.00 36.26 ? 87   ILE A N   1 
ATOM   687  C CA  . ILE A 1 107 ? 7.814   -13.169 3.804   1.00 36.16 ? 87   ILE A CA  1 
ATOM   688  C C   . ILE A 1 107 ? 8.960   -13.622 2.893   1.00 38.07 ? 87   ILE A C   1 
ATOM   689  O O   . ILE A 1 107 ? 8.843   -13.591 1.664   1.00 35.99 ? 87   ILE A O   1 
ATOM   690  C CB  . ILE A 1 107 ? 8.045   -11.748 4.365   1.00 38.25 ? 87   ILE A CB  1 
ATOM   691  C CG1 . ILE A 1 107 ? 6.703   -11.161 4.836   1.00 38.58 ? 87   ILE A CG1 1 
ATOM   692  C CG2 . ILE A 1 107 ? 8.747   -10.869 3.339   1.00 36.69 ? 87   ILE A CG2 1 
ATOM   693  C CD1 . ILE A 1 107 ? 6.823   -9.925  5.702   1.00 41.50 ? 87   ILE A CD1 1 
ATOM   694  N N   . ASP A 1 108 ? 10.056  -14.070 3.498   1.00 39.08 ? 88   ASP A N   1 
ATOM   695  C CA  . ASP A 1 108 ? 11.212  -14.497 2.726   1.00 39.94 ? 88   ASP A CA  1 
ATOM   696  C C   . ASP A 1 108 ? 10.903  -15.709 1.851   1.00 37.37 ? 88   ASP A C   1 
ATOM   697  O O   . ASP A 1 108 ? 11.312  -15.753 0.686   1.00 40.19 ? 88   ASP A O   1 
ATOM   698  C CB  . ASP A 1 108 ? 12.411  -14.775 3.635   1.00 44.15 ? 88   ASP A CB  1 
ATOM   699  C CG  . ASP A 1 108 ? 13.728  -14.738 2.881   1.00 50.57 ? 88   ASP A CG  1 
ATOM   700  O OD1 . ASP A 1 108 ? 13.903  -13.853 2.008   1.00 53.50 ? 88   ASP A OD1 1 
ATOM   701  O OD2 . ASP A 1 108 ? 14.587  -15.599 3.157   1.00 54.46 ? 88   ASP A OD2 1 
ATOM   702  N N   . THR A 1 109 ? 10.185  -16.682 2.405   1.00 36.20 ? 89   THR A N   1 
ATOM   703  C CA  . THR A 1 109 ? 9.823   -17.892 1.661   1.00 35.67 ? 89   THR A CA  1 
ATOM   704  C C   . THR A 1 109 ? 8.814   -17.626 0.532   1.00 35.23 ? 89   THR A C   1 
ATOM   705  O O   . THR A 1 109 ? 8.904   -18.232 -0.536  1.00 34.98 ? 89   THR A O   1 
ATOM   706  C CB  . THR A 1 109 ? 9.327   -19.016 2.599   1.00 35.93 ? 89   THR A CB  1 
ATOM   707  O OG1 . THR A 1 109 ? 10.284  -19.213 3.647   1.00 39.85 ? 89   THR A OG1 1 
ATOM   708  C CG2 . THR A 1 109 ? 9.145   -20.323 1.834   1.00 39.26 ? 89   THR A CG2 1 
ATOM   709  N N   . LEU A 1 110 ? 7.863   -16.714 0.758   1.00 33.92 ? 90   LEU A N   1 
ATOM   710  C CA  . LEU A 1 110 ? 6.956   -16.298 -0.309  1.00 32.97 ? 90   LEU A CA  1 
ATOM   711  C C   . LEU A 1 110 ? 7.707   -15.675 -1.491  1.00 33.34 ? 90   LEU A C   1 
ATOM   712  O O   . LEU A 1 110 ? 7.382   -15.955 -2.641  1.00 33.47 ? 90   LEU A O   1 
ATOM   713  C CB  . LEU A 1 110 ? 5.872   -15.334 0.199   1.00 33.30 ? 90   LEU A CB  1 
ATOM   714  C CG  . LEU A 1 110 ? 4.881   -15.868 1.233   1.00 32.31 ? 90   LEU A CG  1 
ATOM   715  C CD1 . LEU A 1 110 ? 4.049   -14.709 1.761   1.00 32.18 ? 90   LEU A CD1 1 
ATOM   716  C CD2 . LEU A 1 110 ? 3.992   -16.958 0.661   1.00 30.79 ? 90   LEU A CD2 1 
ATOM   717  N N   . LYS A 1 111 ? 8.711   -14.852 -1.200  1.00 35.47 ? 91   LYS A N   1 
ATOM   718  C CA  . LYS A 1 111 ? 9.546   -14.257 -2.256  1.00 39.66 ? 91   LYS A CA  1 
ATOM   719  C C   . LYS A 1 111 ? 10.270  -15.310 -3.085  1.00 40.84 ? 91   LYS A C   1 
ATOM   720  O O   . LYS A 1 111 ? 10.258  -15.245 -4.308  1.00 41.03 ? 91   LYS A O   1 
ATOM   721  C CB  . LYS A 1 111 ? 10.559  -13.275 -1.670  1.00 39.97 ? 91   LYS A CB  1 
ATOM   722  C CG  . LYS A 1 111 ? 9.957   -11.953 -1.229  1.00 41.43 ? 91   LYS A CG  1 
ATOM   723  C CD  . LYS A 1 111 ? 10.962  -11.044 -0.523  1.00 43.88 ? 91   LYS A CD  1 
ATOM   724  C CE  . LYS A 1 111 ? 12.187  -10.722 -1.373  1.00 47.51 ? 91   LYS A CE  1 
ATOM   725  N NZ  . LYS A 1 111 ? 11.886  -10.002 -2.644  1.00 48.12 ? 91   LYS A NZ  1 
ATOM   726  N N   . LYS A 1 112 ? 10.875  -16.286 -2.415  1.00 44.03 ? 92   LYS A N   1 
ATOM   727  C CA  . LYS A 1 112 ? 11.672  -17.310 -3.098  1.00 46.43 ? 92   LYS A CA  1 
ATOM   728  C C   . LYS A 1 112 ? 10.797  -18.239 -3.922  1.00 44.60 ? 92   LYS A C   1 
ATOM   729  O O   . LYS A 1 112 ? 11.040  -18.425 -5.116  1.00 45.34 ? 92   LYS A O   1 
ATOM   730  C CB  . LYS A 1 112 ? 12.526  -18.112 -2.108  1.00 48.04 ? 92   LYS A CB  1 
ATOM   731  C CG  . LYS A 1 112 ? 13.473  -17.277 -1.256  1.00 55.44 ? 92   LYS A CG  1 
ATOM   732  C CD  . LYS A 1 112 ? 14.364  -16.366 -2.093  1.00 58.67 ? 92   LYS A CD  1 
ATOM   733  C CE  . LYS A 1 112 ? 15.068  -15.324 -1.230  1.00 60.54 ? 92   LYS A CE  1 
ATOM   734  N NZ  . LYS A 1 112 ? 15.871  -15.936 -0.133  1.00 63.59 ? 92   LYS A NZ  1 
ATOM   735  N N   . GLU A 1 113 ? 9.769   -18.799 -3.287  1.00 41.55 ? 93   GLU A N   1 
ATOM   736  C CA  . GLU A 1 113 ? 8.891   -19.770 -3.937  1.00 41.31 ? 93   GLU A CA  1 
ATOM   737  C C   . GLU A 1 113 ? 8.071   -19.166 -5.069  1.00 41.26 ? 93   GLU A C   1 
ATOM   738  O O   . GLU A 1 113 ? 7.866   -19.807 -6.098  1.00 43.53 ? 93   GLU A O   1 
ATOM   739  C CB  . GLU A 1 113 ? 7.975   -20.440 -2.901  1.00 43.77 ? 93   GLU A CB  1 
ATOM   740  C CG  . GLU A 1 113 ? 7.013   -21.474 -3.470  1.00 45.15 ? 93   GLU A CG  1 
ATOM   741  C CD  . GLU A 1 113 ? 6.320   -22.306 -2.403  1.00 48.01 ? 93   GLU A CD  1 
ATOM   742  O OE1 . GLU A 1 113 ? 6.550   -22.070 -1.198  1.00 50.48 ? 93   GLU A OE1 1 
ATOM   743  O OE2 . GLU A 1 113 ? 5.533   -23.201 -2.773  1.00 50.23 ? 93   GLU A OE2 1 
ATOM   744  N N   . PHE A 1 114 ? 7.610   -17.931 -4.886  1.00 37.95 ? 94   PHE A N   1 
ATOM   745  C CA  . PHE A 1 114 ? 6.666   -17.331 -5.824  1.00 36.89 ? 94   PHE A CA  1 
ATOM   746  C C   . PHE A 1 114 ? 7.223   -16.162 -6.641  1.00 36.68 ? 94   PHE A C   1 
ATOM   747  O O   . PHE A 1 114 ? 6.620   -15.754 -7.627  1.00 39.08 ? 94   PHE A O   1 
ATOM   748  C CB  . PHE A 1 114 ? 5.388   -16.915 -5.093  1.00 37.80 ? 94   PHE A CB  1 
ATOM   749  C CG  . PHE A 1 114 ? 4.617   -18.075 -4.533  1.00 39.27 ? 94   PHE A CG  1 
ATOM   750  C CD1 . PHE A 1 114 ? 3.905   -18.927 -5.378  1.00 41.73 ? 94   PHE A CD1 1 
ATOM   751  C CD2 . PHE A 1 114 ? 4.620   -18.333 -3.172  1.00 37.75 ? 94   PHE A CD2 1 
ATOM   752  C CE1 . PHE A 1 114 ? 3.202   -20.005 -4.862  1.00 39.90 ? 94   PHE A CE1 1 
ATOM   753  C CE2 . PHE A 1 114 ? 3.914   -19.399 -2.649  1.00 40.49 ? 94   PHE A CE2 1 
ATOM   754  C CZ  . PHE A 1 114 ? 3.206   -20.240 -3.497  1.00 39.92 ? 94   PHE A CZ  1 
ATOM   755  N N   . GLY A 1 115 ? 8.361   -15.619 -6.227  1.00 36.32 ? 95   GLY A N   1 
ATOM   756  C CA  . GLY A 1 115 ? 8.936   -14.459 -6.905  1.00 35.15 ? 95   GLY A CA  1 
ATOM   757  C C   . GLY A 1 115 ? 8.076   -13.209 -6.815  1.00 34.93 ? 95   GLY A C   1 
ATOM   758  O O   . GLY A 1 115 ? 8.185   -12.314 -7.653  1.00 35.72 ? 95   GLY A O   1 
ATOM   759  N N   . VAL A 1 116 ? 7.205   -13.149 -5.808  1.00 32.08 ? 96   VAL A N   1 
ATOM   760  C CA  . VAL A 1 116 ? 6.373   -11.967 -5.591  1.00 30.10 ? 96   VAL A CA  1 
ATOM   761  C C   . VAL A 1 116 ? 7.179   -10.797 -5.043  1.00 30.15 ? 96   VAL A C   1 
ATOM   762  O O   . VAL A 1 116 ? 8.145   -10.991 -4.297  1.00 29.97 ? 96   VAL A O   1 
ATOM   763  C CB  . VAL A 1 116 ? 5.166   -12.235 -4.659  1.00 30.37 ? 96   VAL A CB  1 
ATOM   764  C CG1 . VAL A 1 116 ? 4.132   -13.118 -5.349  1.00 32.78 ? 96   VAL A CG1 1 
ATOM   765  C CG2 . VAL A 1 116 ? 5.599   -12.840 -3.325  1.00 30.05 ? 96   VAL A CG2 1 
ATOM   766  N N   . PHE A 1 117 ? 6.801   -9.595  -5.461  1.00 26.86 ? 97   PHE A N   1 
ATOM   767  C CA  . PHE A 1 117 ? 7.285   -8.356  -4.857  1.00 29.18 ? 97   PHE A CA  1 
ATOM   768  C C   . PHE A 1 117 ? 6.465   -8.109  -3.592  1.00 29.32 ? 97   PHE A C   1 
ATOM   769  O O   . PHE A 1 117 ? 5.243   -8.113  -3.647  1.00 29.69 ? 97   PHE A O   1 
ATOM   770  C CB  . PHE A 1 117 ? 7.081   -7.217  -5.847  1.00 29.23 ? 97   PHE A CB  1 
ATOM   771  C CG  . PHE A 1 117 ? 7.552   -5.870  -5.360  1.00 31.36 ? 97   PHE A CG  1 
ATOM   772  C CD1 . PHE A 1 117 ? 6.805   -5.136  -4.433  1.00 30.83 ? 97   PHE A CD1 1 
ATOM   773  C CD2 . PHE A 1 117 ? 8.721   -5.307  -5.876  1.00 32.88 ? 97   PHE A CD2 1 
ATOM   774  C CE1 . PHE A 1 117 ? 7.224   -3.887  -3.997  1.00 31.91 ? 97   PHE A CE1 1 
ATOM   775  C CE2 . PHE A 1 117 ? 9.143   -4.047  -5.451  1.00 34.25 ? 97   PHE A CE2 1 
ATOM   776  C CZ  . PHE A 1 117 ? 8.397   -3.336  -4.518  1.00 33.69 ? 97   PHE A CZ  1 
ATOM   777  N N   . VAL A 1 118 ? 7.140   -7.892  -2.468  1.00 27.73 ? 98   VAL A N   1 
ATOM   778  C CA  . VAL A 1 118 ? 6.459   -7.767  -1.179  1.00 27.71 ? 98   VAL A CA  1 
ATOM   779  C C   . VAL A 1 118 ? 6.524   -6.369  -0.592  1.00 27.96 ? 98   VAL A C   1 
ATOM   780  O O   . VAL A 1 118 ? 7.615   -5.846  -0.294  1.00 27.02 ? 98   VAL A O   1 
ATOM   781  C CB  . VAL A 1 118 ? 7.007   -8.767  -0.131  1.00 26.00 ? 98   VAL A CB  1 
ATOM   782  C CG1 . VAL A 1 118 ? 6.235   -8.626  1.182   1.00 27.46 ? 98   VAL A CG1 1 
ATOM   783  C CG2 . VAL A 1 118 ? 6.914   -10.199 -0.639  1.00 28.85 ? 98   VAL A CG2 1 
ATOM   784  N N   . MET A 1 119 ? 5.353   -5.766  -0.395  1.00 26.61 ? 99   MET A N   1 
ATOM   785  C CA  . MET A 1 119 ? 5.287   -4.534  0.360   1.00 27.00 ? 99   MET A CA  1 
ATOM   786  C C   . MET A 1 119 ? 4.729   -4.880  1.725   1.00 28.25 ? 99   MET A C   1 
ATOM   787  O O   . MET A 1 119 ? 3.696   -5.549  1.828   1.00 27.05 ? 99   MET A O   1 
ATOM   788  C CB  . MET A 1 119 ? 4.425   -3.487  -0.334  1.00 27.44 ? 99   MET A CB  1 
ATOM   789  C CG  . MET A 1 119 ? 4.339   -2.185  0.459   1.00 28.19 ? 99   MET A CG  1 
ATOM   790  S SD  . MET A 1 119 ? 4.040   -0.726  -0.552  1.00 30.82 ? 99   MET A SD  1 
ATOM   791  C CE  . MET A 1 119 ? 2.477   -1.209  -1.282  1.00 31.79 ? 99   MET A CE  1 
ATOM   792  N N   . LYS A 1 120 ? 5.439   -4.484  2.774   1.00 27.49 ? 100  LYS A N   1 
ATOM   793  C CA  . LYS A 1 120 ? 4.937   -4.717  4.127   1.00 28.83 ? 100  LYS A CA  1 
ATOM   794  C C   . LYS A 1 120 ? 4.530   -3.407  4.779   1.00 28.09 ? 100  LYS A C   1 
ATOM   795  O O   . LYS A 1 120 ? 5.230   -2.397  4.659   1.00 28.96 ? 100  LYS A O   1 
ATOM   796  C CB  . LYS A 1 120 ? 5.931   -5.493  5.020   1.00 31.14 ? 100  LYS A CB  1 
ATOM   797  C CG  . LYS A 1 120 ? 5.395   -5.606  6.453   1.00 32.79 ? 100  LYS A CG  1 
ATOM   798  C CD  . LYS A 1 120 ? 6.064   -6.639  7.337   1.00 34.99 ? 100  LYS A CD  1 
ATOM   799  C CE  . LYS A 1 120 ? 5.750   -6.325  8.797   1.00 36.48 ? 100  LYS A CE  1 
ATOM   800  N NZ  . LYS A 1 120 ? 4.448   -6.880  9.265   1.00 37.30 ? 100  LYS A NZ  1 
ATOM   801  N N   . ALA A 1 121 ? 3.386   -3.436  5.458   1.00 28.34 ? 101  ALA A N   1 
ATOM   802  C CA  . ALA A 1 121 ? 2.827   -2.292  6.167   1.00 29.15 ? 101  ALA A CA  1 
ATOM   803  C C   . ALA A 1 121 ? 3.288   -2.232  7.612   1.00 33.73 ? 101  ALA A C   1 
ATOM   804  O O   . ALA A 1 121 ? 3.260   -3.240  8.326   1.00 34.41 ? 101  ALA A O   1 
ATOM   805  C CB  . ALA A 1 121 ? 1.307   -2.345  6.128   1.00 31.04 ? 101  ALA A CB  1 
ATOM   806  N N   . PHE A 1 122 ? 3.706   -1.043  8.034   1.00 33.80 ? 102  PHE A N   1 
ATOM   807  C CA  . PHE A 1 122 ? 4.104   -0.802  9.414   1.00 36.37 ? 102  PHE A CA  1 
ATOM   808  C C   . PHE A 1 122 ? 3.298   0.378   9.951   1.00 36.98 ? 102  PHE A C   1 
ATOM   809  O O   . PHE A 1 122 ? 3.164   1.417   9.292   1.00 37.57 ? 102  PHE A O   1 
ATOM   810  C CB  . PHE A 1 122 ? 5.614   -0.527  9.508   1.00 34.44 ? 102  PHE A CB  1 
ATOM   811  C CG  . PHE A 1 122 ? 6.483   -1.705  9.140   1.00 34.91 ? 102  PHE A CG  1 
ATOM   812  C CD1 . PHE A 1 122 ? 6.853   -1.931  7.810   1.00 35.18 ? 102  PHE A CD1 1 
ATOM   813  C CD2 . PHE A 1 122 ? 6.957   -2.580  10.117  1.00 35.86 ? 102  PHE A CD2 1 
ATOM   814  C CE1 . PHE A 1 122 ? 7.667   -3.005  7.467   1.00 35.18 ? 102  PHE A CE1 1 
ATOM   815  C CE2 . PHE A 1 122 ? 7.771   -3.655  9.780   1.00 36.39 ? 102  PHE A CE2 1 
ATOM   816  C CZ  . PHE A 1 122 ? 8.124   -3.871  8.448   1.00 36.15 ? 102  PHE A CZ  1 
ATOM   817  N N   . ARG A 1 123 ? 2.748   0.214   11.151  1.00 39.64 ? 103  ARG A N   1 
ATOM   818  C CA  . ARG A 1 123 ? 2.013   1.290   11.795  1.00 42.43 ? 103  ARG A CA  1 
ATOM   819  C C   . ARG A 1 123 ? 2.980   2.325   12.376  1.00 42.49 ? 103  ARG A C   1 
ATOM   820  O O   . ARG A 1 123 ? 3.961   1.977   13.038  1.00 43.70 ? 103  ARG A O   1 
ATOM   821  C CB  . ARG A 1 123 ? 1.066   0.739   12.880  1.00 45.33 ? 103  ARG A CB  1 
ATOM   822  C CG  . ARG A 1 123 ? 0.408   1.799   13.758  1.00 50.60 ? 103  ARG A CG  1 
ATOM   823  C CD  . ARG A 1 123 ? -0.590  2.659   12.987  1.00 56.82 ? 103  ARG A CD  1 
ATOM   824  N NE  . ARG A 1 123 ? -1.970  2.196   13.137  1.00 61.84 ? 103  ARG A NE  1 
ATOM   825  C CZ  . ARG A 1 123 ? -2.966  2.516   12.311  1.00 64.92 ? 103  ARG A CZ  1 
ATOM   826  N NH1 . ARG A 1 123 ? -2.743  3.294   11.256  1.00 65.02 ? 103  ARG A NH1 1 
ATOM   827  N NH2 . ARG A 1 123 ? -4.187  2.047   12.537  1.00 65.56 ? 103  ARG A NH2 1 
ATOM   828  N N   . VAL A 1 124 ? 2.715   3.595   12.091  1.00 42.14 ? 104  VAL A N   1 
ATOM   829  C CA  . VAL A 1 124 ? 3.389   4.683   12.793  1.00 44.16 ? 104  VAL A CA  1 
ATOM   830  C C   . VAL A 1 124 ? 2.428   5.229   13.856  1.00 47.21 ? 104  VAL A C   1 
ATOM   831  O O   . VAL A 1 124 ? 1.203   5.159   13.683  1.00 47.12 ? 104  VAL A O   1 
ATOM   832  C CB  . VAL A 1 124 ? 3.877   5.813   11.846  1.00 45.80 ? 104  VAL A CB  1 
ATOM   833  C CG1 . VAL A 1 124 ? 4.909   5.286   10.854  1.00 46.34 ? 104  VAL A CG1 1 
ATOM   834  C CG2 . VAL A 1 124 ? 2.720   6.479   11.115  1.00 48.67 ? 104  VAL A CG2 1 
ATOM   835  N N   . PRO A 1 125 ? 2.976   5.753   14.966  1.00 47.47 ? 105  PRO A N   1 
ATOM   836  C CA  . PRO A 1 125 ? 2.160   6.342   16.039  1.00 49.57 ? 105  PRO A CA  1 
ATOM   837  C C   . PRO A 1 125 ? 1.251   7.493   15.568  1.00 49.23 ? 105  PRO A C   1 
ATOM   838  O O   . PRO A 1 125 ? 1.631   8.269   14.693  1.00 46.10 ? 105  PRO A O   1 
ATOM   839  C CB  . PRO A 1 125 ? 3.212   6.879   17.020  1.00 49.48 ? 105  PRO A CB  1 
ATOM   840  C CG  . PRO A 1 125 ? 4.427   6.045   16.783  1.00 48.75 ? 105  PRO A CG  1 
ATOM   841  C CD  . PRO A 1 125 ? 4.411   5.710   15.316  1.00 48.83 ? 105  PRO A CD  1 
ATOM   842  N N   . THR A 1 126 ? 0.056   7.591   16.146  1.00 53.15 ? 106  THR A N   1 
ATOM   843  C CA  . THR A 1 126 ? -0.814  8.755   15.933  1.00 55.98 ? 106  THR A CA  1 
ATOM   844  C C   . THR A 1 126 ? -0.158  9.994   16.550  1.00 57.98 ? 106  THR A C   1 
ATOM   845  O O   . THR A 1 126 ? -0.137  11.069  15.945  1.00 58.33 ? 106  THR A O   1 
ATOM   846  C CB  . THR A 1 126 ? -2.216  8.533   16.539  1.00 58.24 ? 106  THR A CB  1 
ATOM   847  O OG1 . THR A 1 126 ? -2.750  7.289   16.063  1.00 58.83 ? 106  THR A OG1 1 
ATOM   848  C CG2 . THR A 1 126 ? -3.164  9.663   16.157  1.00 58.68 ? 106  THR A CG2 1 
ATOM   849  N N   . ILE A 1 127 ? 0.380   9.826   17.757  1.00 59.27 ? 107  ILE A N   1 
ATOM   850  C CA  . ILE A 1 127 ? 1.198   10.855  18.399  1.00 61.71 ? 107  ILE A CA  1 
ATOM   851  C C   . ILE A 1 127 ? 2.513   10.256  18.911  1.00 62.15 ? 107  ILE A C   1 
ATOM   852  O O   . ILE A 1 127 ? 2.573   9.077   19.271  1.00 63.53 ? 107  ILE A O   1 
ATOM   853  C CB  . ILE A 1 127 ? 0.442   11.593  19.536  1.00 62.58 ? 107  ILE A CB  1 
ATOM   854  C CG1 . ILE A 1 127 ? -0.178  10.600  20.530  1.00 63.48 ? 107  ILE A CG1 1 
ATOM   855  C CG2 . ILE A 1 127 ? -0.610  12.537  18.967  1.00 61.19 ? 107  ILE A CG2 1 
ATOM   856  C CD1 . ILE A 1 127 ? 0.702   10.311  21.728  1.00 62.71 ? 107  ILE A CD1 1 
ATOM   857  N N   . SER A 1 128 ? 3.562   11.072  18.936  1.00 63.01 ? 108  SER A N   1 
ATOM   858  C CA  . SER A 1 128 ? 4.888   10.603  19.313  1.00 64.76 ? 108  SER A CA  1 
ATOM   859  C C   . SER A 1 128 ? 5.593   11.583  20.244  1.00 67.07 ? 108  SER A C   1 
ATOM   860  O O   . SER A 1 128 ? 5.777   12.754  19.900  1.00 68.32 ? 108  SER A O   1 
ATOM   861  C CB  . SER A 1 128 ? 5.735   10.352  18.059  1.00 62.86 ? 108  SER A CB  1 
ATOM   862  O OG  . SER A 1 128 ? 7.066   10.004  18.396  1.00 60.84 ? 108  SER A OG  1 
ATOM   863  N N   . LYS A 1 129 ? 5.981   11.086  21.419  1.00 68.33 ? 109  LYS A N   1 
ATOM   864  C CA  . LYS A 1 129 ? 6.751   11.854  22.397  1.00 67.40 ? 109  LYS A CA  1 
ATOM   865  C C   . LYS A 1 129 ? 8.105   12.260  21.825  1.00 65.53 ? 109  LYS A C   1 
ATOM   866  O O   . LYS A 1 129 ? 8.414   13.448  21.735  1.00 64.54 ? 109  LYS A O   1 
ATOM   867  N N   . ASN A 1 130 ? 8.903   11.269  21.435  1.00 64.50 ? 110  ASN A N   1 
ATOM   868  C CA  . ASN A 1 130 ? 10.187  11.527  20.779  1.00 65.74 ? 110  ASN A CA  1 
ATOM   869  C C   . ASN A 1 130 ? 10.283  10.885  19.385  1.00 65.71 ? 110  ASN A C   1 
ATOM   870  O O   . ASN A 1 130 ? 10.540  9.678   19.268  1.00 62.35 ? 110  ASN A O   1 
ATOM   871  C CB  . ASN A 1 130 ? 11.356  11.092  21.667  1.00 66.67 ? 110  ASN A CB  1 
ATOM   872  C CG  . ASN A 1 130 ? 12.625  11.885  21.394  1.00 69.99 ? 110  ASN A CG  1 
ATOM   873  O OD1 . ASN A 1 130 ? 12.982  12.149  20.241  1.00 70.62 ? 110  ASN A OD1 1 
ATOM   874  N ND2 . ASN A 1 130 ? 13.317  12.268  22.462  1.00 69.04 ? 110  ASN A ND2 1 
ATOM   875  N N   . PRO A 1 131 ? 10.078  11.698  18.325  1.00 63.97 ? 111  PRO A N   1 
ATOM   876  C CA  . PRO A 1 131 ? 10.048  11.260  16.924  1.00 62.80 ? 111  PRO A CA  1 
ATOM   877  C C   . PRO A 1 131 ? 11.300  10.501  16.473  1.00 60.27 ? 111  PRO A C   1 
ATOM   878  O O   . PRO A 1 131 ? 11.184  9.417   15.888  1.00 55.41 ? 111  PRO A O   1 
ATOM   879  C CB  . PRO A 1 131 ? 9.908   12.577  16.142  1.00 62.88 ? 111  PRO A CB  1 
ATOM   880  C CG  . PRO A 1 131 ? 10.301  13.654  17.099  1.00 62.32 ? 111  PRO A CG  1 
ATOM   881  C CD  . PRO A 1 131 ? 9.855   13.151  18.436  1.00 63.27 ? 111  PRO A CD  1 
ATOM   882  N N   . GLU A 1 132 ? 12.475  11.066  16.757  1.00 60.51 ? 112  GLU A N   1 
ATOM   883  C CA  . GLU A 1 132 ? 13.763  10.495  16.359  1.00 58.53 ? 112  GLU A CA  1 
ATOM   884  C C   . GLU A 1 132 ? 13.941  9.051   16.834  1.00 57.07 ? 112  GLU A C   1 
ATOM   885  O O   . GLU A 1 132 ? 14.464  8.202   16.099  1.00 54.55 ? 112  GLU A O   1 
ATOM   886  C CB  . GLU A 1 132 ? 14.908  11.372  16.881  1.00 64.30 ? 112  GLU A CB  1 
ATOM   887  C CG  . GLU A 1 132 ? 16.291  10.993  16.366  1.00 69.06 ? 112  GLU A CG  1 
ATOM   888  C CD  . GLU A 1 132 ? 16.532  11.432  14.932  1.00 72.74 ? 112  GLU A CD  1 
ATOM   889  O OE1 . GLU A 1 132 ? 16.604  12.658  14.682  1.00 75.31 ? 112  GLU A OE1 1 
ATOM   890  O OE2 . GLU A 1 132 ? 16.642  10.549  14.054  1.00 72.62 ? 112  GLU A OE2 1 
ATOM   891  N N   . GLU A 1 133 ? 13.492  8.778   18.056  1.00 52.42 ? 113  GLU A N   1 
ATOM   892  C CA  . GLU A 1 133 ? 13.644  7.458   18.658  1.00 52.39 ? 113  GLU A CA  1 
ATOM   893  C C   . GLU A 1 133 ? 12.588  6.474   18.175  1.00 50.76 ? 113  GLU A C   1 
ATOM   894  O O   . GLU A 1 133 ? 12.878  5.289   18.000  1.00 50.70 ? 113  GLU A O   1 
ATOM   895  C CB  . GLU A 1 133 ? 13.639  7.565   20.180  1.00 53.85 ? 113  GLU A CB  1 
ATOM   896  C CG  . GLU A 1 133 ? 14.928  8.164   20.724  1.00 55.57 ? 113  GLU A CG  1 
ATOM   897  C CD  . GLU A 1 133 ? 14.697  9.143   21.856  1.00 56.92 ? 113  GLU A CD  1 
ATOM   898  O OE1 . GLU A 1 133 ? 13.696  8.976   22.582  1.00 54.66 ? 113  GLU A OE1 1 
ATOM   899  O OE2 . GLU A 1 133 ? 15.516  10.081  22.009  1.00 51.37 ? 113  GLU A OE2 1 
ATOM   900  N N   . ASP A 1 134 ? 11.368  6.965   17.965  1.00 48.17 ? 114  ASP A N   1 
ATOM   901  C CA  . ASP A 1 134 ? 10.305  6.156   17.372  1.00 46.88 ? 114  ASP A CA  1 
ATOM   902  C C   . ASP A 1 134 ? 10.642  5.749   15.937  1.00 42.10 ? 114  ASP A C   1 
ATOM   903  O O   . ASP A 1 134 ? 10.342  4.627   15.534  1.00 41.78 ? 114  ASP A O   1 
ATOM   904  C CB  . ASP A 1 134 ? 8.955   6.880   17.431  1.00 50.51 ? 114  ASP A CB  1 
ATOM   905  C CG  . ASP A 1 134 ? 8.282   6.756   18.795  1.00 53.47 ? 114  ASP A CG  1 
ATOM   906  O OD1 . ASP A 1 134 ? 8.731   5.928   19.623  1.00 53.22 ? 114  ASP A OD1 1 
ATOM   907  O OD2 . ASP A 1 134 ? 7.297   7.488   19.036  1.00 52.15 ? 114  ASP A OD2 1 
ATOM   908  N N   . ALA A 1 135 ? 11.270  6.656   15.189  1.00 41.29 ? 115  ALA A N   1 
ATOM   909  C CA  . ALA A 1 135 ? 11.744  6.363   13.836  1.00 41.48 ? 115  ALA A CA  1 
ATOM   910  C C   . ALA A 1 135 ? 12.821  5.287   13.858  1.00 43.39 ? 115  ALA A C   1 
ATOM   911  O O   . ALA A 1 135 ? 12.755  4.323   13.092  1.00 44.27 ? 115  ALA A O   1 
ATOM   912  C CB  . ALA A 1 135 ? 12.257  7.615   13.150  1.00 42.76 ? 115  ALA A CB  1 
ATOM   913  N N   . ASN A 1 136 ? 13.799  5.434   14.755  1.00 43.82 ? 116  ASN A N   1 
ATOM   914  C CA  . ASN A 1 136 ? 14.866  4.442   14.884  1.00 43.97 ? 116  ASN A CA  1 
ATOM   915  C C   . ASN A 1 136 ? 14.339  3.077   15.337  1.00 42.82 ? 116  ASN A C   1 
ATOM   916  O O   . ASN A 1 136 ? 14.835  2.037   14.896  1.00 46.72 ? 116  ASN A O   1 
ATOM   917  C CB  . ASN A 1 136 ? 15.982  4.956   15.805  1.00 44.15 ? 116  ASN A CB  1 
ATOM   918  C CG  . ASN A 1 136 ? 16.918  5.925   15.101  1.00 47.02 ? 116  ASN A CG  1 
ATOM   919  O OD1 . ASN A 1 136 ? 17.071  5.889   13.875  1.00 48.45 ? 116  ASN A OD1 1 
ATOM   920  N ND2 . ASN A 1 136 ? 17.559  6.792   15.873  1.00 46.11 ? 116  ASN A ND2 1 
ATOM   921  N N   . ARG A 1 137 ? 13.314  3.084   16.188  1.00 39.06 ? 117  ARG A N   1 
ATOM   922  C CA  . ARG A 1 137 ? 12.679  1.845   16.636  1.00 40.35 ? 117  ARG A CA  1 
ATOM   923  C C   . ARG A 1 137 ? 11.954  1.119   15.488  1.00 42.65 ? 117  ARG A C   1 
ATOM   924  O O   . ARG A 1 137 ? 12.086  -0.096  15.328  1.00 38.63 ? 117  ARG A O   1 
ATOM   925  C CB  . ARG A 1 137 ? 11.676  2.123   17.749  1.00 42.29 ? 117  ARG A CB  1 
ATOM   926  C CG  . ARG A 1 137 ? 11.064  0.862   18.334  1.00 45.47 ? 117  ARG A CG  1 
ATOM   927  C CD  . ARG A 1 137 ? 9.606   1.070   18.700  1.00 49.75 ? 117  ARG A CD  1 
ATOM   928  N NE  . ARG A 1 137 ? 8.816   -0.120  18.389  1.00 54.57 ? 117  ARG A NE  1 
ATOM   929  C CZ  . ARG A 1 137 ? 7.552   -0.320  18.760  1.00 58.09 ? 117  ARG A CZ  1 
ATOM   930  N NH1 . ARG A 1 137 ? 6.901   0.589   19.476  1.00 59.60 ? 117  ARG A NH1 1 
ATOM   931  N NH2 . ARG A 1 137 ? 6.936   -1.448  18.413  1.00 59.80 ? 117  ARG A NH2 1 
ATOM   932  N N   . LEU A 1 138 ? 11.173  1.865   14.713  1.00 40.49 ? 118  LEU A N   1 
ATOM   933  C CA  . LEU A 1 138 ? 10.486  1.277   13.560  1.00 42.37 ? 118  LEU A CA  1 
ATOM   934  C C   . LEU A 1 138 ? 11.494  0.781   12.523  1.00 40.99 ? 118  LEU A C   1 
ATOM   935  O O   . LEU A 1 138 ? 11.265  -0.248  11.886  1.00 39.77 ? 118  LEU A O   1 
ATOM   936  C CB  . LEU A 1 138 ? 9.511   2.275   12.933  1.00 43.57 ? 118  LEU A CB  1 
ATOM   937  C CG  . LEU A 1 138 ? 8.479   1.754   11.926  1.00 45.56 ? 118  LEU A CG  1 
ATOM   938  C CD1 . LEU A 1 138 ? 7.404   0.912   12.602  1.00 43.36 ? 118  LEU A CD1 1 
ATOM   939  C CD2 . LEU A 1 138 ? 7.852   2.946   11.224  1.00 46.42 ? 118  LEU A CD2 1 
ATOM   940  N N   . LEU A 1 139 ? 12.605  1.502   12.371  1.00 40.99 ? 119  LEU A N   1 
ATOM   941  C CA  . LEU A 1 139 ? 13.675  1.111   11.441  1.00 43.42 ? 119  LEU A CA  1 
ATOM   942  C C   . LEU A 1 139 ? 14.328  -0.237  11.765  1.00 45.68 ? 119  LEU A C   1 
ATOM   943  O O   . LEU A 1 139 ? 14.640  -1.004  10.854  1.00 43.44 ? 119  LEU A O   1 
ATOM   944  C CB  . LEU A 1 139 ? 14.730  2.215   11.302  1.00 43.80 ? 119  LEU A CB  1 
ATOM   945  C CG  . LEU A 1 139 ? 14.355  3.431   10.445  1.00 43.20 ? 119  LEU A CG  1 
ATOM   946  C CD1 . LEU A 1 139 ? 15.288  4.597   10.745  1.00 44.05 ? 119  LEU A CD1 1 
ATOM   947  C CD2 . LEU A 1 139 ? 14.359  3.118   8.951   1.00 43.24 ? 119  LEU A CD2 1 
ATOM   948  N N   . SER A 1 140 ? 14.528  -0.531  13.048  1.00 47.27 ? 120  SER A N   1 
ATOM   949  C CA  . SER A 1 140 ? 15.041  -1.851  13.439  1.00 51.03 ? 120  SER A CA  1 
ATOM   950  C C   . SER A 1 140 ? 13.971  -2.925  13.256  1.00 51.46 ? 120  SER A C   1 
ATOM   951  O O   . SER A 1 140 ? 14.283  -4.075  12.952  1.00 54.75 ? 120  SER A O   1 
ATOM   952  C CB  . SER A 1 140 ? 15.570  -1.851  14.878  1.00 49.48 ? 120  SER A CB  1 
ATOM   953  O OG  . SER A 1 140 ? 14.592  -1.379  15.783  1.00 54.26 ? 120  SER A OG  1 
ATOM   954  N N   . GLU A 1 141 ? 12.712  -2.532  13.439  1.00 52.96 ? 121  GLU A N   1 
ATOM   955  C CA  . GLU A 1 141 ? 11.555  -3.396  13.196  1.00 50.98 ? 121  GLU A CA  1 
ATOM   956  C C   . GLU A 1 141 ? 11.459  -3.746  11.703  1.00 46.98 ? 121  GLU A C   1 
ATOM   957  O O   . GLU A 1 141 ? 11.144  -4.883  11.347  1.00 47.28 ? 121  GLU A O   1 
ATOM   958  C CB  . GLU A 1 141 ? 10.293  -2.680  13.676  1.00 57.14 ? 121  GLU A CB  1 
ATOM   959  C CG  . GLU A 1 141 ? 9.029   -3.519  13.786  1.00 62.76 ? 121  GLU A CG  1 
ATOM   960  C CD  . GLU A 1 141 ? 7.832   -2.682  14.220  1.00 67.71 ? 121  GLU A CD  1 
ATOM   961  O OE1 . GLU A 1 141 ? 7.995   -1.812  15.110  1.00 68.17 ? 121  GLU A OE1 1 
ATOM   962  O OE2 . GLU A 1 141 ? 6.727   -2.885  13.666  1.00 70.36 ? 121  GLU A OE2 1 
ATOM   963  N N   . ILE A 1 142 ? 11.756  -2.760  10.855  1.00 45.46 ? 122  ILE A N   1 
ATOM   964  C CA  . ILE A 1 142 ? 11.784  -2.899  9.394   1.00 42.42 ? 122  ILE A CA  1 
ATOM   965  C C   . ILE A 1 142 ? 12.941  -3.795  8.909   1.00 47.24 ? 122  ILE A C   1 
ATOM   966  O O   . ILE A 1 142 ? 12.731  -4.701  8.101   1.00 46.09 ? 122  ILE A O   1 
ATOM   967  C CB  . ILE A 1 142 ? 11.807  -1.504  8.715   1.00 39.16 ? 122  ILE A CB  1 
ATOM   968  C CG1 . ILE A 1 142 ? 10.435  -0.821  8.860   1.00 37.13 ? 122  ILE A CG1 1 
ATOM   969  C CG2 . ILE A 1 142 ? 12.219  -1.582  7.250   1.00 37.22 ? 122  ILE A CG2 1 
ATOM   970  C CD1 . ILE A 1 142 ? 10.444  0.674   8.611   1.00 35.67 ? 122  ILE A CD1 1 
ATOM   971  N N   . SER A 1 143 ? 14.152  -3.556  9.418   1.00 48.69 ? 123  SER A N   1 
ATOM   972  C CA  . SER A 1 143 ? 15.326  -4.344  9.024   1.00 50.67 ? 123  SER A CA  1 
ATOM   973  C C   . SER A 1 143 ? 15.227  -5.830  9.421   1.00 50.02 ? 123  SER A C   1 
ATOM   974  O O   . SER A 1 143 ? 16.013  -6.650  8.949   1.00 53.00 ? 123  SER A O   1 
ATOM   975  C CB  . SER A 1 143 ? 16.623  -3.707  9.558   1.00 52.77 ? 123  SER A CB  1 
ATOM   976  O OG  . SER A 1 143 ? 16.675  -3.732  10.977  1.00 53.79 ? 123  SER A OG  1 
ATOM   977  N N   . ARG A 1 144 ? 14.261  -6.159  10.275  1.00 50.60 ? 124  ARG A N   1 
ATOM   978  C CA  . ARG A 1 144 ? 13.958  -7.540  10.670  1.00 53.38 ? 124  ARG A CA  1 
ATOM   979  C C   . ARG A 1 144 ? 13.248  -8.326  9.552   1.00 55.38 ? 124  ARG A C   1 
ATOM   980  O O   . ARG A 1 144 ? 13.481  -9.523  9.373   1.00 56.31 ? 124  ARG A O   1 
ATOM   981  C CB  . ARG A 1 144 ? 13.112  -7.531  11.945  1.00 56.70 ? 124  ARG A CB  1 
ATOM   982  C CG  . ARG A 1 144 ? 12.749  -8.896  12.508  1.00 60.28 ? 124  ARG A CG  1 
ATOM   983  C CD  . ARG A 1 144 ? 11.854  -8.744  13.727  1.00 64.58 ? 124  ARG A CD  1 
ATOM   984  N NE  . ARG A 1 144 ? 10.907  -9.851  13.862  1.00 67.28 ? 124  ARG A NE  1 
ATOM   985  C CZ  . ARG A 1 144 ? 9.839   -9.836  14.657  1.00 70.30 ? 124  ARG A CZ  1 
ATOM   986  N NH1 . ARG A 1 144 ? 9.566   -8.768  15.399  1.00 72.05 ? 124  ARG A NH1 1 
ATOM   987  N NH2 . ARG A 1 144 ? 9.038   -10.892 14.711  1.00 72.21 ? 124  ARG A NH2 1 
ATOM   988  N N   . TYR A 1 145 ? 12.384  -7.646  8.806   1.00 55.61 ? 125  TYR A N   1 
ATOM   989  C CA  . TYR A 1 145 ? 11.734  -8.244  7.636   1.00 53.97 ? 125  TYR A CA  1 
ATOM   990  C C   . TYR A 1 145 ? 12.564  -7.928  6.397   1.00 53.78 ? 125  TYR A C   1 
ATOM   991  O O   . TYR A 1 145 ? 13.361  -6.996  6.405   1.00 56.85 ? 125  TYR A O   1 
ATOM   992  C CB  . TYR A 1 145 ? 10.305  -7.712  7.491   1.00 50.18 ? 125  TYR A CB  1 
ATOM   993  C CG  . TYR A 1 145 ? 9.428   -7.985  8.698   1.00 49.42 ? 125  TYR A CG  1 
ATOM   994  C CD1 . TYR A 1 145 ? 9.519   -7.199  9.841   1.00 49.49 ? 125  TYR A CD1 1 
ATOM   995  C CD2 . TYR A 1 145 ? 8.518   -9.038  8.701   1.00 47.63 ? 125  TYR A CD2 1 
ATOM   996  C CE1 . TYR A 1 145 ? 8.729   -7.448  10.953  1.00 51.30 ? 125  TYR A CE1 1 
ATOM   997  C CE2 . TYR A 1 145 ? 7.720   -9.292  9.806   1.00 46.45 ? 125  TYR A CE2 1 
ATOM   998  C CZ  . TYR A 1 145 ? 7.829   -8.498  10.926  1.00 50.38 ? 125  TYR A CZ  1 
ATOM   999  O OH  . TYR A 1 145 ? 7.044   -8.745  12.030  1.00 55.41 ? 125  TYR A OH  1 
ATOM   1000 N N   . ASN A 1 146 ? 12.401  -8.723  5.345   1.00 55.31 ? 126  ASN A N   1 
ATOM   1001 C CA  . ASN A 1 146 ? 13.132  -8.511  4.100   1.00 52.55 ? 126  ASN A CA  1 
ATOM   1002 C C   . ASN A 1 146 ? 12.177  -8.044  2.998   1.00 50.78 ? 126  ASN A C   1 
ATOM   1003 O O   . ASN A 1 146 ? 12.146  -8.602  1.895   1.00 53.45 ? 126  ASN A O   1 
ATOM   1004 C CB  . ASN A 1 146 ? 13.881  -9.795  3.706   1.00 58.20 ? 126  ASN A CB  1 
ATOM   1005 C CG  . ASN A 1 146 ? 14.684  -9.644  2.428   1.00 58.05 ? 126  ASN A CG  1 
ATOM   1006 O OD1 . ASN A 1 146 ? 15.402  -8.662  2.244   1.00 60.94 ? 126  ASN A OD1 1 
ATOM   1007 N ND2 . ASN A 1 146 ? 14.561  -10.623 1.532   1.00 59.50 ? 126  ASN A ND2 1 
ATOM   1008 N N   . ALA A 1 147 ? 11.395  -7.011  3.308   1.00 47.52 ? 127  ALA A N   1 
ATOM   1009 C CA  . ALA A 1 147 ? 10.371  -6.520  2.385   1.00 42.68 ? 127  ALA A CA  1 
ATOM   1010 C C   . ALA A 1 147 ? 10.989  -5.690  1.271   1.00 42.79 ? 127  ALA A C   1 
ATOM   1011 O O   . ALA A 1 147 ? 11.963  -4.969  1.494   1.00 42.77 ? 127  ALA A O   1 
ATOM   1012 C CB  . ALA A 1 147 ? 9.307   -5.725  3.132   1.00 42.32 ? 127  ALA A CB  1 
ATOM   1013 N N   . ASP A 1 148 ? 10.427  -5.808  0.069   1.00 37.75 ? 128  ASP A N   1 
ATOM   1014 C CA  . ASP A 1 148 ? 10.851  -5.023  -1.090  1.00 35.24 ? 128  ASP A CA  1 
ATOM   1015 C C   . ASP A 1 148 ? 10.456  -3.549  -1.009  1.00 35.06 ? 128  ASP A C   1 
ATOM   1016 O O   . ASP A 1 148 ? 11.084  -2.698  -1.638  1.00 33.63 ? 128  ASP A O   1 
ATOM   1017 C CB  . ASP A 1 148 ? 10.287  -5.632  -2.370  1.00 38.10 ? 128  ASP A CB  1 
ATOM   1018 C CG  . ASP A 1 148 ? 10.791  -7.043  -2.604  1.00 41.31 ? 128  ASP A CG  1 
ATOM   1019 O OD1 . ASP A 1 148 ? 12.012  -7.194  -2.846  1.00 41.92 ? 128  ASP A OD1 1 
ATOM   1020 O OD2 . ASP A 1 148 ? 9.989   -8.002  -2.510  1.00 35.98 ? 128  ASP A OD2 1 
ATOM   1021 N N   . MET A 1 149 ? 9.390   -3.254  -0.273  1.00 32.75 ? 129  MET A N   1 
ATOM   1022 C CA  . MET A 1 149 ? 8.953   -1.868  -0.072  1.00 31.07 ? 129  MET A CA  1 
ATOM   1023 C C   . MET A 1 149 ? 8.277   -1.767  1.278   1.00 31.37 ? 129  MET A C   1 
ATOM   1024 O O   . MET A 1 149 ? 7.646   -2.719  1.735   1.00 31.70 ? 129  MET A O   1 
ATOM   1025 C CB  . MET A 1 149 ? 8.006   -1.414  -1.196  1.00 31.05 ? 129  MET A CB  1 
ATOM   1026 C CG  . MET A 1 149 ? 7.533   0.046   -1.120  1.00 33.12 ? 129  MET A CG  1 
ATOM   1027 S SD  . MET A 1 149 ? 8.848   1.291   -0.956  1.00 37.38 ? 129  MET A SD  1 
ATOM   1028 C CE  . MET A 1 149 ? 9.664   1.084   -2.542  1.00 37.10 ? 129  MET A CE  1 
ATOM   1029 N N   . VAL A 1 150 ? 8.433   -0.616  1.921   1.00 28.79 ? 130  VAL A N   1 
ATOM   1030 C CA  . VAL A 1 150 ? 7.798   -0.359  3.203   1.00 30.44 ? 130  VAL A CA  1 
ATOM   1031 C C   . VAL A 1 150 ? 6.606   0.572   2.998   1.00 28.03 ? 130  VAL A C   1 
ATOM   1032 O O   . VAL A 1 150 ? 6.705   1.617   2.347   1.00 28.49 ? 130  VAL A O   1 
ATOM   1033 C CB  . VAL A 1 150 ? 8.800   0.267   4.214   1.00 30.50 ? 130  VAL A CB  1 
ATOM   1034 C CG1 . VAL A 1 150 ? 8.076   0.918   5.377   1.00 32.07 ? 130  VAL A CG1 1 
ATOM   1035 C CG2 . VAL A 1 150 ? 9.775   -0.774  4.727   1.00 33.69 ? 130  VAL A CG2 1 
ATOM   1036 N N   . LEU A 1 151 ? 5.473   0.200   3.569   1.00 26.93 ? 131  LEU A N   1 
ATOM   1037 C CA  . LEU A 1 151 ? 4.322   1.072   3.584   1.00 26.43 ? 131  LEU A CA  1 
ATOM   1038 C C   . LEU A 1 151 ? 4.133   1.509   5.030   1.00 27.91 ? 131  LEU A C   1 
ATOM   1039 O O   . LEU A 1 151 ? 4.187   0.673   5.931   1.00 29.89 ? 131  LEU A O   1 
ATOM   1040 C CB  . LEU A 1 151 ? 3.076   0.343   3.062   1.00 28.29 ? 131  LEU A CB  1 
ATOM   1041 C CG  . LEU A 1 151 ? 1.716   1.038   3.197   1.00 30.71 ? 131  LEU A CG  1 
ATOM   1042 C CD1 . LEU A 1 151 ? 1.580   2.250   2.295   1.00 34.21 ? 131  LEU A CD1 1 
ATOM   1043 C CD2 . LEU A 1 151 ? 0.596   0.036   2.900   1.00 33.42 ? 131  LEU A CD2 1 
ATOM   1044 N N   . LEU A 1 152 ? 3.978   2.811   5.248   1.00 28.70 ? 132  LEU A N   1 
ATOM   1045 C CA  . LEU A 1 152 ? 3.752   3.352   6.594   1.00 30.64 ? 132  LEU A CA  1 
ATOM   1046 C C   . LEU A 1 152 ? 2.316   3.826   6.712   1.00 32.84 ? 132  LEU A C   1 
ATOM   1047 O O   . LEU A 1 152 ? 1.887   4.689   5.947   1.00 32.12 ? 132  LEU A O   1 
ATOM   1048 C CB  . LEU A 1 152 ? 4.716   4.509   6.897   1.00 32.37 ? 132  LEU A CB  1 
ATOM   1049 C CG  . LEU A 1 152 ? 6.226   4.234   6.892   1.00 33.01 ? 132  LEU A CG  1 
ATOM   1050 C CD1 . LEU A 1 152 ? 6.972   5.507   7.303   1.00 34.75 ? 132  LEU A CD1 1 
ATOM   1051 C CD2 . LEU A 1 152 ? 6.600   3.069   7.789   1.00 34.16 ? 132  LEU A CD2 1 
ATOM   1052 N N   . ASP A 1 153 ? 1.581   3.246   7.663   1.00 37.59 ? 133  ASP A N   1 
ATOM   1053 C CA  . ASP A 1 153 ? 0.178   3.601   7.912   1.00 46.52 ? 133  ASP A CA  1 
ATOM   1054 C C   . ASP A 1 153 ? 0.082   4.665   8.980   1.00 52.15 ? 133  ASP A C   1 
ATOM   1055 O O   . ASP A 1 153 ? 0.489   4.426   10.115  1.00 52.92 ? 133  ASP A O   1 
ATOM   1056 C CB  . ASP A 1 153 ? -0.620  2.400   8.428   1.00 51.97 ? 133  ASP A CB  1 
ATOM   1057 C CG  . ASP A 1 153 ? -0.664  1.257   7.459   1.00 54.71 ? 133  ASP A CG  1 
ATOM   1058 O OD1 . ASP A 1 153 ? -0.834  1.496   6.246   1.00 60.02 ? 133  ASP A OD1 1 
ATOM   1059 O OD2 . ASP A 1 153 ? -0.548  0.104   7.927   1.00 58.49 ? 133  ASP A OD2 1 
ATOM   1060 N N   . THR A 1 154 ? -0.479  5.817   8.620   1.00 56.41 ? 134  THR A N   1 
ATOM   1061 C CA  . THR A 1 154 ? -0.748  6.901   9.566   1.00 59.59 ? 134  THR A CA  1 
ATOM   1062 C C   . THR A 1 154 ? -1.970  6.580   10.432  1.00 61.19 ? 134  THR A C   1 
ATOM   1063 O O   . THR A 1 154 ? -3.034  6.221   9.921   1.00 63.12 ? 134  THR A O   1 
ATOM   1064 C CB  . THR A 1 154 ? -0.947  8.248   8.833   1.00 62.91 ? 134  THR A CB  1 
ATOM   1065 O OG1 . THR A 1 154 ? 0.294   8.658   8.248   1.00 61.66 ? 134  THR A OG1 1 
ATOM   1066 C CG2 . THR A 1 154 ? -1.443  9.340   9.793   1.00 65.15 ? 134  THR A CG2 1 
ATOM   1067 N N   . HIS A 1 162 ? -1.903  11.854  12.105  1.00 66.60 ? 142  HIS A N   1 
ATOM   1068 C CA  . HIS A 1 162 ? -1.711  13.099  12.837  1.00 63.90 ? 142  HIS A CA  1 
ATOM   1069 C C   . HIS A 1 162 ? -0.268  13.504  12.792  1.00 63.87 ? 142  HIS A C   1 
ATOM   1070 O O   . HIS A 1 162 ? 0.111   14.418  12.054  1.00 60.83 ? 142  HIS A O   1 
ATOM   1071 N N   . ASP A 1 163 ? 0.553   12.826  13.590  1.00 60.32 ? 143  ASP A N   1 
ATOM   1072 C CA  . ASP A 1 163 ? 1.988   13.076  13.595  1.00 57.73 ? 143  ASP A CA  1 
ATOM   1073 C C   . ASP A 1 163 ? 2.628   12.543  12.320  1.00 55.96 ? 143  ASP A C   1 
ATOM   1074 O O   . ASP A 1 163 ? 2.434   11.380  11.968  1.00 56.61 ? 143  ASP A O   1 
ATOM   1075 C CB  . ASP A 1 163 ? 2.653   12.424  14.803  1.00 58.82 ? 143  ASP A CB  1 
ATOM   1076 C CG  . ASP A 1 163 ? 4.158   12.579  14.782  1.00 59.08 ? 143  ASP A CG  1 
ATOM   1077 O OD1 . ASP A 1 163 ? 4.635   13.713  14.999  1.00 60.78 ? 143  ASP A OD1 1 
ATOM   1078 O OD2 . ASP A 1 163 ? 4.856   11.572  14.535  1.00 57.24 ? 143  ASP A OD2 1 
ATOM   1079 N N   . LEU A 1 164 ? 3.385   13.409  11.647  1.00 54.55 ? 144  LEU A N   1 
ATOM   1080 C CA  . LEU A 1 164 ? 4.102   13.079  10.419  1.00 51.30 ? 144  LEU A CA  1 
ATOM   1081 C C   . LEU A 1 164 ? 5.614   13.079  10.640  1.00 51.85 ? 144  LEU A C   1 
ATOM   1082 O O   . LEU A 1 164 ? 6.387   12.803  9.714   1.00 47.98 ? 144  LEU A O   1 
ATOM   1083 C CB  . LEU A 1 164 ? 3.773   14.094  9.320   1.00 51.86 ? 144  LEU A CB  1 
ATOM   1084 C CG  . LEU A 1 164 ? 2.339   14.255  8.812   1.00 53.25 ? 144  LEU A CG  1 
ATOM   1085 C CD1 . LEU A 1 164 ? 2.259   15.475  7.914   1.00 51.96 ? 144  LEU A CD1 1 
ATOM   1086 C CD2 . LEU A 1 164 ? 1.861   13.021  8.066   1.00 53.26 ? 144  LEU A CD2 1 
ATOM   1087 N N   . ARG A 1 165 ? 6.028   13.405  11.863  1.00 49.03 ? 145  ARG A N   1 
ATOM   1088 C CA  . ARG A 1 165 ? 7.441   13.516  12.197  1.00 48.66 ? 145  ARG A CA  1 
ATOM   1089 C C   . ARG A 1 165 ? 8.182   12.181  12.153  1.00 44.94 ? 145  ARG A C   1 
ATOM   1090 O O   . ARG A 1 165 ? 9.303   12.119  11.648  1.00 43.82 ? 145  ARG A O   1 
ATOM   1091 C CB  . ARG A 1 165 ? 7.626   14.191  13.563  1.00 53.87 ? 145  ARG A CB  1 
ATOM   1092 C CG  . ARG A 1 165 ? 7.455   15.707  13.538  1.00 58.46 ? 145  ARG A CG  1 
ATOM   1093 C CD  . ARG A 1 165 ? 8.538   16.374  12.701  1.00 62.94 ? 145  ARG A CD  1 
ATOM   1094 N NE  . ARG A 1 165 ? 9.878   16.134  13.241  1.00 68.41 ? 145  ARG A NE  1 
ATOM   1095 C CZ  . ARG A 1 165 ? 10.995  16.101  12.515  1.00 70.96 ? 145  ARG A CZ  1 
ATOM   1096 N NH1 . ARG A 1 165 ? 10.951  16.281  11.199  1.00 72.47 ? 145  ARG A NH1 1 
ATOM   1097 N NH2 . ARG A 1 165 ? 12.161  15.878  13.109  1.00 72.30 ? 145  ARG A NH2 1 
ATOM   1098 N N   . VAL A 1 166 ? 7.566   11.123  12.680  1.00 40.94 ? 146  VAL A N   1 
ATOM   1099 C CA  . VAL A 1 166 ? 8.181   9.794   12.636  1.00 40.52 ? 146  VAL A CA  1 
ATOM   1100 C C   . VAL A 1 166 ? 8.352   9.403   11.169  1.00 41.85 ? 146  VAL A C   1 
ATOM   1101 O O   . VAL A 1 166 ? 9.444   8.989   10.751  1.00 40.09 ? 146  VAL A O   1 
ATOM   1102 C CB  . VAL A 1 166 ? 7.356   8.727   13.385  1.00 40.38 ? 146  VAL A CB  1 
ATOM   1103 C CG1 . VAL A 1 166 ? 8.034   7.362   13.302  1.00 41.48 ? 146  VAL A CG1 1 
ATOM   1104 C CG2 . VAL A 1 166 ? 7.156   9.116   14.847  1.00 42.55 ? 146  VAL A CG2 1 
ATOM   1105 N N   . SER A 1 167 ? 7.276   9.574   10.393  1.00 41.16 ? 147  SER A N   1 
ATOM   1106 C CA  . SER A 1 167 ? 7.276   9.234   8.963   1.00 40.68 ? 147  SER A CA  1 
ATOM   1107 C C   . SER A 1 167 ? 8.393   9.940   8.186   1.00 41.64 ? 147  SER A C   1 
ATOM   1108 O O   . SER A 1 167 ? 9.107   9.299   7.415   1.00 41.23 ? 147  SER A O   1 
ATOM   1109 C CB  . SER A 1 167 ? 5.901   9.487   8.336   1.00 40.19 ? 147  SER A CB  1 
ATOM   1110 O OG  . SER A 1 167 ? 4.970   8.527   8.812   1.00 39.82 ? 147  SER A OG  1 
ATOM   1111 N N   . SER A 1 168 ? 8.540   11.245  8.416   1.00 42.95 ? 148  SER A N   1 
ATOM   1112 C CA  . SER A 1 168 ? 9.617   12.066  7.842   1.00 46.16 ? 148  SER A CA  1 
ATOM   1113 C C   . SER A 1 168 ? 11.003  11.450  7.984   1.00 45.49 ? 148  SER A C   1 
ATOM   1114 O O   . SER A 1 168 ? 11.785  11.437  7.031   1.00 44.10 ? 148  SER A O   1 
ATOM   1115 C CB  . SER A 1 168 ? 9.629   13.457  8.492   1.00 47.43 ? 148  SER A CB  1 
ATOM   1116 O OG  . SER A 1 168 ? 8.727   14.336  7.839   1.00 52.40 ? 148  SER A OG  1 
ATOM   1117 N N   . LEU A 1 169 ? 11.290  10.943  9.179   1.00 44.69 ? 149  LEU A N   1 
ATOM   1118 C CA  . LEU A 1 169 ? 12.614  10.433  9.528   1.00 44.99 ? 149  LEU A CA  1 
ATOM   1119 C C   . LEU A 1 169 ? 12.864  9.000   9.064   1.00 44.37 ? 149  LEU A C   1 
ATOM   1120 O O   . LEU A 1 169 ? 14.001  8.630   8.746   1.00 41.18 ? 149  LEU A O   1 
ATOM   1121 C CB  . LEU A 1 169 ? 12.830  10.548  11.032  1.00 45.60 ? 149  LEU A CB  1 
ATOM   1122 C CG  . LEU A 1 169 ? 12.751  11.972  11.601  1.00 45.56 ? 149  LEU A CG  1 
ATOM   1123 C CD1 . LEU A 1 169 ? 12.567  11.912  13.104  1.00 46.43 ? 149  LEU A CD1 1 
ATOM   1124 C CD2 . LEU A 1 169 ? 13.970  12.810  11.224  1.00 48.02 ? 149  LEU A CD2 1 
ATOM   1125 N N   . VAL A 1 170 ? 11.805  8.192   9.022   1.00 40.72 ? 150  VAL A N   1 
ATOM   1126 C CA  . VAL A 1 170 ? 11.913  6.863   8.424   1.00 38.69 ? 150  VAL A CA  1 
ATOM   1127 C C   . VAL A 1 170 ? 12.138  7.030   6.920   1.00 36.29 ? 150  VAL A C   1 
ATOM   1128 O O   . VAL A 1 170 ? 13.003  6.368   6.348   1.00 38.65 ? 150  VAL A O   1 
ATOM   1129 C CB  . VAL A 1 170 ? 10.678  5.966   8.703   1.00 37.37 ? 150  VAL A CB  1 
ATOM   1130 C CG1 . VAL A 1 170 ? 10.878  4.576   8.111   1.00 36.74 ? 150  VAL A CG1 1 
ATOM   1131 C CG2 . VAL A 1 170 ? 10.413  5.844   10.197  1.00 36.88 ? 150  VAL A CG2 1 
ATOM   1132 N N   . ALA A 1 171 ? 11.383  7.934   6.306   1.00 35.54 ? 151  ALA A N   1 
ATOM   1133 C CA  . ALA A 1 171 ? 11.458  8.173   4.858   1.00 39.97 ? 151  ALA A CA  1 
ATOM   1134 C C   . ALA A 1 171 ? 12.847  8.656   4.412   1.00 43.59 ? 151  ALA A C   1 
ATOM   1135 O O   . ALA A 1 171 ? 13.283  8.369   3.297   1.00 44.97 ? 151  ALA A O   1 
ATOM   1136 C CB  . ALA A 1 171 ? 10.374  9.140   4.415   1.00 37.32 ? 151  ALA A CB  1 
ATOM   1137 N N   . ARG A 1 172 ? 13.531  9.376   5.300   1.00 47.18 ? 152  ARG A N   1 
ATOM   1138 C CA  . ARG A 1 172 ? 14.899  9.836   5.047   1.00 46.53 ? 152  ARG A CA  1 
ATOM   1139 C C   . ARG A 1 172 ? 15.911  8.694   4.998   1.00 45.37 ? 152  ARG A C   1 
ATOM   1140 O O   . ARG A 1 172 ? 16.884  8.752   4.238   1.00 44.57 ? 152  ARG A O   1 
ATOM   1141 C CB  . ARG A 1 172 ? 15.319  10.887  6.077   1.00 52.47 ? 152  ARG A CB  1 
ATOM   1142 C CG  . ARG A 1 172 ? 14.777  12.279  5.786   1.00 57.82 ? 152  ARG A CG  1 
ATOM   1143 C CD  . ARG A 1 172 ? 15.330  13.295  6.774   1.00 65.15 ? 152  ARG A CD  1 
ATOM   1144 N NE  . ARG A 1 172 ? 16.753  13.556  6.549   1.00 69.23 ? 152  ARG A NE  1 
ATOM   1145 C CZ  . ARG A 1 172 ? 17.594  14.004  7.476   1.00 73.32 ? 152  ARG A CZ  1 
ATOM   1146 N NH1 . ARG A 1 172 ? 17.169  14.245  8.712   1.00 73.31 ? 152  ARG A NH1 1 
ATOM   1147 N NH2 . ARG A 1 172 ? 18.870  14.208  7.168   1.00 74.50 ? 152  ARG A NH2 1 
ATOM   1148 N N   . LYS A 1 173 ? 15.671  7.654   5.791   1.00 42.55 ? 153  LYS A N   1 
ATOM   1149 C CA  . LYS A 1 173 ? 16.572  6.506   5.870   1.00 43.56 ? 153  LYS A CA  1 
ATOM   1150 C C   . LYS A 1 173 ? 16.295  5.446   4.803   1.00 42.51 ? 153  LYS A C   1 
ATOM   1151 O O   . LYS A 1 173 ? 17.227  4.830   4.286   1.00 42.34 ? 153  LYS A O   1 
ATOM   1152 C CB  . LYS A 1 173 ? 16.519  5.870   7.264   1.00 44.44 ? 153  LYS A CB  1 
ATOM   1153 C CG  . LYS A 1 173 ? 17.241  6.653   8.355   1.00 49.13 ? 153  LYS A CG  1 
ATOM   1154 C CD  . LYS A 1 173 ? 18.635  6.100   8.613   1.00 53.22 ? 153  LYS A CD  1 
ATOM   1155 C CE  . LYS A 1 173 ? 19.343  6.873   9.717   1.00 55.42 ? 153  LYS A CE  1 
ATOM   1156 N NZ  . LYS A 1 173 ? 20.767  6.450   9.864   1.00 56.77 ? 153  LYS A NZ  1 
ATOM   1157 N N   . ILE A 1 174 ? 15.018  5.217   4.488   1.00 37.73 ? 154  ILE A N   1 
ATOM   1158 C CA  . ILE A 1 174 ? 14.635  4.125   3.581   1.00 36.45 ? 154  ILE A CA  1 
ATOM   1159 C C   . ILE A 1 174 ? 13.496  4.551   2.638   1.00 33.79 ? 154  ILE A C   1 
ATOM   1160 O O   . ILE A 1 174 ? 12.723  5.439   2.983   1.00 32.92 ? 154  ILE A O   1 
ATOM   1161 C CB  . ILE A 1 174 ? 14.229  2.848   4.358   1.00 37.07 ? 154  ILE A CB  1 
ATOM   1162 C CG1 . ILE A 1 174 ? 13.051  3.132   5.286   1.00 35.47 ? 154  ILE A CG1 1 
ATOM   1163 C CG2 . ILE A 1 174 ? 15.401  2.295   5.163   1.00 38.92 ? 154  ILE A CG2 1 
ATOM   1164 C CD1 . ILE A 1 174 ? 12.313  1.898   5.730   1.00 37.28 ? 154  ILE A CD1 1 
ATOM   1165 N N   . PRO A 1 175 ? 13.390  3.922   1.445   1.00 34.03 ? 155  PRO A N   1 
ATOM   1166 C CA  . PRO A 1 175 ? 12.235  4.242   0.602   1.00 33.65 ? 155  PRO A CA  1 
ATOM   1167 C C   . PRO A 1 175 ? 10.963  3.796   1.305   1.00 30.90 ? 155  PRO A C   1 
ATOM   1168 O O   . PRO A 1 175 ? 10.908  2.681   1.790   1.00 33.21 ? 155  PRO A O   1 
ATOM   1169 C CB  . PRO A 1 175 ? 12.445  3.366   -0.644  1.00 33.22 ? 155  PRO A CB  1 
ATOM   1170 C CG  . PRO A 1 175 ? 13.895  2.999   -0.621  1.00 34.79 ? 155  PRO A CG  1 
ATOM   1171 C CD  . PRO A 1 175 ? 14.221  2.866   0.837   1.00 33.67 ? 155  PRO A CD  1 
ATOM   1172 N N   . VAL A 1 176 ? 9.983   4.684   1.396   1.00 30.73 ? 156  VAL A N   1 
ATOM   1173 C CA  . VAL A 1 176 ? 8.674   4.329   1.961   1.00 31.95 ? 156  VAL A CA  1 
ATOM   1174 C C   . VAL A 1 176 ? 7.524   4.863   1.124   1.00 30.55 ? 156  VAL A C   1 
ATOM   1175 O O   . VAL A 1 176 ? 7.645   5.891   0.453   1.00 29.76 ? 156  VAL A O   1 
ATOM   1176 C CB  . VAL A 1 176 ? 8.467   4.824   3.421   1.00 32.31 ? 156  VAL A CB  1 
ATOM   1177 C CG1 . VAL A 1 176 ? 9.555   4.313   4.353   1.00 33.13 ? 156  VAL A CG1 1 
ATOM   1178 C CG2 . VAL A 1 176 ? 8.376   6.334   3.483   1.00 34.89 ? 156  VAL A CG2 1 
ATOM   1179 N N   . ILE A 1 177 ? 6.394   4.162   1.190   1.00 29.24 ? 157  ILE A N   1 
ATOM   1180 C CA  . ILE A 1 177 ? 5.126   4.675   0.692   1.00 28.09 ? 157  ILE A CA  1 
ATOM   1181 C C   . ILE A 1 177 ? 4.341   5.052   1.930   1.00 30.30 ? 157  ILE A C   1 
ATOM   1182 O O   . ILE A 1 177 ? 4.288   4.273   2.871   1.00 29.40 ? 157  ILE A O   1 
ATOM   1183 C CB  . ILE A 1 177 ? 4.350   3.574   -0.092  1.00 29.12 ? 157  ILE A CB  1 
ATOM   1184 C CG1 . ILE A 1 177 ? 5.229   2.960   -1.186  1.00 31.57 ? 157  ILE A CG1 1 
ATOM   1185 C CG2 . ILE A 1 177 ? 3.034   4.097   -0.639  1.00 28.60 ? 157  ILE A CG2 1 
ATOM   1186 C CD1 . ILE A 1 177 ? 5.680   3.919   -2.255  1.00 35.71 ? 157  ILE A CD1 1 
ATOM   1187 N N   . VAL A 1 178 ? 3.775   6.252   1.958   1.00 29.63 ? 158  VAL A N   1 
ATOM   1188 C CA  . VAL A 1 178 ? 3.035   6.690   3.138   1.00 31.50 ? 158  VAL A CA  1 
ATOM   1189 C C   . VAL A 1 178 ? 1.520   6.651   2.846   1.00 31.97 ? 158  VAL A C   1 
ATOM   1190 O O   . VAL A 1 178 ? 1.088   6.945   1.739   1.00 31.31 ? 158  VAL A O   1 
ATOM   1191 C CB  . VAL A 1 178 ? 3.555   8.062   3.626   1.00 35.46 ? 158  VAL A CB  1 
ATOM   1192 C CG1 . VAL A 1 178 ? 3.208   9.172   2.633   1.00 36.53 ? 158  VAL A CG1 1 
ATOM   1193 C CG2 . VAL A 1 178 ? 3.052   8.382   5.031   1.00 38.61 ? 158  VAL A CG2 1 
ATOM   1194 N N   . ALA A 1 179 ? 0.727   6.228   3.821   1.00 31.87 ? 159  ALA A N   1 
ATOM   1195 C CA  . ALA A 1 179 ? -0.721  6.140   3.629   1.00 35.50 ? 159  ALA A CA  1 
ATOM   1196 C C   . ALA A 1 179 ? -1.457  6.508   4.902   1.00 39.46 ? 159  ALA A C   1 
ATOM   1197 O O   . ALA A 1 179 ? -0.903  6.406   6.000   1.00 39.30 ? 159  ALA A O   1 
ATOM   1198 C CB  . ALA A 1 179 ? -1.121  4.743   3.188   1.00 33.97 ? 159  ALA A CB  1 
ATOM   1199 N N   . GLY A 1 180 ? -2.714  6.908   4.745   1.00 39.96 ? 160  GLY A N   1 
ATOM   1200 C CA  . GLY A 1 180 ? -3.585  7.158   5.880   1.00 42.98 ? 160  GLY A CA  1 
ATOM   1201 C C   . GLY A 1 180 ? -4.182  8.540   5.787   1.00 44.38 ? 160  GLY A C   1 
ATOM   1202 O O   . GLY A 1 180 ? -3.502  9.548   6.029   1.00 45.64 ? 160  GLY A O   1 
ATOM   1203 N N   . GLY A 1 181 ? -5.451  8.578   5.389   1.00 44.19 ? 161  GLY A N   1 
ATOM   1204 C CA  . GLY A 1 181 ? -6.222  9.808   5.376   1.00 44.71 ? 161  GLY A CA  1 
ATOM   1205 C C   . GLY A 1 181 ? -5.783  10.832  4.355   1.00 44.11 ? 161  GLY A C   1 
ATOM   1206 O O   . GLY A 1 181 ? -6.094  12.013  4.501   1.00 42.30 ? 161  GLY A O   1 
ATOM   1207 N N   . LEU A 1 182 ? -5.065  10.397  3.319   1.00 41.28 ? 162  LEU A N   1 
ATOM   1208 C CA  . LEU A 1 182 ? -4.615  11.325  2.285   1.00 42.25 ? 162  LEU A CA  1 
ATOM   1209 C C   . LEU A 1 182 ? -5.758  11.694  1.344   1.00 43.57 ? 162  LEU A C   1 
ATOM   1210 O O   . LEU A 1 182 ? -6.641  10.887  1.076   1.00 42.81 ? 162  LEU A O   1 
ATOM   1211 C CB  . LEU A 1 182 ? -3.438  10.761  1.479   1.00 40.98 ? 162  LEU A CB  1 
ATOM   1212 C CG  . LEU A 1 182 ? -2.164  10.328  2.218   1.00 39.60 ? 162  LEU A CG  1 
ATOM   1213 C CD1 . LEU A 1 182 ? -1.131  9.813   1.230   1.00 37.05 ? 162  LEU A CD1 1 
ATOM   1214 C CD2 . LEU A 1 182 ? -1.578  11.449  3.057   1.00 40.79 ? 162  LEU A CD2 1 
ATOM   1215 N N   . ASN A 1 183 ? -5.727  12.929  0.861   1.00 46.66 ? 163  ASN A N   1 
ATOM   1216 C CA  . ASN A 1 183 ? -6.652  13.411  -0.166  1.00 48.69 ? 163  ASN A CA  1 
ATOM   1217 C C   . ASN A 1 183 ? -6.000  14.584  -0.892  1.00 51.43 ? 163  ASN A C   1 
ATOM   1218 O O   . ASN A 1 183 ? -4.906  15.005  -0.509  1.00 51.65 ? 163  ASN A O   1 
ATOM   1219 C CB  . ASN A 1 183 ? -8.002  13.803  0.452   1.00 50.13 ? 163  ASN A CB  1 
ATOM   1220 C CG  . ASN A 1 183 ? -7.869  14.840  1.558   1.00 50.94 ? 163  ASN A CG  1 
ATOM   1221 O OD1 . ASN A 1 183 ? -7.098  15.797  1.447   1.00 52.63 ? 163  ASN A OD1 1 
ATOM   1222 N ND2 . ASN A 1 183 ? -8.631  14.657  2.625   1.00 50.52 ? 163  ASN A ND2 1 
ATOM   1223 N N   . ALA A 1 184 ? -6.660  15.111  -1.922  1.00 54.64 ? 164  ALA A N   1 
ATOM   1224 C CA  . ALA A 1 184 ? -6.099  16.201  -2.734  1.00 57.25 ? 164  ALA A CA  1 
ATOM   1225 C C   . ALA A 1 184 ? -5.735  17.454  -1.927  1.00 58.54 ? 164  ALA A C   1 
ATOM   1226 O O   . ALA A 1 184 ? -4.828  18.201  -2.301  1.00 57.80 ? 164  ALA A O   1 
ATOM   1227 C CB  . ALA A 1 184 ? -7.047  16.554  -3.870  1.00 58.94 ? 164  ALA A CB  1 
ATOM   1228 N N   . GLU A 1 185 ? -6.435  17.661  -0.813  1.00 62.37 ? 165  GLU A N   1 
ATOM   1229 C CA  . GLU A 1 185 ? -6.284  18.867  0.006   1.00 64.43 ? 165  GLU A CA  1 
ATOM   1230 C C   . GLU A 1 185 ? -5.079  18.812  0.945   1.00 64.88 ? 165  GLU A C   1 
ATOM   1231 O O   . GLU A 1 185 ? -4.602  19.853  1.412   1.00 64.62 ? 165  GLU A O   1 
ATOM   1232 C CB  . GLU A 1 185 ? -7.565  19.137  0.811   1.00 66.91 ? 165  GLU A CB  1 
ATOM   1233 C CG  . GLU A 1 185 ? -8.856  19.098  -0.003  1.00 71.88 ? 165  GLU A CG  1 
ATOM   1234 C CD  . GLU A 1 185 ? -8.902  20.147  -1.102  1.00 75.63 ? 165  GLU A CD  1 
ATOM   1235 O OE1 . GLU A 1 185 ? -8.946  21.356  -0.782  1.00 79.19 ? 165  GLU A OE1 1 
ATOM   1236 O OE2 . GLU A 1 185 ? -8.905  19.763  -2.292  1.00 78.07 ? 165  GLU A OE2 1 
ATOM   1237 N N   . ASN A 1 186 ? -4.590  17.602  1.220   1.00 61.31 ? 166  ASN A N   1 
ATOM   1238 C CA  . ASN A 1 186 ? -3.482  17.419  2.156   1.00 59.46 ? 166  ASN A CA  1 
ATOM   1239 C C   . ASN A 1 186 ? -2.259  16.706  1.575   1.00 58.69 ? 166  ASN A C   1 
ATOM   1240 O O   . ASN A 1 186 ? -1.189  16.731  2.180   1.00 60.41 ? 166  ASN A O   1 
ATOM   1241 C CB  . ASN A 1 186 ? -3.963  16.718  3.442   1.00 57.22 ? 166  ASN A CB  1 
ATOM   1242 C CG  . ASN A 1 186 ? -4.434  15.287  3.203   1.00 55.09 ? 166  ASN A CG  1 
ATOM   1243 O OD1 . ASN A 1 186 ? -4.068  14.648  2.218   1.00 51.91 ? 166  ASN A OD1 1 
ATOM   1244 N ND2 . ASN A 1 186 ? -5.249  14.777  4.117   1.00 54.87 ? 166  ASN A ND2 1 
ATOM   1245 N N   . VAL A 1 187 ? -2.423  16.080  0.409   1.00 59.55 ? 167  VAL A N   1 
ATOM   1246 C CA  . VAL A 1 187 ? -1.360  15.264  -0.200  1.00 59.57 ? 167  VAL A CA  1 
ATOM   1247 C C   . VAL A 1 187 ? -0.074  16.053  -0.458  1.00 61.01 ? 167  VAL A C   1 
ATOM   1248 O O   . VAL A 1 187 ? 1.026   15.576  -0.160  1.00 58.99 ? 167  VAL A O   1 
ATOM   1249 C CB  . VAL A 1 187 ? -1.837  14.518  -1.480  1.00 59.03 ? 167  VAL A CB  1 
ATOM   1250 C CG1 . VAL A 1 187 ? -2.246  15.489  -2.583  1.00 60.12 ? 167  VAL A CG1 1 
ATOM   1251 C CG2 . VAL A 1 187 ? -0.772  13.549  -1.977  1.00 57.24 ? 167  VAL A CG2 1 
ATOM   1252 N N   . GLU A 1 188 ? -0.220  17.265  -0.987  1.00 61.35 ? 168  GLU A N   1 
ATOM   1253 C CA  . GLU A 1 188 ? 0.930   18.108  -1.322  1.00 63.67 ? 168  GLU A CA  1 
ATOM   1254 C C   . GLU A 1 188 ? 1.744   18.484  -0.083  1.00 60.83 ? 168  GLU A C   1 
ATOM   1255 O O   . GLU A 1 188 ? 2.975   18.508  -0.126  1.00 61.78 ? 168  GLU A O   1 
ATOM   1256 C CB  . GLU A 1 188 ? 0.481   19.354  -2.090  1.00 66.81 ? 168  GLU A CB  1 
ATOM   1257 C CG  . GLU A 1 188 ? -0.250  19.031  -3.388  1.00 70.24 ? 168  GLU A CG  1 
ATOM   1258 C CD  . GLU A 1 188 ? -0.327  20.208  -4.343  1.00 73.70 ? 168  GLU A CD  1 
ATOM   1259 O OE1 . GLU A 1 188 ? -0.636  21.332  -3.891  1.00 74.45 ? 168  GLU A OE1 1 
ATOM   1260 O OE2 . GLU A 1 188 ? -0.089  20.002  -5.552  1.00 75.58 ? 168  GLU A OE2 1 
ATOM   1261 N N   . GLU A 1 189 ? 1.045   18.748  1.018   1.00 61.56 ? 169  GLU A N   1 
ATOM   1262 C CA  . GLU A 1 189 ? 1.681   19.093  2.290   1.00 63.64 ? 169  GLU A CA  1 
ATOM   1263 C C   . GLU A 1 189 ? 2.356   17.884  2.933   1.00 62.24 ? 169  GLU A C   1 
ATOM   1264 O O   . GLU A 1 189 ? 3.487   17.984  3.422   1.00 63.18 ? 169  GLU A O   1 
ATOM   1265 C CB  . GLU A 1 189 ? 0.663   19.720  3.252   1.00 68.79 ? 169  GLU A CB  1 
ATOM   1266 C CG  . GLU A 1 189 ? 1.279   20.436  4.451   1.00 72.18 ? 169  GLU A CG  1 
ATOM   1267 C CD  . GLU A 1 189 ? 2.206   21.579  4.065   1.00 75.29 ? 169  GLU A CD  1 
ATOM   1268 O OE1 . GLU A 1 189 ? 1.932   22.273  3.059   1.00 79.34 ? 169  GLU A OE1 1 
ATOM   1269 O OE2 . GLU A 1 189 ? 3.212   21.790  4.777   1.00 77.09 ? 169  GLU A OE2 1 
ATOM   1270 N N   . VAL A 1 190 ? 1.661   16.747  2.928   1.00 57.52 ? 170  VAL A N   1 
ATOM   1271 C CA  . VAL A 1 190 ? 2.217   15.492  3.435   1.00 51.13 ? 170  VAL A CA  1 
ATOM   1272 C C   . VAL A 1 190 ? 3.526   15.172  2.713   1.00 47.56 ? 170  VAL A C   1 
ATOM   1273 O O   . VAL A 1 190 ? 4.520   14.827  3.351   1.00 45.49 ? 170  VAL A O   1 
ATOM   1274 C CB  . VAL A 1 190 ? 1.209   14.323  3.308   1.00 50.65 ? 170  VAL A CB  1 
ATOM   1275 C CG1 . VAL A 1 190 ? 1.896   12.977  3.516   1.00 48.70 ? 170  VAL A CG1 1 
ATOM   1276 C CG2 . VAL A 1 190 ? 0.070   14.497  4.307   1.00 50.11 ? 170  VAL A CG2 1 
ATOM   1277 N N   . ILE A 1 191 ? 3.522   15.316  1.389   1.00 46.40 ? 171  ILE A N   1 
ATOM   1278 C CA  . ILE A 1 191 ? 4.701   15.038  0.570   1.00 48.04 ? 171  ILE A CA  1 
ATOM   1279 C C   . ILE A 1 191 ? 5.875   15.975  0.894   1.00 50.69 ? 171  ILE A C   1 
ATOM   1280 O O   . ILE A 1 191 ? 7.029   15.543  0.906   1.00 49.59 ? 171  ILE A O   1 
ATOM   1281 C CB  . ILE A 1 191 ? 4.365   15.062  -0.937  1.00 48.08 ? 171  ILE A CB  1 
ATOM   1282 C CG1 . ILE A 1 191 ? 3.516   13.836  -1.297  1.00 48.96 ? 171  ILE A CG1 1 
ATOM   1283 C CG2 . ILE A 1 191 ? 5.635   15.081  -1.777  1.00 49.42 ? 171  ILE A CG2 1 
ATOM   1284 C CD1 . ILE A 1 191 ? 2.931   13.853  -2.693  1.00 49.39 ? 171  ILE A CD1 1 
ATOM   1285 N N   . LYS A 1 192 ? 5.572   17.247  1.157   1.00 52.69 ? 172  LYS A N   1 
ATOM   1286 C CA  . LYS A 1 192 ? 6.610   18.225  1.507   1.00 53.17 ? 172  LYS A CA  1 
ATOM   1287 C C   . LYS A 1 192 ? 7.280   17.896  2.836   1.00 51.39 ? 172  LYS A C   1 
ATOM   1288 O O   . LYS A 1 192 ? 8.495   18.014  2.967   1.00 55.02 ? 172  LYS A O   1 
ATOM   1289 C CB  . LYS A 1 192 ? 6.052   19.651  1.530   1.00 55.13 ? 172  LYS A CB  1 
ATOM   1290 C CG  . LYS A 1 192 ? 5.909   20.295  0.160   1.00 57.15 ? 172  LYS A CG  1 
ATOM   1291 C CD  . LYS A 1 192 ? 5.745   21.810  0.267   1.00 61.18 ? 172  LYS A CD  1 
ATOM   1292 C CE  . LYS A 1 192 ? 4.301   22.231  0.506   1.00 60.45 ? 172  LYS A CE  1 
ATOM   1293 N NZ  . LYS A 1 192 ? 3.519   22.289  -0.763  1.00 62.22 ? 172  LYS A NZ  1 
ATOM   1294 N N   . VAL A 1 193 ? 6.490   17.463  3.813   1.00 50.28 ? 173  VAL A N   1 
ATOM   1295 C CA  . VAL A 1 193 ? 7.015   17.150  5.138   1.00 48.01 ? 173  VAL A CA  1 
ATOM   1296 C C   . VAL A 1 193 ? 7.750   15.810  5.150   1.00 48.17 ? 173  VAL A C   1 
ATOM   1297 O O   . VAL A 1 193 ? 8.888   15.730  5.605   1.00 48.89 ? 173  VAL A O   1 
ATOM   1298 C CB  . VAL A 1 193 ? 5.904   17.159  6.209   1.00 50.29 ? 173  VAL A CB  1 
ATOM   1299 C CG1 . VAL A 1 193 ? 6.462   16.778  7.574   1.00 50.12 ? 173  VAL A CG1 1 
ATOM   1300 C CG2 . VAL A 1 193 ? 5.242   18.523  6.273   1.00 50.80 ? 173  VAL A CG2 1 
ATOM   1301 N N   . VAL A 1 194 ? 7.096   14.771  4.636   1.00 44.48 ? 174  VAL A N   1 
ATOM   1302 C CA  . VAL A 1 194 ? 7.607   13.399  4.718   1.00 42.16 ? 174  VAL A CA  1 
ATOM   1303 C C   . VAL A 1 194 ? 8.668   13.105  3.661   1.00 40.69 ? 174  VAL A C   1 
ATOM   1304 O O   . VAL A 1 194 ? 9.622   12.357  3.919   1.00 41.41 ? 174  VAL A O   1 
ATOM   1305 C CB  . VAL A 1 194 ? 6.453   12.365  4.607   1.00 41.50 ? 174  VAL A CB  1 
ATOM   1306 C CG1 . VAL A 1 194 ? 6.983   10.945  4.742   1.00 38.35 ? 174  VAL A CG1 1 
ATOM   1307 C CG2 . VAL A 1 194 ? 5.394   12.636  5.672   1.00 41.96 ? 174  VAL A CG2 1 
ATOM   1308 N N   . LYS A 1 195 ? 8.507   13.701  2.481   1.00 42.56 ? 175  LYS A N   1 
ATOM   1309 C CA  . LYS A 1 195 ? 9.353   13.398  1.318   1.00 43.12 ? 175  LYS A CA  1 
ATOM   1310 C C   . LYS A 1 195 ? 9.501   11.890  1.074   1.00 41.00 ? 175  LYS A C   1 
ATOM   1311 O O   . LYS A 1 195 ? 10.606  11.348  1.055   1.00 40.60 ? 175  LYS A O   1 
ATOM   1312 C CB  . LYS A 1 195 ? 10.700  14.128  1.406   1.00 49.15 ? 175  LYS A CB  1 
ATOM   1313 C CG  . LYS A 1 195 ? 10.583  15.594  1.016   1.00 52.96 ? 175  LYS A CG  1 
ATOM   1314 C CD  . LYS A 1 195 ? 11.892  16.347  1.205   1.00 57.37 ? 175  LYS A CD  1 
ATOM   1315 C CE  . LYS A 1 195 ? 11.722  17.828  0.907   1.00 58.93 ? 175  LYS A CE  1 
ATOM   1316 N NZ  . LYS A 1 195 ? 10.824  18.494  1.892   1.00 58.08 ? 175  LYS A NZ  1 
ATOM   1317 N N   . PRO A 1 196 ? 8.367   11.201  0.889   1.00 40.04 ? 176  PRO A N   1 
ATOM   1318 C CA  . PRO A 1 196 ? 8.403   9.748   0.720   1.00 38.29 ? 176  PRO A CA  1 
ATOM   1319 C C   . PRO A 1 196 ? 8.765   9.354   -0.710  1.00 36.56 ? 176  PRO A C   1 
ATOM   1320 O O   . PRO A 1 196 ? 8.796   10.204  -1.601  1.00 37.63 ? 176  PRO A O   1 
ATOM   1321 C CB  . PRO A 1 196 ? 6.956   9.350   1.006   1.00 38.34 ? 176  PRO A CB  1 
ATOM   1322 C CG  . PRO A 1 196 ? 6.160   10.504  0.491   1.00 38.55 ? 176  PRO A CG  1 
ATOM   1323 C CD  . PRO A 1 196 ? 6.998   11.734  0.763   1.00 39.34 ? 176  PRO A CD  1 
ATOM   1324 N N   . TYR A 1 197 ? 9.018   8.065   -0.921  1.00 34.41 ? 177  TYR A N   1 
ATOM   1325 C CA  . TYR A 1 197 ? 9.191   7.524   -2.259  1.00 33.88 ? 177  TYR A CA  1 
ATOM   1326 C C   . TYR A 1 197 ? 7.837   7.498   -2.997  1.00 32.92 ? 177  TYR A C   1 
ATOM   1327 O O   . TYR A 1 197 ? 7.772   7.660   -4.216  1.00 33.16 ? 177  TYR A O   1 
ATOM   1328 C CB  . TYR A 1 197 ? 9.838   6.129   -2.182  1.00 34.51 ? 177  TYR A CB  1 
ATOM   1329 C CG  . TYR A 1 197 ? 9.878   5.390   -3.503  1.00 37.96 ? 177  TYR A CG  1 
ATOM   1330 C CD1 . TYR A 1 197 ? 10.859  5.670   -4.455  1.00 38.77 ? 177  TYR A CD1 1 
ATOM   1331 C CD2 . TYR A 1 197 ? 8.920   4.419   -3.809  1.00 40.72 ? 177  TYR A CD2 1 
ATOM   1332 C CE1 . TYR A 1 197 ? 10.884  5.003   -5.672  1.00 41.16 ? 177  TYR A CE1 1 
ATOM   1333 C CE2 . TYR A 1 197 ? 8.944   3.746   -5.017  1.00 42.34 ? 177  TYR A CE2 1 
ATOM   1334 C CZ  . TYR A 1 197 ? 9.930   4.040   -5.942  1.00 43.24 ? 177  TYR A CZ  1 
ATOM   1335 O OH  . TYR A 1 197 ? 9.957   3.370   -7.146  1.00 46.19 ? 177  TYR A OH  1 
ATOM   1336 N N   . GLY A 1 198 ? 6.753   7.309   -2.249  1.00 32.42 ? 178  GLY A N   1 
ATOM   1337 C CA  . GLY A 1 198 ? 5.415   7.340   -2.838  1.00 31.53 ? 178  GLY A CA  1 
ATOM   1338 C C   . GLY A 1 198 ? 4.296   7.545   -1.837  1.00 30.05 ? 178  GLY A C   1 
ATOM   1339 O O   . GLY A 1 198 ? 4.526   7.634   -0.627  1.00 29.85 ? 178  GLY A O   1 
ATOM   1340 N N   . VAL A 1 199 ? 3.081   7.650   -2.354  1.00 29.45 ? 179  VAL A N   1 
ATOM   1341 C CA  . VAL A 1 199 ? 1.894   7.803   -1.519  1.00 30.61 ? 179  VAL A CA  1 
ATOM   1342 C C   . VAL A 1 199 ? 0.853   6.768   -1.918  1.00 30.03 ? 179  VAL A C   1 
ATOM   1343 O O   . VAL A 1 199 ? 0.841   6.297   -3.057  1.00 30.68 ? 179  VAL A O   1 
ATOM   1344 C CB  . VAL A 1 199 ? 1.262   9.216   -1.603  1.00 33.31 ? 179  VAL A CB  1 
ATOM   1345 C CG1 . VAL A 1 199 ? 2.136   10.243  -0.894  1.00 32.39 ? 179  VAL A CG1 1 
ATOM   1346 C CG2 . VAL A 1 199 ? 0.985   9.630   -3.047  1.00 33.72 ? 179  VAL A CG2 1 
ATOM   1347 N N   . ASP A 1 200 ? -0.015  6.437   -0.971  1.00 29.69 ? 180  ASP A N   1 
ATOM   1348 C CA  . ASP A 1 200 ? -1.060  5.454   -1.160  1.00 30.12 ? 180  ASP A CA  1 
ATOM   1349 C C   . ASP A 1 200 ? -2.364  6.046   -0.646  1.00 31.37 ? 180  ASP A C   1 
ATOM   1350 O O   . ASP A 1 200 ? -2.408  6.603   0.449   1.00 30.62 ? 180  ASP A O   1 
ATOM   1351 C CB  . ASP A 1 200 ? -0.684  4.194   -0.378  1.00 32.16 ? 180  ASP A CB  1 
ATOM   1352 C CG  . ASP A 1 200 ? -1.706  3.092   -0.493  1.00 36.84 ? 180  ASP A CG  1 
ATOM   1353 O OD1 . ASP A 1 200 ? -1.751  2.434   -1.540  1.00 36.70 ? 180  ASP A OD1 1 
ATOM   1354 O OD2 . ASP A 1 200 ? -2.445  2.863   0.485   1.00 41.57 ? 180  ASP A OD2 1 
ATOM   1355 N N   . VAL A 1 201 ? -3.429  5.922   -1.432  1.00 30.70 ? 181  VAL A N   1 
ATOM   1356 C CA  . VAL A 1 201 ? -4.738  6.452   -1.037  1.00 32.47 ? 181  VAL A CA  1 
ATOM   1357 C C   . VAL A 1 201 ? -5.866  5.488   -1.422  1.00 33.99 ? 181  VAL A C   1 
ATOM   1358 O O   . VAL A 1 201 ? -5.756  4.765   -2.418  1.00 32.25 ? 181  VAL A O   1 
ATOM   1359 C CB  . VAL A 1 201 ? -4.972  7.857   -1.657  1.00 33.45 ? 181  VAL A CB  1 
ATOM   1360 C CG1 . VAL A 1 201 ? -4.846  7.818   -3.169  1.00 32.67 ? 181  VAL A CG1 1 
ATOM   1361 C CG2 . VAL A 1 201 ? -6.321  8.437   -1.245  1.00 34.78 ? 181  VAL A CG2 1 
ATOM   1362 N N   . SER A 1 202 ? -6.929  5.465   -0.612  1.00 35.67 ? 182  SER A N   1 
ATOM   1363 C CA  . SER A 1 202 ? -8.119  4.684   -0.918  1.00 37.46 ? 182  SER A CA  1 
ATOM   1364 C C   . SER A 1 202 ? -9.383  5.555   -0.811  1.00 40.95 ? 182  SER A C   1 
ATOM   1365 O O   . SER A 1 202 ? -9.915  5.991   -1.833  1.00 40.31 ? 182  SER A O   1 
ATOM   1366 C CB  . SER A 1 202 ? -8.218  3.442   -0.023  1.00 38.98 ? 182  SER A CB  1 
ATOM   1367 O OG  . SER A 1 202 ? -9.269  2.589   -0.442  1.00 41.93 ? 182  SER A OG  1 
ATOM   1368 N N   . SER A 1 203 ? -9.842  5.803   0.421   1.00 42.78 ? 183  SER A N   1 
ATOM   1369 C CA  . SER A 1 203 ? -11.058 6.588   0.696   1.00 44.94 ? 183  SER A CA  1 
ATOM   1370 C C   . SER A 1 203 ? -11.006 8.020   0.188   1.00 46.39 ? 183  SER A C   1 
ATOM   1371 O O   . SER A 1 203 ? -12.035 8.580   -0.214  1.00 47.54 ? 183  SER A O   1 
ATOM   1372 C CB  . SER A 1 203 ? -11.348 6.617   2.199   1.00 45.40 ? 183  SER A CB  1 
ATOM   1373 O OG  . SER A 1 203 ? -11.606 5.312   2.672   1.00 49.47 ? 183  SER A OG  1 
ATOM   1374 N N   . GLY A 1 204 ? -9.813  8.608   0.213   1.00 45.42 ? 184  GLY A N   1 
ATOM   1375 C CA  . GLY A 1 204 ? -9.605  9.995   -0.197  1.00 45.52 ? 184  GLY A CA  1 
ATOM   1376 C C   . GLY A 1 204 ? -9.965  10.319  -1.635  1.00 47.12 ? 184  GLY A C   1 
ATOM   1377 O O   . GLY A 1 204 ? -10.215 11.483  -1.966  1.00 47.32 ? 184  GLY A O   1 
ATOM   1378 N N   . VAL A 1 205 ? -9.988  9.299   -2.491  1.00 45.70 ? 185  VAL A N   1 
ATOM   1379 C CA  . VAL A 1 205 ? -10.356 9.472   -3.901  1.00 44.82 ? 185  VAL A CA  1 
ATOM   1380 C C   . VAL A 1 205 ? -11.689 8.788   -4.258  1.00 45.01 ? 185  VAL A C   1 
ATOM   1381 O O   . VAL A 1 205 ? -11.965 8.504   -5.430  1.00 46.59 ? 185  VAL A O   1 
ATOM   1382 C CB  . VAL A 1 205 ? -9.213  9.043   -4.857  1.00 43.84 ? 185  VAL A CB  1 
ATOM   1383 C CG1 . VAL A 1 205 ? -8.031  9.992   -4.725  1.00 43.04 ? 185  VAL A CG1 1 
ATOM   1384 C CG2 . VAL A 1 205 ? -8.782  7.602   -4.611  1.00 41.56 ? 185  VAL A CG2 1 
ATOM   1385 N N   . GLU A 1 206 ? -12.514 8.542   -3.240  1.00 46.99 ? 186  GLU A N   1 
ATOM   1386 C CA  . GLU A 1 206 ? -13.778 7.819   -3.393  1.00 48.79 ? 186  GLU A CA  1 
ATOM   1387 C C   . GLU A 1 206 ? -14.999 8.718   -3.226  1.00 53.44 ? 186  GLU A C   1 
ATOM   1388 O O   . GLU A 1 206 ? -14.929 9.765   -2.577  1.00 50.93 ? 186  GLU A O   1 
ATOM   1389 C CB  . GLU A 1 206 ? -13.883 6.700   -2.358  1.00 48.93 ? 186  GLU A CB  1 
ATOM   1390 C CG  . GLU A 1 206 ? -13.170 5.409   -2.714  1.00 49.53 ? 186  GLU A CG  1 
ATOM   1391 C CD  . GLU A 1 206 ? -13.371 4.328   -1.667  1.00 50.22 ? 186  GLU A CD  1 
ATOM   1392 O OE1 . GLU A 1 206 ? -14.187 4.533   -0.743  1.00 52.95 ? 186  GLU A OE1 1 
ATOM   1393 O OE2 . GLU A 1 206 ? -12.716 3.266   -1.761  1.00 50.29 ? 186  GLU A OE2 1 
ATOM   1394 N N   . LYS A 1 207 ? -16.112 8.281   -3.818  1.00 54.04 ? 187  LYS A N   1 
ATOM   1395 C CA  . LYS A 1 207 ? -17.445 8.843   -3.580  1.00 58.15 ? 187  LYS A CA  1 
ATOM   1396 C C   . LYS A 1 207 ? -18.464 7.714   -3.624  1.00 57.42 ? 187  LYS A C   1 
ATOM   1397 O O   . LYS A 1 207 ? -18.566 7.003   -4.628  1.00 58.49 ? 187  LYS A O   1 
ATOM   1398 C CB  . LYS A 1 207 ? -17.803 9.919   -4.609  1.00 57.91 ? 187  LYS A CB  1 
ATOM   1399 C CG  . LYS A 1 207 ? -17.341 11.320  -4.230  1.00 59.81 ? 187  LYS A CG  1 
ATOM   1400 C CD  . LYS A 1 207 ? -18.185 12.407  -4.880  1.00 59.82 ? 187  LYS A CD  1 
ATOM   1401 C CE  . LYS A 1 207 ? -17.781 12.660  -6.324  1.00 63.38 ? 187  LYS A CE  1 
ATOM   1402 N NZ  . LYS A 1 207 ? -18.366 13.925  -6.852  1.00 67.04 ? 187  LYS A NZ  1 
ATOM   1403 N N   . TYR A 1 208 ? -19.200 7.552   -2.527  1.00 58.88 ? 188  TYR A N   1 
ATOM   1404 C CA  . TYR A 1 208 ? -20.184 6.469   -2.362  1.00 60.81 ? 188  TYR A CA  1 
ATOM   1405 C C   . TYR A 1 208 ? -19.554 5.066   -2.456  1.00 59.62 ? 188  TYR A C   1 
ATOM   1406 O O   . TYR A 1 208 ? -20.177 4.118   -2.956  1.00 58.83 ? 188  TYR A O   1 
ATOM   1407 C CB  . TYR A 1 208 ? -21.357 6.618   -3.348  1.00 65.27 ? 188  TYR A CB  1 
ATOM   1408 C CG  . TYR A 1 208 ? -21.987 7.999   -3.394  1.00 68.66 ? 188  TYR A CG  1 
ATOM   1409 C CD1 . TYR A 1 208 ? -23.047 8.336   -2.549  1.00 70.61 ? 188  TYR A CD1 1 
ATOM   1410 C CD2 . TYR A 1 208 ? -21.528 8.966   -4.294  1.00 70.08 ? 188  TYR A CD2 1 
ATOM   1411 C CE1 . TYR A 1 208 ? -23.626 9.597   -2.595  1.00 72.96 ? 188  TYR A CE1 1 
ATOM   1412 C CE2 . TYR A 1 208 ? -22.099 10.227  -4.347  1.00 72.64 ? 188  TYR A CE2 1 
ATOM   1413 C CZ  . TYR A 1 208 ? -23.147 10.538  -3.498  1.00 74.61 ? 188  TYR A CZ  1 
ATOM   1414 O OH  . TYR A 1 208 ? -23.711 11.790  -3.554  1.00 77.92 ? 188  TYR A OH  1 
ATOM   1415 N N   . GLY A 1 209 ? -18.319 4.945   -1.966  1.00 59.12 ? 189  GLY A N   1 
ATOM   1416 C CA  . GLY A 1 209 ? -17.585 3.675   -1.964  1.00 57.45 ? 189  GLY A CA  1 
ATOM   1417 C C   . GLY A 1 209 ? -17.079 3.217   -3.322  1.00 56.02 ? 189  GLY A C   1 
ATOM   1418 O O   . GLY A 1 209 ? -16.831 2.024   -3.530  1.00 56.40 ? 189  GLY A O   1 
ATOM   1419 N N   . ILE A 1 210 ? -16.941 4.159   -4.253  1.00 54.30 ? 190  ILE A N   1 
ATOM   1420 C CA  . ILE A 1 210 ? -16.438 3.868   -5.598  1.00 52.65 ? 190  ILE A CA  1 
ATOM   1421 C C   . ILE A 1 210 ? -15.421 4.945   -5.978  1.00 49.93 ? 190  ILE A C   1 
ATOM   1422 O O   . ILE A 1 210 ? -15.652 6.130   -5.747  1.00 49.65 ? 190  ILE A O   1 
ATOM   1423 C CB  . ILE A 1 210 ? -17.583 3.812   -6.647  1.00 54.50 ? 190  ILE A CB  1 
ATOM   1424 C CG1 . ILE A 1 210 ? -18.673 2.822   -6.218  1.00 55.99 ? 190  ILE A CG1 1 
ATOM   1425 C CG2 . ILE A 1 210 ? -17.047 3.430   -8.027  1.00 53.80 ? 190  ILE A CG2 1 
ATOM   1426 C CD1 . ILE A 1 210 ? -20.025 3.061   -6.860  1.00 54.87 ? 190  ILE A CD1 1 
ATOM   1427 N N   . LYS A 1 211 ? -14.289 4.529   -6.548  1.00 46.65 ? 191  LYS A N   1 
ATOM   1428 C CA  . LYS A 1 211 ? -13.246 5.467   -6.971  1.00 45.24 ? 191  LYS A CA  1 
ATOM   1429 C C   . LYS A 1 211 ? -13.773 6.473   -7.997  1.00 48.53 ? 191  LYS A C   1 
ATOM   1430 O O   . LYS A 1 211 ? -14.363 6.087   -9.004  1.00 49.94 ? 191  LYS A O   1 
ATOM   1431 C CB  . LYS A 1 211 ? -12.019 4.723   -7.518  1.00 43.89 ? 191  LYS A CB  1 
ATOM   1432 C CG  . LYS A 1 211 ? -10.901 4.493   -6.498  1.00 41.45 ? 191  LYS A CG  1 
ATOM   1433 C CD  . LYS A 1 211 ? -11.302 3.535   -5.393  1.00 41.61 ? 191  LYS A CD  1 
ATOM   1434 C CE  . LYS A 1 211 ? -10.209 3.443   -4.337  1.00 38.80 ? 191  LYS A CE  1 
ATOM   1435 N NZ  . LYS A 1 211 ? -10.695 2.745   -3.123  1.00 35.58 ? 191  LYS A NZ  1 
ATOM   1436 N N   . ASP A 1 212 ? -13.566 7.757   -7.717  1.00 50.70 ? 192  ASP A N   1 
ATOM   1437 C CA  . ASP A 1 212 ? -14.071 8.845   -8.560  1.00 50.98 ? 192  ASP A CA  1 
ATOM   1438 C C   . ASP A 1 212 ? -12.998 9.299   -9.539  1.00 50.62 ? 192  ASP A C   1 
ATOM   1439 O O   . ASP A 1 212 ? -11.918 9.713   -9.112  1.00 50.55 ? 192  ASP A O   1 
ATOM   1440 C CB  . ASP A 1 212 ? -14.513 10.024  -7.689  1.00 52.80 ? 192  ASP A CB  1 
ATOM   1441 C CG  . ASP A 1 212 ? -14.972 11.223  -8.509  1.00 55.37 ? 192  ASP A CG  1 
ATOM   1442 O OD1 . ASP A 1 212 ? -16.138 11.222  -8.950  1.00 58.76 ? 192  ASP A OD1 1 
ATOM   1443 O OD2 . ASP A 1 212 ? -14.173 12.169  -8.699  1.00 55.18 ? 192  ASP A OD2 1 
ATOM   1444 N N   . PRO A 1 213 ? -13.293 9.247   -10.856 1.00 51.38 ? 193  PRO A N   1 
ATOM   1445 C CA  . PRO A 1 213 ? -12.299 9.594   -11.880 1.00 51.68 ? 193  PRO A CA  1 
ATOM   1446 C C   . PRO A 1 213 ? -11.691 10.986  -11.728 1.00 51.66 ? 193  PRO A C   1 
ATOM   1447 O O   . PRO A 1 213 ? -10.500 11.174  -12.004 1.00 51.77 ? 193  PRO A O   1 
ATOM   1448 C CB  . PRO A 1 213 ? -13.092 9.484   -13.188 1.00 52.48 ? 193  PRO A CB  1 
ATOM   1449 C CG  . PRO A 1 213 ? -14.156 8.488   -12.881 1.00 50.76 ? 193  PRO A CG  1 
ATOM   1450 C CD  . PRO A 1 213 ? -14.556 8.789   -11.467 1.00 52.04 ? 193  PRO A CD  1 
ATOM   1451 N N   . LYS A 1 214 ? -12.492 11.951  -11.286 1.00 53.27 ? 194  LYS A N   1 
ATOM   1452 C CA  . LYS A 1 214 ? -12.006 13.320  -11.119 1.00 54.76 ? 194  LYS A CA  1 
ATOM   1453 C C   . LYS A 1 214 ? -11.149 13.480  -9.863  1.00 52.59 ? 194  LYS A C   1 
ATOM   1454 O O   . LYS A 1 214 ? -10.161 14.214  -9.879  1.00 51.92 ? 194  LYS A O   1 
ATOM   1455 C CB  . LYS A 1 214 ? -13.159 14.330  -11.151 1.00 57.59 ? 194  LYS A CB  1 
ATOM   1456 C CG  . LYS A 1 214 ? -13.696 14.578  -12.554 1.00 61.70 ? 194  LYS A CG  1 
ATOM   1457 C CD  . LYS A 1 214 ? -15.060 15.254  -12.536 1.00 64.05 ? 194  LYS A CD  1 
ATOM   1458 C CE  . LYS A 1 214 ? -15.617 15.391  -13.944 1.00 66.00 ? 194  LYS A CE  1 
ATOM   1459 N NZ  . LYS A 1 214 ? -17.068 15.719  -13.940 1.00 66.79 ? 194  LYS A NZ  1 
ATOM   1460 N N   . LEU A 1 215 ? -11.519 12.787  -8.788  1.00 51.29 ? 195  LEU A N   1 
ATOM   1461 C CA  . LEU A 1 215 ? -10.699 12.775  -7.570  1.00 50.67 ? 195  LEU A CA  1 
ATOM   1462 C C   . LEU A 1 215 ? -9.373  12.043  -7.797  1.00 49.47 ? 195  LEU A C   1 
ATOM   1463 O O   . LEU A 1 215 ? -8.315  12.543  -7.406  1.00 51.19 ? 195  LEU A O   1 
ATOM   1464 C CB  . LEU A 1 215 ? -11.464 12.194  -6.372  1.00 49.32 ? 195  LEU A CB  1 
ATOM   1465 C CG  . LEU A 1 215 ? -12.677 12.964  -5.818  1.00 49.91 ? 195  LEU A CG  1 
ATOM   1466 C CD1 . LEU A 1 215 ? -13.235 12.268  -4.585  1.00 47.64 ? 195  LEU A CD1 1 
ATOM   1467 C CD2 . LEU A 1 215 ? -12.363 14.422  -5.503  1.00 50.47 ? 195  LEU A CD2 1 
ATOM   1468 N N   . VAL A 1 216 ? -9.438  10.879  -8.449  1.00 48.44 ? 196  VAL A N   1 
ATOM   1469 C CA  . VAL A 1 216 ? -8.245  10.107  -8.829  1.00 49.71 ? 196  VAL A CA  1 
ATOM   1470 C C   . VAL A 1 216 ? -7.270  10.965  -9.639  1.00 50.50 ? 196  VAL A C   1 
ATOM   1471 O O   . VAL A 1 216 ? -6.099  11.094  -9.271  1.00 52.20 ? 196  VAL A O   1 
ATOM   1472 C CB  . VAL A 1 216 ? -8.615  8.815   -9.608  1.00 49.80 ? 196  VAL A CB  1 
ATOM   1473 C CG1 . VAL A 1 216 ? -7.384  8.172   -10.245 1.00 49.67 ? 196  VAL A CG1 1 
ATOM   1474 C CG2 . VAL A 1 216 ? -9.317  7.818   -8.698  1.00 48.39 ? 196  VAL A CG2 1 
ATOM   1475 N N   . GLU A 1 217 ? -7.763  11.566  -10.723 1.00 53.55 ? 197  GLU A N   1 
ATOM   1476 C CA  . GLU A 1 217 ? -6.938  12.398  -11.604 1.00 52.55 ? 197  GLU A CA  1 
ATOM   1477 C C   . GLU A 1 217 ? -6.312  13.584  -10.864 1.00 50.84 ? 197  GLU A C   1 
ATOM   1478 O O   . GLU A 1 217 ? -5.131  13.882  -11.048 1.00 53.34 ? 197  GLU A O   1 
ATOM   1479 C CB  . GLU A 1 217 ? -7.764  12.873  -12.811 1.00 56.87 ? 197  GLU A CB  1 
ATOM   1480 C CG  . GLU A 1 217 ? -6.987  13.640  -13.876 1.00 60.33 ? 197  GLU A CG  1 
ATOM   1481 C CD  . GLU A 1 217 ? -6.806  15.113  -13.541 1.00 63.44 ? 197  GLU A CD  1 
ATOM   1482 O OE1 . GLU A 1 217 ? -7.738  15.725  -12.965 1.00 65.23 ? 197  GLU A OE1 1 
ATOM   1483 O OE2 . GLU A 1 217 ? -5.729  15.665  -13.857 1.00 64.89 ? 197  GLU A OE2 1 
ATOM   1484 N N   . GLU A 1 218 ? -7.110  14.248  -10.029 1.00 51.60 ? 198  GLU A N   1 
ATOM   1485 C CA  . GLU A 1 218 ? -6.658  15.387  -9.230  1.00 52.32 ? 198  GLU A CA  1 
ATOM   1486 C C   . GLU A 1 218 ? -5.598  14.982  -8.205  1.00 51.99 ? 198  GLU A C   1 
ATOM   1487 O O   . GLU A 1 218 ? -4.549  15.625  -8.102  1.00 50.28 ? 198  GLU A O   1 
ATOM   1488 C CB  . GLU A 1 218 ? -7.848  16.033  -8.520  1.00 54.87 ? 198  GLU A CB  1 
ATOM   1489 C CG  . GLU A 1 218 ? -7.548  17.369  -7.860  1.00 60.24 ? 198  GLU A CG  1 
ATOM   1490 C CD  . GLU A 1 218 ? -8.658  17.820  -6.925  1.00 62.75 ? 198  GLU A CD  1 
ATOM   1491 O OE1 . GLU A 1 218 ? -9.741  17.194  -6.927  1.00 64.51 ? 198  GLU A OE1 1 
ATOM   1492 O OE2 . GLU A 1 218 ? -8.444  18.804  -6.184  1.00 66.01 ? 198  GLU A OE2 1 
ATOM   1493 N N   . PHE A 1 219 ? -5.876  13.915  -7.453  1.00 48.83 ? 199  PHE A N   1 
ATOM   1494 C CA  . PHE A 1 219 ? -4.933  13.424  -6.452  1.00 48.45 ? 199  PHE A CA  1 
ATOM   1495 C C   . PHE A 1 219 ? -3.580  13.097  -7.073  1.00 45.66 ? 199  PHE A C   1 
ATOM   1496 O O   . PHE A 1 219 ? -2.543  13.535  -6.576  1.00 46.51 ? 199  PHE A O   1 
ATOM   1497 C CB  . PHE A 1 219 ? -5.479  12.188  -5.728  1.00 46.43 ? 199  PHE A CB  1 
ATOM   1498 C CG  . PHE A 1 219 ? -4.600  11.712  -4.597  1.00 44.81 ? 199  PHE A CG  1 
ATOM   1499 C CD1 . PHE A 1 219 ? -3.497  10.896  -4.845  1.00 44.75 ? 199  PHE A CD1 1 
ATOM   1500 C CD2 . PHE A 1 219 ? -4.873  12.087  -3.287  1.00 44.95 ? 199  PHE A CD2 1 
ATOM   1501 C CE1 . PHE A 1 219 ? -2.683  10.465  -3.807  1.00 41.46 ? 199  PHE A CE1 1 
ATOM   1502 C CE2 . PHE A 1 219 ? -4.062  11.654  -2.247  1.00 42.65 ? 199  PHE A CE2 1 
ATOM   1503 C CZ  . PHE A 1 219 ? -2.970  10.841  -2.508  1.00 41.40 ? 199  PHE A CZ  1 
ATOM   1504 N N   . VAL A 1 220 ? -3.599  12.319  -8.151  1.00 48.02 ? 200  VAL A N   1 
ATOM   1505 C CA  . VAL A 1 220 ? -2.368  11.888  -8.805  1.00 49.31 ? 200  VAL A CA  1 
ATOM   1506 C C   . VAL A 1 220 ? -1.601  13.105  -9.326  1.00 52.87 ? 200  VAL A C   1 
ATOM   1507 O O   . VAL A 1 220 ? -0.405  13.244  -9.062  1.00 51.46 ? 200  VAL A O   1 
ATOM   1508 C CB  . VAL A 1 220 ? -2.634  10.856  -9.928  1.00 50.61 ? 200  VAL A CB  1 
ATOM   1509 C CG1 . VAL A 1 220 ? -1.349  10.492  -10.658 1.00 49.68 ? 200  VAL A CG1 1 
ATOM   1510 C CG2 . VAL A 1 220 ? -3.273  9.596   -9.359  1.00 49.40 ? 200  VAL A CG2 1 
ATOM   1511 N N   . ARG A 1 221 ? -2.305  13.994  -10.031 1.00 54.34 ? 201  ARG A N   1 
ATOM   1512 C CA  . ARG A 1 221 ? -1.696  15.199  -10.606 1.00 55.15 ? 201  ARG A CA  1 
ATOM   1513 C C   . ARG A 1 221 ? -0.998  16.045  -9.541  1.00 54.64 ? 201  ARG A C   1 
ATOM   1514 O O   . ARG A 1 221 ? 0.172   16.399  -9.697  1.00 54.59 ? 201  ARG A O   1 
ATOM   1515 C CB  . ARG A 1 221 ? -2.745  16.032  -11.356 1.00 56.96 ? 201  ARG A CB  1 
ATOM   1516 C CG  . ARG A 1 221 ? -2.169  17.131  -12.241 1.00 60.17 ? 201  ARG A CG  1 
ATOM   1517 C CD  . ARG A 1 221 ? -3.259  18.014  -12.846 1.00 61.26 ? 201  ARG A CD  1 
ATOM   1518 N NE  . ARG A 1 221 ? -3.935  18.837  -11.838 1.00 62.77 ? 201  ARG A NE  1 
ATOM   1519 C CZ  . ARG A 1 221 ? -5.222  18.738  -11.513 1.00 62.85 ? 201  ARG A CZ  1 
ATOM   1520 N NH1 . ARG A 1 221 ? -6.006  17.860  -12.124 1.00 64.07 ? 201  ARG A NH1 1 
ATOM   1521 N NH2 . ARG A 1 221 ? -5.734  19.530  -10.577 1.00 62.14 ? 201  ARG A NH2 1 
ATOM   1522 N N   . ARG A 1 222 ? -1.722  16.352  -8.464  1.00 56.40 ? 202  ARG A N   1 
ATOM   1523 C CA  . ARG A 1 222 ? -1.192  17.149  -7.356  1.00 56.96 ? 202  ARG A CA  1 
ATOM   1524 C C   . ARG A 1 222 ? 0.011   16.483  -6.689  1.00 56.53 ? 202  ARG A C   1 
ATOM   1525 O O   . ARG A 1 222 ? 1.005   17.152  -6.376  1.00 54.93 ? 202  ARG A O   1 
ATOM   1526 C CB  . ARG A 1 222 ? -2.279  17.425  -6.310  1.00 61.55 ? 202  ARG A CB  1 
ATOM   1527 C CG  . ARG A 1 222 ? -3.359  18.395  -6.759  1.00 65.95 ? 202  ARG A CG  1 
ATOM   1528 C CD  . ARG A 1 222 ? -4.236  18.810  -5.591  1.00 68.91 ? 202  ARG A CD  1 
ATOM   1529 N NE  . ARG A 1 222 ? -5.331  19.680  -6.014  1.00 74.22 ? 202  ARG A NE  1 
ATOM   1530 C CZ  . ARG A 1 222 ? -6.047  20.448  -5.195  1.00 77.41 ? 202  ARG A CZ  1 
ATOM   1531 N NH1 . ARG A 1 222 ? -5.792  20.470  -3.892  1.00 78.82 ? 202  ARG A NH1 1 
ATOM   1532 N NH2 . ARG A 1 222 ? -7.023  21.203  -5.684  1.00 79.65 ? 202  ARG A NH2 1 
ATOM   1533 N N   . ALA A 1 223 ? -0.086  15.170  -6.473  1.00 52.97 ? 203  ALA A N   1 
ATOM   1534 C CA  . ALA A 1 223 ? 0.996   14.407  -5.858  1.00 53.32 ? 203  ALA A CA  1 
ATOM   1535 C C   . ALA A 1 223 ? 2.237   14.409  -6.742  1.00 51.23 ? 203  ALA A C   1 
ATOM   1536 O O   . ALA A 1 223 ? 3.349   14.611  -6.259  1.00 52.06 ? 203  ALA A O   1 
ATOM   1537 C CB  . ALA A 1 223 ? 0.549   12.981  -5.561  1.00 52.11 ? 203  ALA A CB  1 
ATOM   1538 N N   . LYS A 1 224 ? 2.032   14.203  -8.040  1.00 56.10 ? 204  LYS A N   1 
ATOM   1539 C CA  . LYS A 1 224 ? 3.119   14.195  -9.021  1.00 58.60 ? 204  LYS A CA  1 
ATOM   1540 C C   . LYS A 1 224 ? 3.818   15.556  -9.161  1.00 63.58 ? 204  LYS A C   1 
ATOM   1541 O O   . LYS A 1 224 ? 4.971   15.613  -9.589  1.00 64.57 ? 204  LYS A O   1 
ATOM   1542 C CB  . LYS A 1 224 ? 2.599   13.748  -10.391 1.00 57.45 ? 204  LYS A CB  1 
ATOM   1543 C CG  . LYS A 1 224 ? 2.066   12.322  -10.448 1.00 56.49 ? 204  LYS A CG  1 
ATOM   1544 C CD  . LYS A 1 224 ? 3.181   11.299  -10.481 1.00 52.71 ? 204  LYS A CD  1 
ATOM   1545 C CE  . LYS A 1 224 ? 2.642   9.931   -10.863 1.00 51.21 ? 204  LYS A CE  1 
ATOM   1546 N NZ  . LYS A 1 224 ? 3.725   8.928   -10.758 1.00 46.73 ? 204  LYS A NZ  1 
ATOM   1547 N N   . ASN A 1 225 ? 3.117   16.630  -8.792  1.00 65.77 ? 205  ASN A N   1 
ATOM   1548 C CA  . ASN A 1 225 ? 3.616   18.005  -8.934  1.00 71.13 ? 205  ASN A CA  1 
ATOM   1549 C C   . ASN A 1 225 ? 4.585   18.486  -7.852  1.00 73.23 ? 205  ASN A C   1 
ATOM   1550 O O   . ASN A 1 225 ? 5.372   19.405  -8.087  1.00 74.27 ? 205  ASN A O   1 
ATOM   1551 C CB  . ASN A 1 225 ? 2.446   18.987  -9.037  1.00 74.01 ? 205  ASN A CB  1 
ATOM   1552 C CG  . ASN A 1 225 ? 1.875   19.074  -10.440 1.00 76.25 ? 205  ASN A CG  1 
ATOM   1553 O OD1 . ASN A 1 225 ? 2.516   18.673  -11.416 1.00 79.16 ? 205  ASN A OD1 1 
ATOM   1554 N ND2 . ASN A 1 225 ? 0.665   19.608  -10.549 1.00 76.94 ? 205  ASN A ND2 1 
ATOM   1555 N N   . VAL A 1 226 ? 4.520   17.878  -6.671  1.00 74.22 ? 206  VAL A N   1 
ATOM   1556 C CA  . VAL A 1 226 ? 5.374   18.278  -5.553  1.00 72.15 ? 206  VAL A CA  1 
ATOM   1557 C C   . VAL A 1 226 ? 6.746   17.620  -5.648  1.00 72.43 ? 206  VAL A C   1 
ATOM   1558 O O   . VAL A 1 226 ? 7.431   17.735  -6.663  1.00 75.18 ? 206  VAL A O   1 
ATOM   1559 C CB  . VAL A 1 226 ? 4.735   17.933  -4.195  1.00 71.01 ? 206  VAL A CB  1 
ATOM   1560 C CG1 . VAL A 1 226 ? 5.486   18.621  -3.067  1.00 70.89 ? 206  VAL A CG1 1 
ATOM   1561 C CG2 . VAL A 1 226 ? 3.273   18.344  -4.180  1.00 71.53 ? 206  VAL A CG2 1 
HETATM 1562 S S   . SO4 B 2 .   ? -7.095  5.718   3.161   1.00 47.99 ? 1207 SO4 A S   1 
HETATM 1563 O O1  . SO4 B 2 .   ? -6.178  4.564   3.243   1.00 53.70 ? 1207 SO4 A O1  1 
HETATM 1564 O O2  . SO4 B 2 .   ? -8.453  5.190   2.910   1.00 49.55 ? 1207 SO4 A O2  1 
HETATM 1565 O O3  . SO4 B 2 .   ? -6.715  6.623   2.062   1.00 47.45 ? 1207 SO4 A O3  1 
HETATM 1566 O O4  . SO4 B 2 .   ? -7.034  6.466   4.436   1.00 51.50 ? 1207 SO4 A O4  1 
HETATM 1567 S S   . SO4 C 2 .   ? -12.294 -0.632  5.290   1.00 75.40 ? 1208 SO4 A S   1 
HETATM 1568 O O1  . SO4 C 2 .   ? -10.989 -1.312  5.463   1.00 75.33 ? 1208 SO4 A O1  1 
HETATM 1569 O O2  . SO4 C 2 .   ? -12.524 -0.386  3.846   1.00 77.46 ? 1208 SO4 A O2  1 
HETATM 1570 O O3  . SO4 C 2 .   ? -12.284 0.662   6.008   1.00 75.70 ? 1208 SO4 A O3  1 
HETATM 1571 O O4  . SO4 C 2 .   ? -13.371 -1.493  5.836   1.00 69.38 ? 1208 SO4 A O4  1 
HETATM 1572 S S   . SO4 D 2 .   ? -16.900 -4.894  -13.292 0.50 44.03 ? 1209 SO4 A S   1 
HETATM 1573 O O1  . SO4 D 2 .   ? -15.900 -5.861  -12.777 0.50 41.68 ? 1209 SO4 A O1  1 
HETATM 1574 O O2  . SO4 D 2 .   ? -17.329 -5.343  -14.632 0.50 42.24 ? 1209 SO4 A O2  1 
HETATM 1575 O O3  . SO4 D 2 .   ? -16.351 -3.531  -13.417 0.50 41.96 ? 1209 SO4 A O3  1 
HETATM 1576 O O4  . SO4 D 2 .   ? -18.051 -4.873  -12.358 0.50 42.93 ? 1209 SO4 A O4  1 
HETATM 1577 O O   . HOH E 3 .   ? -10.271 -4.022  -2.878  1.00 29.75 ? 2001 HOH A O   1 
HETATM 1578 O O   . HOH E 3 .   ? -16.920 -5.945  0.032   1.00 46.79 ? 2002 HOH A O   1 
HETATM 1579 O O   . HOH E 3 .   ? -1.039  4.610   -15.351 1.00 42.90 ? 2003 HOH A O   1 
HETATM 1580 O O   . HOH E 3 .   ? 3.668   1.304   -12.734 1.00 49.93 ? 2004 HOH A O   1 
HETATM 1581 O O   . HOH E 3 .   ? -7.154  -11.825 7.701   1.00 41.55 ? 2005 HOH A O   1 
HETATM 1582 O O   . HOH E 3 .   ? -11.400 -14.541 -0.691  1.00 49.26 ? 2006 HOH A O   1 
HETATM 1583 O O   . HOH E 3 .   ? -6.790  -17.901 -0.627  1.00 45.32 ? 2007 HOH A O   1 
HETATM 1584 O O   . HOH E 3 .   ? -8.719  -8.155  8.824   1.00 36.11 ? 2008 HOH A O   1 
HETATM 1585 O O   . HOH E 3 .   ? -15.485 -8.486  6.327   1.00 41.36 ? 2009 HOH A O   1 
HETATM 1586 O O   . HOH E 3 .   ? -11.155 -8.138  12.533  1.00 47.36 ? 2010 HOH A O   1 
HETATM 1587 O O   . HOH E 3 .   ? -4.719  -13.305 -12.682 1.00 40.91 ? 2011 HOH A O   1 
HETATM 1588 O O   . HOH E 3 .   ? -1.429  -7.044  -13.376 1.00 40.52 ? 2012 HOH A O   1 
HETATM 1589 O O   . HOH E 3 .   ? -4.371  -8.329  -20.630 1.00 48.73 ? 2013 HOH A O   1 
HETATM 1590 O O   . HOH E 3 .   ? -2.733  -11.429 -18.066 1.00 43.39 ? 2014 HOH A O   1 
HETATM 1591 O O   . HOH E 3 .   ? -10.983 -14.024 -17.858 1.00 31.83 ? 2015 HOH A O   1 
HETATM 1592 O O   . HOH E 3 .   ? -7.278  -7.381  -20.748 1.00 31.33 ? 2016 HOH A O   1 
HETATM 1593 O O   . HOH E 3 .   ? 0.035   -7.087  -11.276 1.00 32.27 ? 2017 HOH A O   1 
HETATM 1594 O O   . HOH E 3 .   ? -0.239  -8.804  -9.179  1.00 29.71 ? 2018 HOH A O   1 
HETATM 1595 O O   . HOH E 3 .   ? -3.710  -9.768  10.853  1.00 42.30 ? 2019 HOH A O   1 
HETATM 1596 O O   . HOH E 3 .   ? 3.707   -16.073 9.282   1.00 45.76 ? 2020 HOH A O   1 
HETATM 1597 O O   . HOH E 3 .   ? 0.978   -15.914 -8.674  1.00 53.29 ? 2021 HOH A O   1 
HETATM 1598 O O   . HOH E 3 .   ? 6.891   -9.338  -9.277  1.00 41.08 ? 2022 HOH A O   1 
HETATM 1599 O O   . HOH E 3 .   ? 2.216   -5.581  8.382   1.00 37.62 ? 2023 HOH A O   1 
HETATM 1600 O O   . HOH E 3 .   ? -3.502  -6.377  10.719  1.00 45.68 ? 2024 HOH A O   1 
HETATM 1601 O O   . HOH E 3 .   ? -2.824  1.309   4.040   1.00 48.88 ? 2025 HOH A O   1 
HETATM 1602 O O   . HOH E 3 .   ? 4.259   -9.447  8.127   1.00 42.29 ? 2026 HOH A O   1 
HETATM 1603 O O   . HOH E 3 .   ? 4.622   -6.958  12.029  1.00 48.70 ? 2027 HOH A O   1 
HETATM 1604 O O   . HOH E 3 .   ? -1.236  -9.827  12.484  1.00 42.29 ? 2028 HOH A O   1 
HETATM 1605 O O   . HOH E 3 .   ? 11.825  -11.358 5.354   1.00 46.29 ? 2029 HOH A O   1 
HETATM 1606 O O   . HOH E 3 .   ? 4.282   -17.230 -8.570  1.00 58.86 ? 2030 HOH A O   1 
HETATM 1607 O O   . HOH E 3 .   ? 3.976   8.753   13.850  1.00 52.21 ? 2031 HOH A O   1 
HETATM 1608 O O   . HOH E 3 .   ? 0.320   9.736   12.610  1.00 43.68 ? 2032 HOH A O   1 
HETATM 1609 O O   . HOH E 3 .   ? 12.509  -0.270  -1.214  1.00 39.69 ? 2033 HOH A O   1 
HETATM 1610 O O   . HOH E 3 .   ? 11.762  -0.037  1.510   1.00 40.18 ? 2034 HOH A O   1 
HETATM 1611 O O   . HOH E 3 .   ? 4.398   9.718   11.157  1.00 51.28 ? 2035 HOH A O   1 
HETATM 1612 O O   . HOH E 3 .   ? 11.110  7.484   1.291   1.00 37.65 ? 2036 HOH A O   1 
HETATM 1613 O O   . HOH E 3 .   ? -4.102  7.594   2.292   1.00 35.06 ? 2037 HOH A O   1 
HETATM 1614 O O   . HOH E 3 .   ? -7.844  9.095   2.470   1.00 47.83 ? 2038 HOH A O   1 
HETATM 1615 O O   . HOH E 3 .   ? -8.983  13.846  -3.094  1.00 53.12 ? 2039 HOH A O   1 
HETATM 1616 O O   . HOH E 3 .   ? -4.976  3.515   0.954   1.00 50.02 ? 2040 HOH A O   1 
HETATM 1617 O O   . HOH E 3 .   ? -15.728 12.009  -11.692 1.00 55.96 ? 2041 HOH A O   1 
# 
loop_
_pdbx_poly_seq_scheme.asym_id 
_pdbx_poly_seq_scheme.entity_id 
_pdbx_poly_seq_scheme.seq_id 
_pdbx_poly_seq_scheme.mon_id 
_pdbx_poly_seq_scheme.ndb_seq_num 
_pdbx_poly_seq_scheme.pdb_seq_num 
_pdbx_poly_seq_scheme.auth_seq_num 
_pdbx_poly_seq_scheme.pdb_mon_id 
_pdbx_poly_seq_scheme.auth_mon_id 
_pdbx_poly_seq_scheme.pdb_strand_id 
_pdbx_poly_seq_scheme.pdb_ins_code 
_pdbx_poly_seq_scheme.hetero 
A 1 1   MET 1   -19 ?   ?   ?   A . n 
A 1 2   GLY 2   -18 ?   ?   ?   A . n 
A 1 3   SER 3   -17 ?   ?   ?   A . n 
A 1 4   SER 4   -16 ?   ?   ?   A . n 
A 1 5   HIS 5   -15 ?   ?   ?   A . n 
A 1 6   HIS 6   -14 ?   ?   ?   A . n 
A 1 7   HIS 7   -13 ?   ?   ?   A . n 
A 1 8   HIS 8   -12 ?   ?   ?   A . n 
A 1 9   HIS 9   -11 ?   ?   ?   A . n 
A 1 10  HIS 10  -10 ?   ?   ?   A . n 
A 1 11  SER 11  -9  ?   ?   ?   A . n 
A 1 12  SER 12  -8  ?   ?   ?   A . n 
A 1 13  GLY 13  -7  ?   ?   ?   A . n 
A 1 14  LEU 14  -6  ?   ?   ?   A . n 
A 1 15  VAL 15  -5  ?   ?   ?   A . n 
A 1 16  PRO 16  -4  ?   ?   ?   A . n 
A 1 17  ARG 17  -3  ?   ?   ?   A . n 
A 1 18  GLY 18  -2  ?   ?   ?   A . n 
A 1 19  SER 19  -1  ?   ?   ?   A . n 
A 1 20  HIS 20  0   0   HIS HIS A . n 
A 1 21  MET 21  1   1   MET MET A . n 
A 1 22  PHE 22  2   2   PHE PHE A . n 
A 1 23  VAL 23  3   3   VAL VAL A . n 
A 1 24  LYS 24  4   4   LYS LYS A . n 
A 1 25  ILE 25  5   5   ILE ILE A . n 
A 1 26  CYS 26  6   6   CYS CYS A . n 
A 1 27  GLY 27  7   7   GLY GLY A . n 
A 1 28  ILE 28  8   8   ILE ILE A . n 
A 1 29  LYS 29  9   9   LYS LYS A . n 
A 1 30  SER 30  10  10  SER SER A . n 
A 1 31  LEU 31  11  11  LEU LEU A . n 
A 1 32  GLU 32  12  12  GLU GLU A . n 
A 1 33  GLU 33  13  13  GLU GLU A . n 
A 1 34  LEU 34  14  14  LEU LEU A . n 
A 1 35  GLU 35  15  15  GLU GLU A . n 
A 1 36  ILE 36  16  16  ILE ILE A . n 
A 1 37  VAL 37  17  17  VAL VAL A . n 
A 1 38  GLU 38  18  18  GLU GLU A . n 
A 1 39  LYS 39  19  19  LYS LYS A . n 
A 1 40  HIS 40  20  20  HIS HIS A . n 
A 1 41  ALA 41  21  21  ALA ALA A . n 
A 1 42  ASP 42  22  22  ASP ASP A . n 
A 1 43  ALA 43  23  23  ALA ALA A . n 
A 1 44  THR 44  24  24  THR THR A . n 
A 1 45  GLY 45  25  25  GLY GLY A . n 
A 1 46  VAL 46  26  26  VAL VAL A . n 
A 1 47  VAL 47  27  27  VAL VAL A . n 
A 1 48  VAL 48  28  28  VAL VAL A . n 
A 1 49  ASN 49  29  29  ASN ASN A . n 
A 1 50  SER 50  30  30  SER SER A . n 
A 1 51  ASN 51  31  31  ASN ASN A . n 
A 1 52  SER 52  32  32  SER SER A . n 
A 1 53  LYS 53  33  33  LYS LYS A . n 
A 1 54  ARG 54  34  34  ARG ARG A . n 
A 1 55  ARG 55  35  35  ARG ARG A . n 
A 1 56  ILE 56  36  36  ILE ILE A . n 
A 1 57  PRO 57  37  37  PRO PRO A . n 
A 1 58  LEU 58  38  38  LEU LEU A . n 
A 1 59  GLU 59  39  39  GLU GLU A . n 
A 1 60  LYS 60  40  40  LYS LYS A . n 
A 1 61  ALA 61  41  41  ALA ALA A . n 
A 1 62  ARG 62  42  42  ARG ARG A . n 
A 1 63  GLU 63  43  43  GLU GLU A . n 
A 1 64  ILE 64  44  44  ILE ILE A . n 
A 1 65  ILE 65  45  45  ILE ILE A . n 
A 1 66  GLU 66  46  46  GLU GLU A . n 
A 1 67  ASN 67  47  47  ASN ASN A . n 
A 1 68  SER 68  48  48  SER SER A . n 
A 1 69  ALA 69  49  49  ALA ALA A . n 
A 1 70  ILE 70  50  50  ILE ILE A . n 
A 1 71  PRO 71  51  51  PRO PRO A . n 
A 1 72  VAL 72  52  52  VAL VAL A . n 
A 1 73  PHE 73  53  53  PHE PHE A . n 
A 1 74  LEU 74  54  54  LEU LEU A . n 
A 1 75  VAL 75  55  55  VAL VAL A . n 
A 1 76  SER 76  56  56  SER SER A . n 
A 1 77  THR 77  57  57  THR THR A . n 
A 1 78  MET 78  58  58  MET MET A . n 
A 1 79  VAL 79  59  59  VAL VAL A . n 
A 1 80  GLY 80  60  60  GLY GLY A . n 
A 1 81  PHE 81  61  61  PHE PHE A . n 
A 1 82  SER 82  62  62  SER SER A . n 
A 1 83  GLU 83  63  63  GLU GLU A . n 
A 1 84  TRP 84  64  64  TRP TRP A . n 
A 1 85  ALA 85  65  65  ALA ALA A . n 
A 1 86  MET 86  66  66  MET MET A . n 
A 1 87  ALA 87  67  67  ALA ALA A . n 
A 1 88  ILE 88  68  68  ILE ILE A . n 
A 1 89  GLU 89  69  69  GLU GLU A . n 
A 1 90  ARG 90  70  70  ARG ARG A . n 
A 1 91  THR 91  71  71  THR THR A . n 
A 1 92  GLY 92  72  72  GLY GLY A . n 
A 1 93  ALA 93  73  73  ALA ALA A . n 
A 1 94  GLN 94  74  74  GLN GLN A . n 
A 1 95  TYR 95  75  75  TYR TYR A . n 
A 1 96  ILE 96  76  76  ILE ILE A . n 
A 1 97  GLN 97  77  77  GLN GLN A . n 
A 1 98  VAL 98  78  78  VAL VAL A . n 
A 1 99  HIS 99  79  79  HIS HIS A . n 
A 1 100 SER 100 80  80  SER SER A . n 
A 1 101 ASN 101 81  81  ASN ASN A . n 
A 1 102 ALA 102 82  82  ALA ALA A . n 
A 1 103 LEU 103 83  83  LEU LEU A . n 
A 1 104 PRO 104 84  84  PRO PRO A . n 
A 1 105 GLN 105 85  85  GLN GLN A . n 
A 1 106 THR 106 86  86  THR THR A . n 
A 1 107 ILE 107 87  87  ILE ILE A . n 
A 1 108 ASP 108 88  88  ASP ASP A . n 
A 1 109 THR 109 89  89  THR THR A . n 
A 1 110 LEU 110 90  90  LEU LEU A . n 
A 1 111 LYS 111 91  91  LYS LYS A . n 
A 1 112 LYS 112 92  92  LYS LYS A . n 
A 1 113 GLU 113 93  93  GLU GLU A . n 
A 1 114 PHE 114 94  94  PHE PHE A . n 
A 1 115 GLY 115 95  95  GLY GLY A . n 
A 1 116 VAL 116 96  96  VAL VAL A . n 
A 1 117 PHE 117 97  97  PHE PHE A . n 
A 1 118 VAL 118 98  98  VAL VAL A . n 
A 1 119 MET 119 99  99  MET MET A . n 
A 1 120 LYS 120 100 100 LYS LYS A . n 
A 1 121 ALA 121 101 101 ALA ALA A . n 
A 1 122 PHE 122 102 102 PHE PHE A . n 
A 1 123 ARG 123 103 103 ARG ARG A . n 
A 1 124 VAL 124 104 104 VAL VAL A . n 
A 1 125 PRO 125 105 105 PRO PRO A . n 
A 1 126 THR 126 106 106 THR THR A . n 
A 1 127 ILE 127 107 107 ILE ILE A . n 
A 1 128 SER 128 108 108 SER SER A . n 
A 1 129 LYS 129 109 109 LYS LYS A . n 
A 1 130 ASN 130 110 110 ASN ASN A . n 
A 1 131 PRO 131 111 111 PRO PRO A . n 
A 1 132 GLU 132 112 112 GLU GLU A . n 
A 1 133 GLU 133 113 113 GLU GLU A . n 
A 1 134 ASP 134 114 114 ASP ASP A . n 
A 1 135 ALA 135 115 115 ALA ALA A . n 
A 1 136 ASN 136 116 116 ASN ASN A . n 
A 1 137 ARG 137 117 117 ARG ARG A . n 
A 1 138 LEU 138 118 118 LEU LEU A . n 
A 1 139 LEU 139 119 119 LEU LEU A . n 
A 1 140 SER 140 120 120 SER SER A . n 
A 1 141 GLU 141 121 121 GLU GLU A . n 
A 1 142 ILE 142 122 122 ILE ILE A . n 
A 1 143 SER 143 123 123 SER SER A . n 
A 1 144 ARG 144 124 124 ARG ARG A . n 
A 1 145 TYR 145 125 125 TYR TYR A . n 
A 1 146 ASN 146 126 126 ASN ASN A . n 
A 1 147 ALA 147 127 127 ALA ALA A . n 
A 1 148 ASP 148 128 128 ASP ASP A . n 
A 1 149 MET 149 129 129 MET MET A . n 
A 1 150 VAL 150 130 130 VAL VAL A . n 
A 1 151 LEU 151 131 131 LEU LEU A . n 
A 1 152 LEU 152 132 132 LEU LEU A . n 
A 1 153 ASP 153 133 133 ASP ASP A . n 
A 1 154 THR 154 134 134 THR THR A . n 
A 1 155 GLY 155 135 ?   ?   ?   A . n 
A 1 156 ALA 156 136 ?   ?   ?   A . n 
A 1 157 GLY 157 137 ?   ?   ?   A . n 
A 1 158 SER 158 138 ?   ?   ?   A . n 
A 1 159 GLY 159 139 ?   ?   ?   A . n 
A 1 160 LYS 160 140 ?   ?   ?   A . n 
A 1 161 LEU 161 141 ?   ?   ?   A . n 
A 1 162 HIS 162 142 142 HIS HIS A . n 
A 1 163 ASP 163 143 143 ASP ASP A . n 
A 1 164 LEU 164 144 144 LEU LEU A . n 
A 1 165 ARG 165 145 145 ARG ARG A . n 
A 1 166 VAL 166 146 146 VAL VAL A . n 
A 1 167 SER 167 147 147 SER SER A . n 
A 1 168 SER 168 148 148 SER SER A . n 
A 1 169 LEU 169 149 149 LEU LEU A . n 
A 1 170 VAL 170 150 150 VAL VAL A . n 
A 1 171 ALA 171 151 151 ALA ALA A . n 
A 1 172 ARG 172 152 152 ARG ARG A . n 
A 1 173 LYS 173 153 153 LYS LYS A . n 
A 1 174 ILE 174 154 154 ILE ILE A . n 
A 1 175 PRO 175 155 155 PRO PRO A . n 
A 1 176 VAL 176 156 156 VAL VAL A . n 
A 1 177 ILE 177 157 157 ILE ILE A . n 
A 1 178 VAL 178 158 158 VAL VAL A . n 
A 1 179 ALA 179 159 159 ALA ALA A . n 
A 1 180 GLY 180 160 160 GLY GLY A . n 
A 1 181 GLY 181 161 161 GLY GLY A . n 
A 1 182 LEU 182 162 162 LEU LEU A . n 
A 1 183 ASN 183 163 163 ASN ASN A . n 
A 1 184 ALA 184 164 164 ALA ALA A . n 
A 1 185 GLU 185 165 165 GLU GLU A . n 
A 1 186 ASN 186 166 166 ASN ASN A . n 
A 1 187 VAL 187 167 167 VAL VAL A . n 
A 1 188 GLU 188 168 168 GLU GLU A . n 
A 1 189 GLU 189 169 169 GLU GLU A . n 
A 1 190 VAL 190 170 170 VAL VAL A . n 
A 1 191 ILE 191 171 171 ILE ILE A . n 
A 1 192 LYS 192 172 172 LYS LYS A . n 
A 1 193 VAL 193 173 173 VAL VAL A . n 
A 1 194 VAL 194 174 174 VAL VAL A . n 
A 1 195 LYS 195 175 175 LYS LYS A . n 
A 1 196 PRO 196 176 176 PRO PRO A . n 
A 1 197 TYR 197 177 177 TYR TYR A . n 
A 1 198 GLY 198 178 178 GLY GLY A . n 
A 1 199 VAL 199 179 179 VAL VAL A . n 
A 1 200 ASP 200 180 180 ASP ASP A . n 
A 1 201 VAL 201 181 181 VAL VAL A . n 
A 1 202 SER 202 182 182 SER SER A . n 
A 1 203 SER 203 183 183 SER SER A . n 
A 1 204 GLY 204 184 184 GLY GLY A . n 
A 1 205 VAL 205 185 185 VAL VAL A . n 
A 1 206 GLU 206 186 186 GLU GLU A . n 
A 1 207 LYS 207 187 187 LYS LYS A . n 
A 1 208 TYR 208 188 188 TYR TYR A . n 
A 1 209 GLY 209 189 189 GLY GLY A . n 
A 1 210 ILE 210 190 190 ILE ILE A . n 
A 1 211 LYS 211 191 191 LYS LYS A . n 
A 1 212 ASP 212 192 192 ASP ASP A . n 
A 1 213 PRO 213 193 193 PRO PRO A . n 
A 1 214 LYS 214 194 194 LYS LYS A . n 
A 1 215 LEU 215 195 195 LEU LEU A . n 
A 1 216 VAL 216 196 196 VAL VAL A . n 
A 1 217 GLU 217 197 197 GLU GLU A . n 
A 1 218 GLU 218 198 198 GLU GLU A . n 
A 1 219 PHE 219 199 199 PHE PHE A . n 
A 1 220 VAL 220 200 200 VAL VAL A . n 
A 1 221 ARG 221 201 201 ARG ARG A . n 
A 1 222 ARG 222 202 202 ARG ARG A . n 
A 1 223 ALA 223 203 203 ALA ALA A . n 
A 1 224 LYS 224 204 204 LYS LYS A . n 
A 1 225 ASN 225 205 205 ASN ASN A . n 
A 1 226 VAL 226 206 206 VAL VAL A . n 
A 1 227 VAL 227 207 ?   ?   ?   A . n 
A 1 228 TRP 228 208 ?   ?   ?   A . n 
# 
loop_
_pdbx_nonpoly_scheme.asym_id 
_pdbx_nonpoly_scheme.entity_id 
_pdbx_nonpoly_scheme.mon_id 
_pdbx_nonpoly_scheme.ndb_seq_num 
_pdbx_nonpoly_scheme.pdb_seq_num 
_pdbx_nonpoly_scheme.auth_seq_num 
_pdbx_nonpoly_scheme.pdb_mon_id 
_pdbx_nonpoly_scheme.auth_mon_id 
_pdbx_nonpoly_scheme.pdb_strand_id 
_pdbx_nonpoly_scheme.pdb_ins_code 
B 2 SO4 1  1207 1207 SO4 SO4 A . 
C 2 SO4 1  1208 1208 SO4 SO4 A . 
D 2 SO4 1  1209 1209 SO4 SO4 A . 
E 3 HOH 1  2001 2001 HOH HOH A . 
E 3 HOH 2  2002 2002 HOH HOH A . 
E 3 HOH 3  2003 2003 HOH HOH A . 
E 3 HOH 4  2004 2004 HOH HOH A . 
E 3 HOH 5  2005 2005 HOH HOH A . 
E 3 HOH 6  2006 2006 HOH HOH A . 
E 3 HOH 7  2007 2007 HOH HOH A . 
E 3 HOH 8  2008 2008 HOH HOH A . 
E 3 HOH 9  2009 2009 HOH HOH A . 
E 3 HOH 10 2010 2010 HOH HOH A . 
E 3 HOH 11 2011 2011 HOH HOH A . 
E 3 HOH 12 2012 2012 HOH HOH A . 
E 3 HOH 13 2013 2013 HOH HOH A . 
E 3 HOH 14 2014 2014 HOH HOH A . 
E 3 HOH 15 2015 2015 HOH HOH A . 
E 3 HOH 16 2016 2016 HOH HOH A . 
E 3 HOH 17 2017 2017 HOH HOH A . 
E 3 HOH 18 2018 2018 HOH HOH A . 
E 3 HOH 19 2019 2019 HOH HOH A . 
E 3 HOH 20 2020 2020 HOH HOH A . 
E 3 HOH 21 2021 2021 HOH HOH A . 
E 3 HOH 22 2022 2022 HOH HOH A . 
E 3 HOH 23 2023 2023 HOH HOH A . 
E 3 HOH 24 2024 2024 HOH HOH A . 
E 3 HOH 25 2025 2025 HOH HOH A . 
E 3 HOH 26 2026 2026 HOH HOH A . 
E 3 HOH 27 2027 2027 HOH HOH A . 
E 3 HOH 28 2028 2028 HOH HOH A . 
E 3 HOH 29 2029 2029 HOH HOH A . 
E 3 HOH 30 2030 2030 HOH HOH A . 
E 3 HOH 31 2031 2031 HOH HOH A . 
E 3 HOH 32 2032 2032 HOH HOH A . 
E 3 HOH 33 2033 2033 HOH HOH A . 
E 3 HOH 34 2034 2034 HOH HOH A . 
E 3 HOH 35 2035 2035 HOH HOH A . 
E 3 HOH 36 2036 2036 HOH HOH A . 
E 3 HOH 37 2037 2037 HOH HOH A . 
E 3 HOH 38 2038 2038 HOH HOH A . 
E 3 HOH 39 2039 2039 HOH HOH A . 
E 3 HOH 40 2040 2040 HOH HOH A . 
E 3 HOH 41 2041 2041 HOH HOH A . 
# 
_pdbx_struct_assembly.id                   1 
_pdbx_struct_assembly.details              author_and_software_defined_assembly 
_pdbx_struct_assembly.method_details       PISA 
_pdbx_struct_assembly.oligomeric_details   monomeric 
_pdbx_struct_assembly.oligomeric_count     1 
# 
_pdbx_struct_assembly_gen.assembly_id       1 
_pdbx_struct_assembly_gen.oper_expression   1 
_pdbx_struct_assembly_gen.asym_id_list      A,B,C,D,E 
# 
_pdbx_struct_oper_list.id                   1 
_pdbx_struct_oper_list.type                 'identity operation' 
_pdbx_struct_oper_list.name                 1_555 
_pdbx_struct_oper_list.symmetry_operation   x,y,z 
_pdbx_struct_oper_list.matrix[1][1]         1.0000000000 
_pdbx_struct_oper_list.matrix[1][2]         0.0000000000 
_pdbx_struct_oper_list.matrix[1][3]         0.0000000000 
_pdbx_struct_oper_list.vector[1]            0.0000000000 
_pdbx_struct_oper_list.matrix[2][1]         0.0000000000 
_pdbx_struct_oper_list.matrix[2][2]         1.0000000000 
_pdbx_struct_oper_list.matrix[2][3]         0.0000000000 
_pdbx_struct_oper_list.vector[2]            0.0000000000 
_pdbx_struct_oper_list.matrix[3][1]         0.0000000000 
_pdbx_struct_oper_list.matrix[3][2]         0.0000000000 
_pdbx_struct_oper_list.matrix[3][3]         1.0000000000 
_pdbx_struct_oper_list.vector[3]            0.0000000000 
# 
loop_
_pdbx_audit_revision_history.ordinal 
_pdbx_audit_revision_history.data_content_type 
_pdbx_audit_revision_history.major_revision 
_pdbx_audit_revision_history.minor_revision 
_pdbx_audit_revision_history.revision_date 
1 'Structure model' 1 0 2012-10-31 
2 'Structure model' 1 1 2012-11-07 
3 'Structure model' 1 2 2019-01-30 
4 'Structure model' 1 3 2023-12-20 
# 
_pdbx_audit_revision_details.ordinal             1 
_pdbx_audit_revision_details.revision_ordinal    1 
_pdbx_audit_revision_details.data_content_type   'Structure model' 
_pdbx_audit_revision_details.provider            repository 
_pdbx_audit_revision_details.type                'Initial release' 
_pdbx_audit_revision_details.description         ? 
_pdbx_audit_revision_details.details             ? 
# 
loop_
_pdbx_audit_revision_group.ordinal 
_pdbx_audit_revision_group.revision_ordinal 
_pdbx_audit_revision_group.data_content_type 
_pdbx_audit_revision_group.group 
1 2 'Structure model' 'Database references'      
2 3 'Structure model' 'Data collection'          
3 3 'Structure model' 'Experimental preparation' 
4 4 'Structure model' 'Data collection'          
5 4 'Structure model' 'Database references'      
6 4 'Structure model' 'Derived calculations'     
7 4 'Structure model' Other                      
8 4 'Structure model' 'Refinement description'   
# 
loop_
_pdbx_audit_revision_category.ordinal 
_pdbx_audit_revision_category.revision_ordinal 
_pdbx_audit_revision_category.data_content_type 
_pdbx_audit_revision_category.category 
1 3 'Structure model' exptl_crystal_grow            
2 4 'Structure model' chem_comp_atom                
3 4 'Structure model' chem_comp_bond                
4 4 'Structure model' database_2                    
5 4 'Structure model' pdbx_database_status          
6 4 'Structure model' pdbx_initial_refinement_model 
7 4 'Structure model' struct_site                   
# 
loop_
_pdbx_audit_revision_item.ordinal 
_pdbx_audit_revision_item.revision_ordinal 
_pdbx_audit_revision_item.data_content_type 
_pdbx_audit_revision_item.item 
1 3 'Structure model' '_exptl_crystal_grow.method'           
2 4 'Structure model' '_database_2.pdbx_DOI'                 
3 4 'Structure model' '_database_2.pdbx_database_accession'  
4 4 'Structure model' '_pdbx_database_status.status_code_sf' 
5 4 'Structure model' '_struct_site.pdbx_auth_asym_id'       
6 4 'Structure model' '_struct_site.pdbx_auth_comp_id'       
7 4 'Structure model' '_struct_site.pdbx_auth_seq_id'        
# 
loop_
_software.name 
_software.classification 
_software.version 
_software.citation_id 
_software.pdbx_ordinal 
REFMAC refinement       5.6.0117 ? 1 
XDS    'data reduction' .        ? 2 
XSCALE 'data scaling'   .        ? 3 
MOLREP phasing          .        ? 4 
# 
_pdbx_database_remark.id     700 
_pdbx_database_remark.text   
;
SHEET
DETERMINATION METHOD: DSSP
THE SHEETS PRESENTED AS "AA" IN EACH CHAIN ON SHEET RECORDS
BELOW IS ACTUALLY AN  8-STRANDED BARREL THIS IS REPRESENTED BY
A  9-STRANDED SHEET IN WHICH THE FIRST AND LAST STRANDS
ARE IDENTICAL.
;
# 
loop_
_pdbx_validate_torsion.id 
_pdbx_validate_torsion.PDB_model_num 
_pdbx_validate_torsion.auth_comp_id 
_pdbx_validate_torsion.auth_asym_id 
_pdbx_validate_torsion.auth_seq_id 
_pdbx_validate_torsion.PDB_ins_code 
_pdbx_validate_torsion.label_alt_id 
_pdbx_validate_torsion.phi 
_pdbx_validate_torsion.psi 
1 1 HIS A 79  ? ? -115.96 72.72  
2 1 HIS A 79  ? ? -111.88 66.88  
3 1 ASN A 126 ? ? -110.67 51.07  
4 1 SER A 182 ? ? -128.91 -78.20 
# 
loop_
_pdbx_unobs_or_zero_occ_atoms.id 
_pdbx_unobs_or_zero_occ_atoms.PDB_model_num 
_pdbx_unobs_or_zero_occ_atoms.polymer_flag 
_pdbx_unobs_or_zero_occ_atoms.occupancy_flag 
_pdbx_unobs_or_zero_occ_atoms.auth_asym_id 
_pdbx_unobs_or_zero_occ_atoms.auth_comp_id 
_pdbx_unobs_or_zero_occ_atoms.auth_seq_id 
_pdbx_unobs_or_zero_occ_atoms.PDB_ins_code 
_pdbx_unobs_or_zero_occ_atoms.auth_atom_id 
_pdbx_unobs_or_zero_occ_atoms.label_alt_id 
_pdbx_unobs_or_zero_occ_atoms.label_asym_id 
_pdbx_unobs_or_zero_occ_atoms.label_comp_id 
_pdbx_unobs_or_zero_occ_atoms.label_seq_id 
_pdbx_unobs_or_zero_occ_atoms.label_atom_id 
1  1 Y 1 A LYS 109 ? CB  ? A LYS 129 CB  
2  1 Y 1 A LYS 109 ? CG  ? A LYS 129 CG  
3  1 Y 1 A LYS 109 ? CD  ? A LYS 129 CD  
4  1 Y 1 A LYS 109 ? CE  ? A LYS 129 CE  
5  1 Y 1 A LYS 109 ? NZ  ? A LYS 129 NZ  
6  1 Y 1 A HIS 142 ? CB  ? A HIS 162 CB  
7  1 Y 1 A HIS 142 ? CG  ? A HIS 162 CG  
8  1 Y 1 A HIS 142 ? ND1 ? A HIS 162 ND1 
9  1 Y 1 A HIS 142 ? CD2 ? A HIS 162 CD2 
10 1 Y 1 A HIS 142 ? CE1 ? A HIS 162 CE1 
11 1 Y 1 A HIS 142 ? NE2 ? A HIS 162 NE2 
# 
loop_
_pdbx_unobs_or_zero_occ_residues.id 
_pdbx_unobs_or_zero_occ_residues.PDB_model_num 
_pdbx_unobs_or_zero_occ_residues.polymer_flag 
_pdbx_unobs_or_zero_occ_residues.occupancy_flag 
_pdbx_unobs_or_zero_occ_residues.auth_asym_id 
_pdbx_unobs_or_zero_occ_residues.auth_comp_id 
_pdbx_unobs_or_zero_occ_residues.auth_seq_id 
_pdbx_unobs_or_zero_occ_residues.PDB_ins_code 
_pdbx_unobs_or_zero_occ_residues.label_asym_id 
_pdbx_unobs_or_zero_occ_residues.label_comp_id 
_pdbx_unobs_or_zero_occ_residues.label_seq_id 
1  1 Y 1 A MET -19 ? A MET 1   
2  1 Y 1 A GLY -18 ? A GLY 2   
3  1 Y 1 A SER -17 ? A SER 3   
4  1 Y 1 A SER -16 ? A SER 4   
5  1 Y 1 A HIS -15 ? A HIS 5   
6  1 Y 1 A HIS -14 ? A HIS 6   
7  1 Y 1 A HIS -13 ? A HIS 7   
8  1 Y 1 A HIS -12 ? A HIS 8   
9  1 Y 1 A HIS -11 ? A HIS 9   
10 1 Y 1 A HIS -10 ? A HIS 10  
11 1 Y 1 A SER -9  ? A SER 11  
12 1 Y 1 A SER -8  ? A SER 12  
13 1 Y 1 A GLY -7  ? A GLY 13  
14 1 Y 1 A LEU -6  ? A LEU 14  
15 1 Y 1 A VAL -5  ? A VAL 15  
16 1 Y 1 A PRO -4  ? A PRO 16  
17 1 Y 1 A ARG -3  ? A ARG 17  
18 1 Y 1 A GLY -2  ? A GLY 18  
19 1 Y 1 A SER -1  ? A SER 19  
20 1 Y 1 A GLY 135 ? A GLY 155 
21 1 Y 1 A ALA 136 ? A ALA 156 
22 1 Y 1 A GLY 137 ? A GLY 157 
23 1 Y 1 A SER 138 ? A SER 158 
24 1 Y 1 A GLY 139 ? A GLY 159 
25 1 Y 1 A LYS 140 ? A LYS 160 
26 1 Y 1 A LEU 141 ? A LEU 161 
27 1 Y 1 A VAL 207 ? A VAL 227 
28 1 Y 1 A TRP 208 ? A TRP 228 
# 
loop_
_chem_comp_atom.comp_id 
_chem_comp_atom.atom_id 
_chem_comp_atom.type_symbol 
_chem_comp_atom.pdbx_aromatic_flag 
_chem_comp_atom.pdbx_stereo_config 
_chem_comp_atom.pdbx_ordinal 
ALA N    N N N 1   
ALA CA   C N S 2   
ALA C    C N N 3   
ALA O    O N N 4   
ALA CB   C N N 5   
ALA OXT  O N N 6   
ALA H    H N N 7   
ALA H2   H N N 8   
ALA HA   H N N 9   
ALA HB1  H N N 10  
ALA HB2  H N N 11  
ALA HB3  H N N 12  
ALA HXT  H N N 13  
ARG N    N N N 14  
ARG CA   C N S 15  
ARG C    C N N 16  
ARG O    O N N 17  
ARG CB   C N N 18  
ARG CG   C N N 19  
ARG CD   C N N 20  
ARG NE   N N N 21  
ARG CZ   C N N 22  
ARG NH1  N N N 23  
ARG NH2  N N N 24  
ARG OXT  O N N 25  
ARG H    H N N 26  
ARG H2   H N N 27  
ARG HA   H N N 28  
ARG HB2  H N N 29  
ARG HB3  H N N 30  
ARG HG2  H N N 31  
ARG HG3  H N N 32  
ARG HD2  H N N 33  
ARG HD3  H N N 34  
ARG HE   H N N 35  
ARG HH11 H N N 36  
ARG HH12 H N N 37  
ARG HH21 H N N 38  
ARG HH22 H N N 39  
ARG HXT  H N N 40  
ASN N    N N N 41  
ASN CA   C N S 42  
ASN C    C N N 43  
ASN O    O N N 44  
ASN CB   C N N 45  
ASN CG   C N N 46  
ASN OD1  O N N 47  
ASN ND2  N N N 48  
ASN OXT  O N N 49  
ASN H    H N N 50  
ASN H2   H N N 51  
ASN HA   H N N 52  
ASN HB2  H N N 53  
ASN HB3  H N N 54  
ASN HD21 H N N 55  
ASN HD22 H N N 56  
ASN HXT  H N N 57  
ASP N    N N N 58  
ASP CA   C N S 59  
ASP C    C N N 60  
ASP O    O N N 61  
ASP CB   C N N 62  
ASP CG   C N N 63  
ASP OD1  O N N 64  
ASP OD2  O N N 65  
ASP OXT  O N N 66  
ASP H    H N N 67  
ASP H2   H N N 68  
ASP HA   H N N 69  
ASP HB2  H N N 70  
ASP HB3  H N N 71  
ASP HD2  H N N 72  
ASP HXT  H N N 73  
CYS N    N N N 74  
CYS CA   C N R 75  
CYS C    C N N 76  
CYS O    O N N 77  
CYS CB   C N N 78  
CYS SG   S N N 79  
CYS OXT  O N N 80  
CYS H    H N N 81  
CYS H2   H N N 82  
CYS HA   H N N 83  
CYS HB2  H N N 84  
CYS HB3  H N N 85  
CYS HG   H N N 86  
CYS HXT  H N N 87  
GLN N    N N N 88  
GLN CA   C N S 89  
GLN C    C N N 90  
GLN O    O N N 91  
GLN CB   C N N 92  
GLN CG   C N N 93  
GLN CD   C N N 94  
GLN OE1  O N N 95  
GLN NE2  N N N 96  
GLN OXT  O N N 97  
GLN H    H N N 98  
GLN H2   H N N 99  
GLN HA   H N N 100 
GLN HB2  H N N 101 
GLN HB3  H N N 102 
GLN HG2  H N N 103 
GLN HG3  H N N 104 
GLN HE21 H N N 105 
GLN HE22 H N N 106 
GLN HXT  H N N 107 
GLU N    N N N 108 
GLU CA   C N S 109 
GLU C    C N N 110 
GLU O    O N N 111 
GLU CB   C N N 112 
GLU CG   C N N 113 
GLU CD   C N N 114 
GLU OE1  O N N 115 
GLU OE2  O N N 116 
GLU OXT  O N N 117 
GLU H    H N N 118 
GLU H2   H N N 119 
GLU HA   H N N 120 
GLU HB2  H N N 121 
GLU HB3  H N N 122 
GLU HG2  H N N 123 
GLU HG3  H N N 124 
GLU HE2  H N N 125 
GLU HXT  H N N 126 
GLY N    N N N 127 
GLY CA   C N N 128 
GLY C    C N N 129 
GLY O    O N N 130 
GLY OXT  O N N 131 
GLY H    H N N 132 
GLY H2   H N N 133 
GLY HA2  H N N 134 
GLY HA3  H N N 135 
GLY HXT  H N N 136 
HIS N    N N N 137 
HIS CA   C N S 138 
HIS C    C N N 139 
HIS O    O N N 140 
HIS CB   C N N 141 
HIS CG   C Y N 142 
HIS ND1  N Y N 143 
HIS CD2  C Y N 144 
HIS CE1  C Y N 145 
HIS NE2  N Y N 146 
HIS OXT  O N N 147 
HIS H    H N N 148 
HIS H2   H N N 149 
HIS HA   H N N 150 
HIS HB2  H N N 151 
HIS HB3  H N N 152 
HIS HD1  H N N 153 
HIS HD2  H N N 154 
HIS HE1  H N N 155 
HIS HE2  H N N 156 
HIS HXT  H N N 157 
HOH O    O N N 158 
HOH H1   H N N 159 
HOH H2   H N N 160 
ILE N    N N N 161 
ILE CA   C N S 162 
ILE C    C N N 163 
ILE O    O N N 164 
ILE CB   C N S 165 
ILE CG1  C N N 166 
ILE CG2  C N N 167 
ILE CD1  C N N 168 
ILE OXT  O N N 169 
ILE H    H N N 170 
ILE H2   H N N 171 
ILE HA   H N N 172 
ILE HB   H N N 173 
ILE HG12 H N N 174 
ILE HG13 H N N 175 
ILE HG21 H N N 176 
ILE HG22 H N N 177 
ILE HG23 H N N 178 
ILE HD11 H N N 179 
ILE HD12 H N N 180 
ILE HD13 H N N 181 
ILE HXT  H N N 182 
LEU N    N N N 183 
LEU CA   C N S 184 
LEU C    C N N 185 
LEU O    O N N 186 
LEU CB   C N N 187 
LEU CG   C N N 188 
LEU CD1  C N N 189 
LEU CD2  C N N 190 
LEU OXT  O N N 191 
LEU H    H N N 192 
LEU H2   H N N 193 
LEU HA   H N N 194 
LEU HB2  H N N 195 
LEU HB3  H N N 196 
LEU HG   H N N 197 
LEU HD11 H N N 198 
LEU HD12 H N N 199 
LEU HD13 H N N 200 
LEU HD21 H N N 201 
LEU HD22 H N N 202 
LEU HD23 H N N 203 
LEU HXT  H N N 204 
LYS N    N N N 205 
LYS CA   C N S 206 
LYS C    C N N 207 
LYS O    O N N 208 
LYS CB   C N N 209 
LYS CG   C N N 210 
LYS CD   C N N 211 
LYS CE   C N N 212 
LYS NZ   N N N 213 
LYS OXT  O N N 214 
LYS H    H N N 215 
LYS H2   H N N 216 
LYS HA   H N N 217 
LYS HB2  H N N 218 
LYS HB3  H N N 219 
LYS HG2  H N N 220 
LYS HG3  H N N 221 
LYS HD2  H N N 222 
LYS HD3  H N N 223 
LYS HE2  H N N 224 
LYS HE3  H N N 225 
LYS HZ1  H N N 226 
LYS HZ2  H N N 227 
LYS HZ3  H N N 228 
LYS HXT  H N N 229 
MET N    N N N 230 
MET CA   C N S 231 
MET C    C N N 232 
MET O    O N N 233 
MET CB   C N N 234 
MET CG   C N N 235 
MET SD   S N N 236 
MET CE   C N N 237 
MET OXT  O N N 238 
MET H    H N N 239 
MET H2   H N N 240 
MET HA   H N N 241 
MET HB2  H N N 242 
MET HB3  H N N 243 
MET HG2  H N N 244 
MET HG3  H N N 245 
MET HE1  H N N 246 
MET HE2  H N N 247 
MET HE3  H N N 248 
MET HXT  H N N 249 
PHE N    N N N 250 
PHE CA   C N S 251 
PHE C    C N N 252 
PHE O    O N N 253 
PHE CB   C N N 254 
PHE CG   C Y N 255 
PHE CD1  C Y N 256 
PHE CD2  C Y N 257 
PHE CE1  C Y N 258 
PHE CE2  C Y N 259 
PHE CZ   C Y N 260 
PHE OXT  O N N 261 
PHE H    H N N 262 
PHE H2   H N N 263 
PHE HA   H N N 264 
PHE HB2  H N N 265 
PHE HB3  H N N 266 
PHE HD1  H N N 267 
PHE HD2  H N N 268 
PHE HE1  H N N 269 
PHE HE2  H N N 270 
PHE HZ   H N N 271 
PHE HXT  H N N 272 
PRO N    N N N 273 
PRO CA   C N S 274 
PRO C    C N N 275 
PRO O    O N N 276 
PRO CB   C N N 277 
PRO CG   C N N 278 
PRO CD   C N N 279 
PRO OXT  O N N 280 
PRO H    H N N 281 
PRO HA   H N N 282 
PRO HB2  H N N 283 
PRO HB3  H N N 284 
PRO HG2  H N N 285 
PRO HG3  H N N 286 
PRO HD2  H N N 287 
PRO HD3  H N N 288 
PRO HXT  H N N 289 
SER N    N N N 290 
SER CA   C N S 291 
SER C    C N N 292 
SER O    O N N 293 
SER CB   C N N 294 
SER OG   O N N 295 
SER OXT  O N N 296 
SER H    H N N 297 
SER H2   H N N 298 
SER HA   H N N 299 
SER HB2  H N N 300 
SER HB3  H N N 301 
SER HG   H N N 302 
SER HXT  H N N 303 
SO4 S    S N N 304 
SO4 O1   O N N 305 
SO4 O2   O N N 306 
SO4 O3   O N N 307 
SO4 O4   O N N 308 
THR N    N N N 309 
THR CA   C N S 310 
THR C    C N N 311 
THR O    O N N 312 
THR CB   C N R 313 
THR OG1  O N N 314 
THR CG2  C N N 315 
THR OXT  O N N 316 
THR H    H N N 317 
THR H2   H N N 318 
THR HA   H N N 319 
THR HB   H N N 320 
THR HG1  H N N 321 
THR HG21 H N N 322 
THR HG22 H N N 323 
THR HG23 H N N 324 
THR HXT  H N N 325 
TRP N    N N N 326 
TRP CA   C N S 327 
TRP C    C N N 328 
TRP O    O N N 329 
TRP CB   C N N 330 
TRP CG   C Y N 331 
TRP CD1  C Y N 332 
TRP CD2  C Y N 333 
TRP NE1  N Y N 334 
TRP CE2  C Y N 335 
TRP CE3  C Y N 336 
TRP CZ2  C Y N 337 
TRP CZ3  C Y N 338 
TRP CH2  C Y N 339 
TRP OXT  O N N 340 
TRP H    H N N 341 
TRP H2   H N N 342 
TRP HA   H N N 343 
TRP HB2  H N N 344 
TRP HB3  H N N 345 
TRP HD1  H N N 346 
TRP HE1  H N N 347 
TRP HE3  H N N 348 
TRP HZ2  H N N 349 
TRP HZ3  H N N 350 
TRP HH2  H N N 351 
TRP HXT  H N N 352 
TYR N    N N N 353 
TYR CA   C N S 354 
TYR C    C N N 355 
TYR O    O N N 356 
TYR CB   C N N 357 
TYR CG   C Y N 358 
TYR CD1  C Y N 359 
TYR CD2  C Y N 360 
TYR CE1  C Y N 361 
TYR CE2  C Y N 362 
TYR CZ   C Y N 363 
TYR OH   O N N 364 
TYR OXT  O N N 365 
TYR H    H N N 366 
TYR H2   H N N 367 
TYR HA   H N N 368 
TYR HB2  H N N 369 
TYR HB3  H N N 370 
TYR HD1  H N N 371 
TYR HD2  H N N 372 
TYR HE1  H N N 373 
TYR HE2  H N N 374 
TYR HH   H N N 375 
TYR HXT  H N N 376 
VAL N    N N N 377 
VAL CA   C N S 378 
VAL C    C N N 379 
VAL O    O N N 380 
VAL CB   C N N 381 
VAL CG1  C N N 382 
VAL CG2  C N N 383 
VAL OXT  O N N 384 
VAL H    H N N 385 
VAL H2   H N N 386 
VAL HA   H N N 387 
VAL HB   H N N 388 
VAL HG11 H N N 389 
VAL HG12 H N N 390 
VAL HG13 H N N 391 
VAL HG21 H N N 392 
VAL HG22 H N N 393 
VAL HG23 H N N 394 
VAL HXT  H N N 395 
# 
loop_
_chem_comp_bond.comp_id 
_chem_comp_bond.atom_id_1 
_chem_comp_bond.atom_id_2 
_chem_comp_bond.value_order 
_chem_comp_bond.pdbx_aromatic_flag 
_chem_comp_bond.pdbx_stereo_config 
_chem_comp_bond.pdbx_ordinal 
ALA N   CA   sing N N 1   
ALA N   H    sing N N 2   
ALA N   H2   sing N N 3   
ALA CA  C    sing N N 4   
ALA CA  CB   sing N N 5   
ALA CA  HA   sing N N 6   
ALA C   O    doub N N 7   
ALA C   OXT  sing N N 8   
ALA CB  HB1  sing N N 9   
ALA CB  HB2  sing N N 10  
ALA CB  HB3  sing N N 11  
ALA OXT HXT  sing N N 12  
ARG N   CA   sing N N 13  
ARG N   H    sing N N 14  
ARG N   H2   sing N N 15  
ARG CA  C    sing N N 16  
ARG CA  CB   sing N N 17  
ARG CA  HA   sing N N 18  
ARG C   O    doub N N 19  
ARG C   OXT  sing N N 20  
ARG CB  CG   sing N N 21  
ARG CB  HB2  sing N N 22  
ARG CB  HB3  sing N N 23  
ARG CG  CD   sing N N 24  
ARG CG  HG2  sing N N 25  
ARG CG  HG3  sing N N 26  
ARG CD  NE   sing N N 27  
ARG CD  HD2  sing N N 28  
ARG CD  HD3  sing N N 29  
ARG NE  CZ   sing N N 30  
ARG NE  HE   sing N N 31  
ARG CZ  NH1  sing N N 32  
ARG CZ  NH2  doub N N 33  
ARG NH1 HH11 sing N N 34  
ARG NH1 HH12 sing N N 35  
ARG NH2 HH21 sing N N 36  
ARG NH2 HH22 sing N N 37  
ARG OXT HXT  sing N N 38  
ASN N   CA   sing N N 39  
ASN N   H    sing N N 40  
ASN N   H2   sing N N 41  
ASN CA  C    sing N N 42  
ASN CA  CB   sing N N 43  
ASN CA  HA   sing N N 44  
ASN C   O    doub N N 45  
ASN C   OXT  sing N N 46  
ASN CB  CG   sing N N 47  
ASN CB  HB2  sing N N 48  
ASN CB  HB3  sing N N 49  
ASN CG  OD1  doub N N 50  
ASN CG  ND2  sing N N 51  
ASN ND2 HD21 sing N N 52  
ASN ND2 HD22 sing N N 53  
ASN OXT HXT  sing N N 54  
ASP N   CA   sing N N 55  
ASP N   H    sing N N 56  
ASP N   H2   sing N N 57  
ASP CA  C    sing N N 58  
ASP CA  CB   sing N N 59  
ASP CA  HA   sing N N 60  
ASP C   O    doub N N 61  
ASP C   OXT  sing N N 62  
ASP CB  CG   sing N N 63  
ASP CB  HB2  sing N N 64  
ASP CB  HB3  sing N N 65  
ASP CG  OD1  doub N N 66  
ASP CG  OD2  sing N N 67  
ASP OD2 HD2  sing N N 68  
ASP OXT HXT  sing N N 69  
CYS N   CA   sing N N 70  
CYS N   H    sing N N 71  
CYS N   H2   sing N N 72  
CYS CA  C    sing N N 73  
CYS CA  CB   sing N N 74  
CYS CA  HA   sing N N 75  
CYS C   O    doub N N 76  
CYS C   OXT  sing N N 77  
CYS CB  SG   sing N N 78  
CYS CB  HB2  sing N N 79  
CYS CB  HB3  sing N N 80  
CYS SG  HG   sing N N 81  
CYS OXT HXT  sing N N 82  
GLN N   CA   sing N N 83  
GLN N   H    sing N N 84  
GLN N   H2   sing N N 85  
GLN CA  C    sing N N 86  
GLN CA  CB   sing N N 87  
GLN CA  HA   sing N N 88  
GLN C   O    doub N N 89  
GLN C   OXT  sing N N 90  
GLN CB  CG   sing N N 91  
GLN CB  HB2  sing N N 92  
GLN CB  HB3  sing N N 93  
GLN CG  CD   sing N N 94  
GLN CG  HG2  sing N N 95  
GLN CG  HG3  sing N N 96  
GLN CD  OE1  doub N N 97  
GLN CD  NE2  sing N N 98  
GLN NE2 HE21 sing N N 99  
GLN NE2 HE22 sing N N 100 
GLN OXT HXT  sing N N 101 
GLU N   CA   sing N N 102 
GLU N   H    sing N N 103 
GLU N   H2   sing N N 104 
GLU CA  C    sing N N 105 
GLU CA  CB   sing N N 106 
GLU CA  HA   sing N N 107 
GLU C   O    doub N N 108 
GLU C   OXT  sing N N 109 
GLU CB  CG   sing N N 110 
GLU CB  HB2  sing N N 111 
GLU CB  HB3  sing N N 112 
GLU CG  CD   sing N N 113 
GLU CG  HG2  sing N N 114 
GLU CG  HG3  sing N N 115 
GLU CD  OE1  doub N N 116 
GLU CD  OE2  sing N N 117 
GLU OE2 HE2  sing N N 118 
GLU OXT HXT  sing N N 119 
GLY N   CA   sing N N 120 
GLY N   H    sing N N 121 
GLY N   H2   sing N N 122 
GLY CA  C    sing N N 123 
GLY CA  HA2  sing N N 124 
GLY CA  HA3  sing N N 125 
GLY C   O    doub N N 126 
GLY C   OXT  sing N N 127 
GLY OXT HXT  sing N N 128 
HIS N   CA   sing N N 129 
HIS N   H    sing N N 130 
HIS N   H2   sing N N 131 
HIS CA  C    sing N N 132 
HIS CA  CB   sing N N 133 
HIS CA  HA   sing N N 134 
HIS C   O    doub N N 135 
HIS C   OXT  sing N N 136 
HIS CB  CG   sing N N 137 
HIS CB  HB2  sing N N 138 
HIS CB  HB3  sing N N 139 
HIS CG  ND1  sing Y N 140 
HIS CG  CD2  doub Y N 141 
HIS ND1 CE1  doub Y N 142 
HIS ND1 HD1  sing N N 143 
HIS CD2 NE2  sing Y N 144 
HIS CD2 HD2  sing N N 145 
HIS CE1 NE2  sing Y N 146 
HIS CE1 HE1  sing N N 147 
HIS NE2 HE2  sing N N 148 
HIS OXT HXT  sing N N 149 
HOH O   H1   sing N N 150 
HOH O   H2   sing N N 151 
ILE N   CA   sing N N 152 
ILE N   H    sing N N 153 
ILE N   H2   sing N N 154 
ILE CA  C    sing N N 155 
ILE CA  CB   sing N N 156 
ILE CA  HA   sing N N 157 
ILE C   O    doub N N 158 
ILE C   OXT  sing N N 159 
ILE CB  CG1  sing N N 160 
ILE CB  CG2  sing N N 161 
ILE CB  HB   sing N N 162 
ILE CG1 CD1  sing N N 163 
ILE CG1 HG12 sing N N 164 
ILE CG1 HG13 sing N N 165 
ILE CG2 HG21 sing N N 166 
ILE CG2 HG22 sing N N 167 
ILE CG2 HG23 sing N N 168 
ILE CD1 HD11 sing N N 169 
ILE CD1 HD12 sing N N 170 
ILE CD1 HD13 sing N N 171 
ILE OXT HXT  sing N N 172 
LEU N   CA   sing N N 173 
LEU N   H    sing N N 174 
LEU N   H2   sing N N 175 
LEU CA  C    sing N N 176 
LEU CA  CB   sing N N 177 
LEU CA  HA   sing N N 178 
LEU C   O    doub N N 179 
LEU C   OXT  sing N N 180 
LEU CB  CG   sing N N 181 
LEU CB  HB2  sing N N 182 
LEU CB  HB3  sing N N 183 
LEU CG  CD1  sing N N 184 
LEU CG  CD2  sing N N 185 
LEU CG  HG   sing N N 186 
LEU CD1 HD11 sing N N 187 
LEU CD1 HD12 sing N N 188 
LEU CD1 HD13 sing N N 189 
LEU CD2 HD21 sing N N 190 
LEU CD2 HD22 sing N N 191 
LEU CD2 HD23 sing N N 192 
LEU OXT HXT  sing N N 193 
LYS N   CA   sing N N 194 
LYS N   H    sing N N 195 
LYS N   H2   sing N N 196 
LYS CA  C    sing N N 197 
LYS CA  CB   sing N N 198 
LYS CA  HA   sing N N 199 
LYS C   O    doub N N 200 
LYS C   OXT  sing N N 201 
LYS CB  CG   sing N N 202 
LYS CB  HB2  sing N N 203 
LYS CB  HB3  sing N N 204 
LYS CG  CD   sing N N 205 
LYS CG  HG2  sing N N 206 
LYS CG  HG3  sing N N 207 
LYS CD  CE   sing N N 208 
LYS CD  HD2  sing N N 209 
LYS CD  HD3  sing N N 210 
LYS CE  NZ   sing N N 211 
LYS CE  HE2  sing N N 212 
LYS CE  HE3  sing N N 213 
LYS NZ  HZ1  sing N N 214 
LYS NZ  HZ2  sing N N 215 
LYS NZ  HZ3  sing N N 216 
LYS OXT HXT  sing N N 217 
MET N   CA   sing N N 218 
MET N   H    sing N N 219 
MET N   H2   sing N N 220 
MET CA  C    sing N N 221 
MET CA  CB   sing N N 222 
MET CA  HA   sing N N 223 
MET C   O    doub N N 224 
MET C   OXT  sing N N 225 
MET CB  CG   sing N N 226 
MET CB  HB2  sing N N 227 
MET CB  HB3  sing N N 228 
MET CG  SD   sing N N 229 
MET CG  HG2  sing N N 230 
MET CG  HG3  sing N N 231 
MET SD  CE   sing N N 232 
MET CE  HE1  sing N N 233 
MET CE  HE2  sing N N 234 
MET CE  HE3  sing N N 235 
MET OXT HXT  sing N N 236 
PHE N   CA   sing N N 237 
PHE N   H    sing N N 238 
PHE N   H2   sing N N 239 
PHE CA  C    sing N N 240 
PHE CA  CB   sing N N 241 
PHE CA  HA   sing N N 242 
PHE C   O    doub N N 243 
PHE C   OXT  sing N N 244 
PHE CB  CG   sing N N 245 
PHE CB  HB2  sing N N 246 
PHE CB  HB3  sing N N 247 
PHE CG  CD1  doub Y N 248 
PHE CG  CD2  sing Y N 249 
PHE CD1 CE1  sing Y N 250 
PHE CD1 HD1  sing N N 251 
PHE CD2 CE2  doub Y N 252 
PHE CD2 HD2  sing N N 253 
PHE CE1 CZ   doub Y N 254 
PHE CE1 HE1  sing N N 255 
PHE CE2 CZ   sing Y N 256 
PHE CE2 HE2  sing N N 257 
PHE CZ  HZ   sing N N 258 
PHE OXT HXT  sing N N 259 
PRO N   CA   sing N N 260 
PRO N   CD   sing N N 261 
PRO N   H    sing N N 262 
PRO CA  C    sing N N 263 
PRO CA  CB   sing N N 264 
PRO CA  HA   sing N N 265 
PRO C   O    doub N N 266 
PRO C   OXT  sing N N 267 
PRO CB  CG   sing N N 268 
PRO CB  HB2  sing N N 269 
PRO CB  HB3  sing N N 270 
PRO CG  CD   sing N N 271 
PRO CG  HG2  sing N N 272 
PRO CG  HG3  sing N N 273 
PRO CD  HD2  sing N N 274 
PRO CD  HD3  sing N N 275 
PRO OXT HXT  sing N N 276 
SER N   CA   sing N N 277 
SER N   H    sing N N 278 
SER N   H2   sing N N 279 
SER CA  C    sing N N 280 
SER CA  CB   sing N N 281 
SER CA  HA   sing N N 282 
SER C   O    doub N N 283 
SER C   OXT  sing N N 284 
SER CB  OG   sing N N 285 
SER CB  HB2  sing N N 286 
SER CB  HB3  sing N N 287 
SER OG  HG   sing N N 288 
SER OXT HXT  sing N N 289 
SO4 S   O1   doub N N 290 
SO4 S   O2   doub N N 291 
SO4 S   O3   sing N N 292 
SO4 S   O4   sing N N 293 
THR N   CA   sing N N 294 
THR N   H    sing N N 295 
THR N   H2   sing N N 296 
THR CA  C    sing N N 297 
THR CA  CB   sing N N 298 
THR CA  HA   sing N N 299 
THR C   O    doub N N 300 
THR C   OXT  sing N N 301 
THR CB  OG1  sing N N 302 
THR CB  CG2  sing N N 303 
THR CB  HB   sing N N 304 
THR OG1 HG1  sing N N 305 
THR CG2 HG21 sing N N 306 
THR CG2 HG22 sing N N 307 
THR CG2 HG23 sing N N 308 
THR OXT HXT  sing N N 309 
TRP N   CA   sing N N 310 
TRP N   H    sing N N 311 
TRP N   H2   sing N N 312 
TRP CA  C    sing N N 313 
TRP CA  CB   sing N N 314 
TRP CA  HA   sing N N 315 
TRP C   O    doub N N 316 
TRP C   OXT  sing N N 317 
TRP CB  CG   sing N N 318 
TRP CB  HB2  sing N N 319 
TRP CB  HB3  sing N N 320 
TRP CG  CD1  doub Y N 321 
TRP CG  CD2  sing Y N 322 
TRP CD1 NE1  sing Y N 323 
TRP CD1 HD1  sing N N 324 
TRP CD2 CE2  doub Y N 325 
TRP CD2 CE3  sing Y N 326 
TRP NE1 CE2  sing Y N 327 
TRP NE1 HE1  sing N N 328 
TRP CE2 CZ2  sing Y N 329 
TRP CE3 CZ3  doub Y N 330 
TRP CE3 HE3  sing N N 331 
TRP CZ2 CH2  doub Y N 332 
TRP CZ2 HZ2  sing N N 333 
TRP CZ3 CH2  sing Y N 334 
TRP CZ3 HZ3  sing N N 335 
TRP CH2 HH2  sing N N 336 
TRP OXT HXT  sing N N 337 
TYR N   CA   sing N N 338 
TYR N   H    sing N N 339 
TYR N   H2   sing N N 340 
TYR CA  C    sing N N 341 
TYR CA  CB   sing N N 342 
TYR CA  HA   sing N N 343 
TYR C   O    doub N N 344 
TYR C   OXT  sing N N 345 
TYR CB  CG   sing N N 346 
TYR CB  HB2  sing N N 347 
TYR CB  HB3  sing N N 348 
TYR CG  CD1  doub Y N 349 
TYR CG  CD2  sing Y N 350 
TYR CD1 CE1  sing Y N 351 
TYR CD1 HD1  sing N N 352 
TYR CD2 CE2  doub Y N 353 
TYR CD2 HD2  sing N N 354 
TYR CE1 CZ   doub Y N 355 
TYR CE1 HE1  sing N N 356 
TYR CE2 CZ   sing Y N 357 
TYR CE2 HE2  sing N N 358 
TYR CZ  OH   sing N N 359 
TYR OH  HH   sing N N 360 
TYR OXT HXT  sing N N 361 
VAL N   CA   sing N N 362 
VAL N   H    sing N N 363 
VAL N   H2   sing N N 364 
VAL CA  C    sing N N 365 
VAL CA  CB   sing N N 366 
VAL CA  HA   sing N N 367 
VAL C   O    doub N N 368 
VAL C   OXT  sing N N 369 
VAL CB  CG1  sing N N 370 
VAL CB  CG2  sing N N 371 
VAL CB  HB   sing N N 372 
VAL CG1 HG11 sing N N 373 
VAL CG1 HG12 sing N N 374 
VAL CG1 HG13 sing N N 375 
VAL CG2 HG21 sing N N 376 
VAL CG2 HG22 sing N N 377 
VAL CG2 HG23 sing N N 378 
VAL OXT HXT  sing N N 379 
# 
loop_
_pdbx_entity_nonpoly.entity_id 
_pdbx_entity_nonpoly.name 
_pdbx_entity_nonpoly.comp_id 
2 'SULFATE ION' SO4 
3 water         HOH 
# 
_pdbx_initial_refinement_model.id               1 
_pdbx_initial_refinement_model.entity_id_list   ? 
_pdbx_initial_refinement_model.type             'experimental model' 
_pdbx_initial_refinement_model.source_name      PDB 
_pdbx_initial_refinement_model.accession_code   1LBM 
_pdbx_initial_refinement_model.details          'PDB ENTRY 1LBM' 
# 
